data_2LOR
#
_entry.id   2LOR
#
_entity_poly.entity_id   1
_entity_poly.type   'polypeptide(L)'
_entity_poly.pdbx_seq_one_letter_code
;MVNLGLSRVDDAVAAKHPGLGEYAACQSHAFMKGVFTFVTGTGMAFGLQMFIQRKFPYPLQWSLLVAVVAGSVVSYGVTR
VESEKCNNLWLFLETGQLPKDRSTDQRS
;
_entity_poly.pdbx_strand_id   A
#
# COMPACT_ATOMS: atom_id res chain seq x y z
N MET A 1 -13.26 6.04 -26.73
CA MET A 1 -12.76 5.39 -25.54
C MET A 1 -11.28 5.05 -25.67
N VAL A 2 -10.56 5.25 -24.58
CA VAL A 2 -9.13 4.98 -24.56
C VAL A 2 -8.89 3.61 -23.91
N ASN A 3 -8.19 2.76 -24.64
CA ASN A 3 -7.88 1.42 -24.15
C ASN A 3 -6.38 1.32 -23.88
N LEU A 4 -5.61 1.54 -24.93
CA LEU A 4 -4.16 1.47 -24.82
C LEU A 4 -3.53 2.21 -25.99
N GLY A 5 -2.94 3.37 -25.68
CA GLY A 5 -2.29 4.18 -26.69
C GLY A 5 -1.57 5.36 -26.06
N LEU A 6 -2.25 6.50 -26.05
CA LEU A 6 -1.69 7.72 -25.50
C LEU A 6 -1.56 7.55 -23.98
N SER A 7 -2.26 6.56 -23.46
CA SER A 7 -2.23 6.28 -22.03
C SER A 7 -0.83 5.83 -21.61
N ARG A 8 -0.32 4.86 -22.35
CA ARG A 8 1.01 4.32 -22.07
C ARG A 8 2.08 5.37 -22.42
N VAL A 9 1.77 6.17 -23.43
CA VAL A 9 2.69 7.19 -23.88
C VAL A 9 2.83 8.26 -22.79
N ASP A 10 1.68 8.67 -22.26
CA ASP A 10 1.66 9.67 -21.22
C ASP A 10 2.34 9.12 -19.97
N ASP A 11 2.08 7.85 -19.69
CA ASP A 11 2.65 7.20 -18.54
C ASP A 11 4.17 7.14 -18.69
N ALA A 12 4.60 6.75 -19.89
CA ALA A 12 6.02 6.65 -20.18
C ALA A 12 6.68 8.02 -19.95
N VAL A 13 5.98 9.05 -20.42
CA VAL A 13 6.49 10.40 -20.28
C VAL A 13 6.60 10.76 -18.81
N ALA A 14 5.58 10.37 -18.05
CA ALA A 14 5.56 10.63 -16.62
C ALA A 14 6.77 9.99 -15.97
N ALA A 15 7.07 8.77 -16.42
CA ALA A 15 8.21 8.04 -15.88
C ALA A 15 9.50 8.78 -16.24
N LYS A 16 9.41 9.59 -17.27
CA LYS A 16 10.56 10.36 -17.73
C LYS A 16 10.63 11.68 -16.97
N HIS A 17 9.44 12.21 -16.66
CA HIS A 17 9.35 13.46 -15.95
C HIS A 17 8.71 13.22 -14.57
N PRO A 18 9.59 12.94 -13.57
CA PRO A 18 9.11 12.68 -12.22
C PRO A 18 8.69 13.99 -11.53
N GLY A 19 7.39 14.13 -11.36
CA GLY A 19 6.84 15.31 -10.71
C GLY A 19 5.41 15.09 -10.27
N LEU A 20 4.54 14.89 -11.25
CA LEU A 20 3.13 14.65 -10.97
C LEU A 20 2.92 13.16 -10.68
N GLY A 21 3.34 12.33 -11.61
CA GLY A 21 3.21 10.89 -11.46
C GLY A 21 3.88 10.40 -10.18
N GLU A 22 5.03 11.00 -9.89
CA GLU A 22 5.77 10.63 -8.69
C GLU A 22 4.97 10.98 -7.44
N TYR A 23 4.42 12.18 -7.44
CA TYR A 23 3.63 12.64 -6.31
C TYR A 23 2.38 11.79 -6.13
N ALA A 24 1.77 11.44 -7.26
CA ALA A 24 0.57 10.62 -7.23
C ALA A 24 0.88 9.27 -6.60
N ALA A 25 1.93 8.64 -7.11
CA ALA A 25 2.35 7.34 -6.61
C ALA A 25 2.77 7.48 -5.15
N CYS A 26 3.42 8.60 -4.85
CA CYS A 26 3.86 8.87 -3.50
C CYS A 26 2.64 9.02 -2.60
N GLN A 27 1.54 9.47 -3.20
CA GLN A 27 0.31 9.66 -2.47
C GLN A 27 -0.31 8.30 -2.12
N SER A 28 -0.52 7.50 -3.16
CA SER A 28 -1.10 6.19 -2.98
C SER A 28 -0.16 5.30 -2.16
N HIS A 29 1.12 5.63 -2.22
CA HIS A 29 2.12 4.88 -1.49
C HIS A 29 2.00 5.18 0.00
N ALA A 30 1.92 6.46 0.32
CA ALA A 30 1.79 6.89 1.70
C ALA A 30 0.53 6.28 2.30
N PHE A 31 -0.58 6.47 1.61
CA PHE A 31 -1.85 5.94 2.06
C PHE A 31 -1.79 4.42 2.24
N MET A 32 -1.21 3.77 1.25
CA MET A 32 -1.08 2.33 1.28
C MET A 32 -0.16 1.89 2.43
N LYS A 33 0.80 2.74 2.73
CA LYS A 33 1.75 2.45 3.79
C LYS A 33 1.02 2.46 5.14
N GLY A 34 0.24 3.50 5.35
CA GLY A 34 -0.52 3.62 6.58
C GLY A 34 -1.53 2.47 6.74
N VAL A 35 -2.16 2.14 5.62
CA VAL A 35 -3.14 1.07 5.61
C VAL A 35 -2.44 -0.26 5.94
N PHE A 36 -1.22 -0.39 5.42
CA PHE A 36 -0.44 -1.60 5.65
C PHE A 36 -0.07 -1.73 7.13
N THR A 37 0.29 -0.60 7.72
CA THR A 37 0.69 -0.57 9.12
C THR A 37 -0.52 -0.85 10.01
N PHE A 38 -1.67 -0.36 9.58
CA PHE A 38 -2.90 -0.56 10.33
C PHE A 38 -3.38 -2.01 10.24
N VAL A 39 -3.50 -2.48 9.02
CA VAL A 39 -3.95 -3.85 8.78
C VAL A 39 -3.01 -4.81 9.53
N THR A 40 -1.72 -4.51 9.45
CA THR A 40 -0.73 -5.34 10.11
C THR A 40 -0.61 -4.96 11.58
N GLY A 41 -1.50 -4.09 12.01
CA GLY A 41 -1.51 -3.64 13.40
C GLY A 41 -2.15 -4.69 14.31
N THR A 42 -2.51 -5.81 13.70
CA THR A 42 -3.12 -6.90 14.45
C THR A 42 -2.41 -8.22 14.17
N GLY A 43 -1.08 -8.15 14.17
CA GLY A 43 -0.26 -9.33 13.91
C GLY A 43 -0.32 -10.29 15.09
N MET A 44 -0.65 -9.75 16.26
CA MET A 44 -0.73 -10.55 17.46
C MET A 44 -1.39 -11.92 17.17
N ALA A 45 -2.52 -11.85 16.49
CA ALA A 45 -3.25 -13.07 16.15
C ALA A 45 -2.30 -14.04 15.45
N PHE A 46 -1.60 -13.54 14.45
CA PHE A 46 -0.66 -14.36 13.70
C PHE A 46 0.48 -14.84 14.60
N GLY A 47 0.78 -14.05 15.61
CA GLY A 47 1.83 -14.38 16.55
C GLY A 47 1.47 -15.62 17.37
N LEU A 48 0.25 -15.63 17.86
CA LEU A 48 -0.24 -16.75 18.65
C LEU A 48 -0.32 -17.99 17.78
N GLN A 49 -0.95 -17.82 16.61
CA GLN A 49 -1.10 -18.92 15.68
C GLN A 49 0.26 -19.47 15.27
N MET A 50 1.22 -18.56 15.15
CA MET A 50 2.58 -18.95 14.77
C MET A 50 3.23 -19.77 15.87
N PHE A 51 3.11 -19.29 17.09
CA PHE A 51 3.69 -19.96 18.24
C PHE A 51 3.14 -21.40 18.36
N ILE A 52 1.84 -21.52 18.16
CA ILE A 52 1.19 -22.81 18.24
C ILE A 52 1.53 -23.63 16.99
N GLN A 53 1.73 -22.92 15.90
CA GLN A 53 2.05 -23.56 14.64
C GLN A 53 3.51 -24.05 14.66
N ARG A 54 4.29 -23.46 15.55
CA ARG A 54 5.69 -23.83 15.68
C ARG A 54 5.82 -25.19 16.37
N LYS A 55 4.67 -25.72 16.76
CA LYS A 55 4.64 -27.01 17.44
C LYS A 55 4.70 -28.13 16.39
N PHE A 56 4.86 -27.73 15.14
CA PHE A 56 4.93 -28.68 14.05
C PHE A 56 6.38 -28.98 13.67
N PRO A 57 6.61 -30.26 13.27
CA PRO A 57 7.95 -30.69 12.89
C PRO A 57 8.32 -30.15 11.51
N TYR A 58 7.39 -29.40 10.93
CA TYR A 58 7.61 -28.83 9.62
C TYR A 58 8.24 -27.44 9.73
N PRO A 59 8.90 -27.01 8.61
CA PRO A 59 9.55 -25.71 8.58
C PRO A 59 8.51 -24.58 8.44
N LEU A 60 7.72 -24.67 7.38
CA LEU A 60 6.70 -23.67 7.12
C LEU A 60 5.46 -23.99 7.96
N GLN A 61 4.85 -22.95 8.49
CA GLN A 61 3.66 -23.10 9.30
C GLN A 61 2.40 -23.09 8.43
N TRP A 62 1.43 -23.88 8.84
CA TRP A 62 0.17 -23.97 8.10
C TRP A 62 -0.37 -22.55 7.92
N SER A 63 -0.11 -21.73 8.92
CA SER A 63 -0.58 -20.34 8.88
C SER A 63 0.25 -19.55 7.86
N LEU A 64 1.54 -19.86 7.83
CA LEU A 64 2.44 -19.18 6.91
C LEU A 64 2.20 -19.69 5.49
N LEU A 65 1.88 -20.97 5.41
CA LEU A 65 1.62 -21.60 4.11
C LEU A 65 0.32 -21.05 3.55
N VAL A 66 -0.68 -20.96 4.42
CA VAL A 66 -1.99 -20.46 4.02
C VAL A 66 -1.90 -18.95 3.78
N ALA A 67 -1.04 -18.31 4.56
CA ALA A 67 -0.85 -16.87 4.44
C ALA A 67 -0.06 -16.57 3.17
N VAL A 68 0.79 -17.52 2.81
CA VAL A 68 1.61 -17.36 1.61
C VAL A 68 0.75 -17.62 0.37
N VAL A 69 0.09 -18.77 0.38
CA VAL A 69 -0.77 -19.15 -0.73
C VAL A 69 -1.91 -18.15 -0.86
N ALA A 70 -2.57 -17.91 0.27
CA ALA A 70 -3.69 -16.97 0.30
C ALA A 70 -3.17 -15.55 0.06
N GLY A 71 -1.95 -15.32 0.54
CA GLY A 71 -1.33 -14.02 0.39
C GLY A 71 -0.98 -13.74 -1.07
N SER A 72 -0.60 -14.80 -1.77
CA SER A 72 -0.24 -14.68 -3.17
C SER A 72 -1.50 -14.43 -4.01
N VAL A 73 -2.48 -15.30 -3.83
CA VAL A 73 -3.72 -15.20 -4.57
C VAL A 73 -4.38 -13.86 -4.23
N VAL A 74 -4.52 -13.61 -2.93
CA VAL A 74 -5.14 -12.38 -2.47
C VAL A 74 -4.33 -11.19 -2.97
N SER A 75 -3.02 -11.39 -3.03
CA SER A 75 -2.12 -10.35 -3.48
C SER A 75 -2.44 -9.98 -4.93
N TYR A 76 -2.68 -11.00 -5.74
CA TYR A 76 -3.00 -10.80 -7.14
C TYR A 76 -4.33 -10.05 -7.29
N GLY A 77 -5.35 -10.58 -6.62
CA GLY A 77 -6.67 -9.97 -6.68
C GLY A 77 -6.63 -8.52 -6.19
N VAL A 78 -6.01 -8.33 -5.04
CA VAL A 78 -5.90 -7.00 -4.45
C VAL A 78 -5.08 -6.11 -5.39
N THR A 79 -4.15 -6.74 -6.09
CA THR A 79 -3.31 -6.01 -7.03
C THR A 79 -4.10 -5.61 -8.27
N ARG A 80 -5.09 -6.43 -8.60
CA ARG A 80 -5.92 -6.17 -9.76
C ARG A 80 -6.86 -4.99 -9.47
N VAL A 81 -7.45 -5.03 -8.29
CA VAL A 81 -8.38 -3.98 -7.88
C VAL A 81 -7.58 -2.72 -7.51
N GLU A 82 -6.42 -2.95 -6.93
CA GLU A 82 -5.56 -1.84 -6.52
C GLU A 82 -4.91 -1.21 -7.74
N SER A 83 -4.67 -2.03 -8.75
CA SER A 83 -4.05 -1.56 -9.98
C SER A 83 -5.07 -0.78 -10.81
N GLU A 84 -6.28 -1.32 -10.86
CA GLU A 84 -7.34 -0.69 -11.62
C GLU A 84 -7.72 0.66 -10.98
N LYS A 85 -7.80 0.65 -9.66
CA LYS A 85 -8.14 1.86 -8.93
C LYS A 85 -6.95 2.81 -8.93
N CYS A 86 -5.79 2.26 -8.66
CA CYS A 86 -4.57 3.04 -8.63
C CYS A 86 -4.36 3.67 -10.01
N ASN A 87 -4.82 2.94 -11.02
CA ASN A 87 -4.69 3.41 -12.38
C ASN A 87 -5.65 4.58 -12.61
N ASN A 88 -6.90 4.36 -12.23
CA ASN A 88 -7.92 5.39 -12.37
C ASN A 88 -7.51 6.63 -11.58
N LEU A 89 -6.85 6.37 -10.44
CA LEU A 89 -6.41 7.46 -9.59
C LEU A 89 -5.21 8.16 -10.23
N TRP A 90 -4.40 7.37 -10.93
CA TRP A 90 -3.24 7.91 -11.60
C TRP A 90 -3.71 8.87 -12.69
N LEU A 91 -4.76 8.46 -13.38
CA LEU A 91 -5.33 9.27 -14.45
C LEU A 91 -5.96 10.53 -13.84
N PHE A 92 -6.70 10.32 -12.76
CA PHE A 92 -7.36 11.43 -12.08
C PHE A 92 -6.35 12.47 -11.60
N LEU A 93 -5.27 11.97 -11.02
CA LEU A 93 -4.22 12.84 -10.51
C LEU A 93 -3.50 13.49 -11.69
N GLU A 94 -3.41 12.74 -12.78
CA GLU A 94 -2.77 13.25 -13.98
C GLU A 94 -3.60 14.34 -14.63
N THR A 95 -4.87 14.37 -14.26
CA THR A 95 -5.79 15.35 -14.80
C THR A 95 -5.95 16.52 -13.83
N GLY A 96 -5.59 16.27 -12.58
CA GLY A 96 -5.68 17.29 -11.55
C GLY A 96 -7.04 17.22 -10.83
N GLN A 97 -7.67 16.06 -10.92
CA GLN A 97 -8.96 15.86 -10.30
C GLN A 97 -8.93 16.31 -8.84
N LEU A 98 -10.08 16.25 -8.20
CA LEU A 98 -10.19 16.65 -6.81
C LEU A 98 -9.25 15.78 -5.97
N PRO A 99 -8.75 16.39 -4.86
CA PRO A 99 -7.85 15.70 -3.96
C PRO A 99 -8.60 14.68 -3.10
N LYS A 100 -7.88 14.14 -2.12
CA LYS A 100 -8.47 13.16 -1.22
C LYS A 100 -7.56 12.98 0.00
N ASP A 101 -7.46 14.05 0.77
CA ASP A 101 -6.63 14.03 1.96
C ASP A 101 -6.94 12.76 2.77
N ARG A 102 -6.06 12.47 3.72
CA ARG A 102 -6.21 11.29 4.55
C ARG A 102 -5.24 11.36 5.74
N SER A 103 -5.64 10.70 6.82
CA SER A 103 -4.84 10.68 8.02
C SER A 103 -3.97 9.41 8.04
N THR A 104 -2.89 9.48 8.80
CA THR A 104 -1.98 8.36 8.91
C THR A 104 -1.23 8.41 10.24
N ASP A 105 -0.50 9.49 10.43
CA ASP A 105 0.28 9.68 11.65
C ASP A 105 1.58 8.87 11.55
N GLN A 106 1.41 7.56 11.51
CA GLN A 106 2.56 6.67 11.42
C GLN A 106 3.35 6.69 12.73
N ARG A 107 3.98 5.56 13.02
CA ARG A 107 4.77 5.43 14.23
C ARG A 107 5.77 4.27 14.09
N SER A 108 6.95 4.49 14.64
CA SER A 108 7.99 3.47 14.60
C SER A 108 8.91 3.61 15.81
N MET A 1 26.95 18.23 7.57
CA MET A 1 27.12 17.79 6.19
C MET A 1 25.96 16.90 5.75
N VAL A 2 25.12 17.46 4.89
CA VAL A 2 23.97 16.73 4.39
C VAL A 2 23.87 16.92 2.88
N ASN A 3 23.60 15.81 2.19
CA ASN A 3 23.49 15.84 0.75
C ASN A 3 24.83 16.26 0.14
N LEU A 4 25.28 15.47 -0.84
CA LEU A 4 26.54 15.75 -1.50
C LEU A 4 26.26 16.19 -2.94
N GLY A 5 25.77 15.25 -3.73
CA GLY A 5 25.47 15.52 -5.12
C GLY A 5 24.36 14.60 -5.63
N LEU A 6 23.24 14.60 -4.91
CA LEU A 6 22.11 13.78 -5.28
C LEU A 6 21.22 14.55 -6.25
N SER A 7 21.70 15.71 -6.66
CA SER A 7 20.96 16.55 -7.58
C SER A 7 20.87 15.88 -8.96
N ARG A 8 21.94 15.18 -9.31
CA ARG A 8 21.99 14.48 -10.58
C ARG A 8 20.95 13.37 -10.63
N VAL A 9 20.82 12.68 -9.50
CA VAL A 9 19.87 11.59 -9.40
C VAL A 9 18.45 12.17 -9.27
N ASP A 10 18.39 13.35 -8.69
CA ASP A 10 17.11 14.02 -8.50
C ASP A 10 16.59 14.50 -9.86
N ASP A 11 17.52 14.88 -10.71
CA ASP A 11 17.17 15.36 -12.04
C ASP A 11 16.88 14.17 -12.95
N ALA A 12 17.64 13.10 -12.74
CA ALA A 12 17.48 11.89 -13.52
C ALA A 12 16.12 11.26 -13.22
N VAL A 13 15.80 11.22 -11.93
CA VAL A 13 14.54 10.66 -11.50
C VAL A 13 13.41 11.62 -11.86
N ALA A 14 13.67 12.90 -11.66
CA ALA A 14 12.68 13.93 -11.96
C ALA A 14 12.35 13.88 -13.45
N ALA A 15 13.36 13.59 -14.25
CA ALA A 15 13.18 13.51 -15.69
C ALA A 15 12.45 12.21 -16.04
N LYS A 16 12.51 11.27 -15.12
CA LYS A 16 11.85 9.99 -15.32
C LYS A 16 10.37 10.11 -14.97
N HIS A 17 10.06 11.16 -14.22
CA HIS A 17 8.69 11.41 -13.81
C HIS A 17 8.12 12.59 -14.61
N PRO A 18 6.84 12.44 -15.01
CA PRO A 18 6.17 13.48 -15.78
C PRO A 18 5.78 14.65 -14.88
N GLY A 19 5.12 14.32 -13.77
CA GLY A 19 4.70 15.34 -12.83
C GLY A 19 3.64 14.78 -11.87
N LEU A 20 2.42 14.71 -12.36
CA LEU A 20 1.31 14.20 -11.57
C LEU A 20 1.61 12.76 -11.17
N GLY A 21 2.58 12.16 -11.85
CA GLY A 21 2.96 10.79 -11.58
C GLY A 21 3.64 10.68 -10.21
N GLU A 22 4.58 11.59 -9.98
CA GLU A 22 5.32 11.61 -8.73
C GLU A 22 4.36 11.86 -7.55
N TYR A 23 3.38 12.72 -7.80
CA TYR A 23 2.41 13.05 -6.78
C TYR A 23 1.45 11.88 -6.53
N ALA A 24 0.95 11.34 -7.63
CA ALA A 24 0.03 10.22 -7.54
C ALA A 24 0.70 9.06 -6.80
N ALA A 25 1.96 8.83 -7.15
CA ALA A 25 2.72 7.75 -6.53
C ALA A 25 2.93 8.08 -5.05
N CYS A 26 3.21 9.34 -4.79
CA CYS A 26 3.43 9.80 -3.43
C CYS A 26 2.14 9.59 -2.63
N GLN A 27 1.02 9.65 -3.35
CA GLN A 27 -0.28 9.47 -2.72
C GLN A 27 -0.50 8.00 -2.38
N SER A 28 -0.15 7.14 -3.33
CA SER A 28 -0.32 5.71 -3.16
C SER A 28 0.69 5.21 -2.11
N HIS A 29 1.80 5.91 -2.01
CA HIS A 29 2.83 5.55 -1.06
C HIS A 29 2.38 5.92 0.36
N ALA A 30 1.90 7.15 0.49
CA ALA A 30 1.43 7.63 1.78
C ALA A 30 0.32 6.71 2.29
N PHE A 31 -0.66 6.49 1.44
CA PHE A 31 -1.78 5.63 1.79
C PHE A 31 -1.31 4.20 2.05
N MET A 32 -0.46 3.71 1.16
CA MET A 32 0.06 2.36 1.27
C MET A 32 0.83 2.19 2.58
N LYS A 33 1.49 3.26 2.99
CA LYS A 33 2.27 3.24 4.22
C LYS A 33 1.32 3.16 5.42
N GLY A 34 0.31 4.02 5.38
CA GLY A 34 -0.68 4.07 6.44
C GLY A 34 -1.39 2.71 6.60
N VAL A 35 -1.91 2.23 5.50
CA VAL A 35 -2.61 0.95 5.49
C VAL A 35 -1.65 -0.16 5.92
N PHE A 36 -0.40 -0.01 5.49
CA PHE A 36 0.62 -0.98 5.82
C PHE A 36 0.79 -1.11 7.34
N THR A 37 0.90 0.05 7.98
CA THR A 37 1.07 0.08 9.42
C THR A 37 -0.19 -0.43 10.12
N PHE A 38 -1.33 -0.12 9.53
CA PHE A 38 -2.60 -0.54 10.08
C PHE A 38 -2.76 -2.06 10.00
N VAL A 39 -2.33 -2.61 8.88
CA VAL A 39 -2.41 -4.04 8.66
C VAL A 39 -1.34 -4.74 9.51
N THR A 40 -0.25 -4.03 9.72
CA THR A 40 0.85 -4.56 10.51
C THR A 40 0.42 -4.78 11.97
N GLY A 41 -0.75 -4.24 12.27
CA GLY A 41 -1.30 -4.37 13.62
C GLY A 41 -2.02 -5.71 13.80
N THR A 42 -1.85 -6.57 12.81
CA THR A 42 -2.47 -7.88 12.85
C THR A 42 -1.50 -8.92 13.41
N GLY A 43 -0.50 -8.42 14.12
CA GLY A 43 0.50 -9.29 14.72
C GLY A 43 -0.15 -10.39 15.55
N MET A 44 -1.30 -10.05 16.11
CA MET A 44 -2.04 -10.99 16.94
C MET A 44 -2.24 -12.33 16.21
N ALA A 45 -2.62 -12.22 14.95
CA ALA A 45 -2.83 -13.41 14.14
C ALA A 45 -1.59 -14.29 14.19
N PHE A 46 -0.45 -13.67 13.94
CA PHE A 46 0.81 -14.39 13.96
C PHE A 46 1.07 -15.02 15.33
N GLY A 47 0.72 -14.29 16.36
CA GLY A 47 0.90 -14.76 17.72
C GLY A 47 0.16 -16.08 17.94
N LEU A 48 -1.11 -16.09 17.57
CA LEU A 48 -1.94 -17.27 17.72
C LEU A 48 -1.32 -18.42 16.92
N GLN A 49 -0.98 -18.13 15.67
CA GLN A 49 -0.39 -19.12 14.80
C GLN A 49 0.92 -19.65 15.41
N MET A 50 1.61 -18.76 16.11
CA MET A 50 2.86 -19.13 16.74
C MET A 50 2.63 -20.09 17.91
N PHE A 51 1.57 -19.80 18.66
CA PHE A 51 1.22 -20.63 19.81
C PHE A 51 0.85 -22.04 19.37
N ILE A 52 0.01 -22.11 18.36
CA ILE A 52 -0.44 -23.39 17.83
C ILE A 52 0.73 -24.07 17.10
N GLN A 53 1.48 -23.26 16.38
CA GLN A 53 2.62 -23.76 15.63
C GLN A 53 3.66 -24.35 16.58
N ARG A 54 3.73 -23.76 17.76
CA ARG A 54 4.68 -24.23 18.76
C ARG A 54 4.33 -25.66 19.20
N LYS A 55 3.16 -26.10 18.79
CA LYS A 55 2.71 -27.44 19.12
C LYS A 55 3.12 -28.41 18.01
N PHE A 56 3.55 -27.84 16.90
CA PHE A 56 3.98 -28.63 15.76
C PHE A 56 5.50 -28.74 15.71
N PRO A 57 5.98 -29.92 15.24
CA PRO A 57 7.41 -30.17 15.13
C PRO A 57 8.01 -29.42 13.95
N TYR A 58 7.15 -28.73 13.22
CA TYR A 58 7.57 -27.97 12.07
C TYR A 58 7.84 -26.51 12.43
N PRO A 59 8.69 -25.86 11.60
CA PRO A 59 9.04 -24.47 11.82
C PRO A 59 7.89 -23.54 11.42
N LEU A 60 7.25 -23.88 10.31
CA LEU A 60 6.14 -23.10 9.82
C LEU A 60 4.84 -23.89 9.98
N GLN A 61 3.78 -23.17 10.32
CA GLN A 61 2.49 -23.79 10.50
C GLN A 61 1.73 -23.87 9.18
N TRP A 62 0.73 -24.73 9.16
CA TRP A 62 -0.07 -24.93 7.96
C TRP A 62 -0.87 -23.65 7.73
N SER A 63 -1.29 -23.03 8.83
CA SER A 63 -2.05 -21.80 8.77
C SER A 63 -1.17 -20.66 8.26
N LEU A 64 0.01 -20.55 8.85
CA LEU A 64 0.94 -19.51 8.48
C LEU A 64 1.47 -19.79 7.06
N LEU A 65 1.75 -21.06 6.81
CA LEU A 65 2.26 -21.48 5.52
C LEU A 65 1.18 -21.23 4.45
N VAL A 66 -0.06 -21.47 4.84
CA VAL A 66 -1.18 -21.28 3.93
C VAL A 66 -1.41 -19.78 3.72
N ALA A 67 -1.15 -19.01 4.77
CA ALA A 67 -1.31 -17.57 4.71
C ALA A 67 -0.19 -16.97 3.86
N VAL A 68 0.96 -17.64 3.90
CA VAL A 68 2.11 -17.17 3.14
C VAL A 68 1.92 -17.53 1.67
N VAL A 69 1.65 -18.80 1.42
CA VAL A 69 1.44 -19.28 0.06
C VAL A 69 0.22 -18.58 -0.54
N ALA A 70 -0.87 -18.61 0.21
CA ALA A 70 -2.10 -17.98 -0.23
C ALA A 70 -1.91 -16.47 -0.30
N GLY A 71 -1.09 -15.97 0.62
CA GLY A 71 -0.81 -14.54 0.69
C GLY A 71 0.02 -14.09 -0.52
N SER A 72 0.86 -15.00 -0.99
CA SER A 72 1.72 -14.72 -2.13
C SER A 72 0.89 -14.71 -3.41
N VAL A 73 0.16 -15.78 -3.61
CA VAL A 73 -0.69 -15.92 -4.79
C VAL A 73 -1.74 -14.81 -4.79
N VAL A 74 -2.33 -14.61 -3.61
CA VAL A 74 -3.35 -13.58 -3.45
C VAL A 74 -2.71 -12.21 -3.59
N SER A 75 -1.45 -12.12 -3.18
CA SER A 75 -0.72 -10.87 -3.25
C SER A 75 -0.49 -10.49 -4.71
N TYR A 76 -0.08 -11.46 -5.49
CA TYR A 76 0.18 -11.24 -6.91
C TYR A 76 -1.11 -10.86 -7.65
N GLY A 77 -2.13 -11.67 -7.45
CA GLY A 77 -3.40 -11.43 -8.09
C GLY A 77 -4.00 -10.10 -7.64
N VAL A 78 -4.01 -9.90 -6.34
CA VAL A 78 -4.55 -8.67 -5.77
C VAL A 78 -3.68 -7.49 -6.22
N THR A 79 -2.41 -7.77 -6.45
CA THR A 79 -1.48 -6.75 -6.89
C THR A 79 -1.71 -6.41 -8.36
N ARG A 80 -2.17 -7.41 -9.10
CA ARG A 80 -2.44 -7.22 -10.52
C ARG A 80 -3.71 -6.39 -10.72
N VAL A 81 -4.72 -6.73 -9.93
CA VAL A 81 -6.00 -6.04 -10.01
C VAL A 81 -5.87 -4.68 -9.30
N GLU A 82 -5.07 -4.67 -8.25
CA GLU A 82 -4.86 -3.46 -7.48
C GLU A 82 -3.97 -2.48 -8.25
N SER A 83 -3.00 -3.05 -8.97
CA SER A 83 -2.09 -2.25 -9.76
C SER A 83 -2.80 -1.67 -10.97
N GLU A 84 -3.57 -2.52 -11.64
CA GLU A 84 -4.31 -2.11 -12.81
C GLU A 84 -5.36 -1.05 -12.43
N LYS A 85 -6.02 -1.29 -11.31
CA LYS A 85 -7.03 -0.37 -10.83
C LYS A 85 -6.36 0.87 -10.26
N CYS A 86 -5.14 0.68 -9.78
CA CYS A 86 -4.38 1.78 -9.20
C CYS A 86 -3.93 2.70 -10.34
N ASN A 87 -3.56 2.08 -11.45
CA ASN A 87 -3.11 2.83 -12.63
C ASN A 87 -4.30 3.58 -13.21
N ASN A 88 -5.39 2.86 -13.40
CA ASN A 88 -6.60 3.45 -13.96
C ASN A 88 -7.10 4.55 -13.04
N LEU A 89 -7.03 4.27 -11.74
CA LEU A 89 -7.48 5.23 -10.74
C LEU A 89 -6.61 6.49 -10.83
N TRP A 90 -5.31 6.27 -10.90
CA TRP A 90 -4.37 7.38 -10.99
C TRP A 90 -4.66 8.13 -12.29
N LEU A 91 -4.97 7.37 -13.32
CA LEU A 91 -5.28 7.95 -14.62
C LEU A 91 -6.48 8.86 -14.50
N PHE A 92 -7.46 8.43 -13.71
CA PHE A 92 -8.66 9.20 -13.51
C PHE A 92 -8.41 10.39 -12.58
N LEU A 93 -7.52 10.17 -11.62
CA LEU A 93 -7.17 11.21 -10.67
C LEU A 93 -6.58 12.40 -11.41
N GLU A 94 -5.67 12.10 -12.33
CA GLU A 94 -5.02 13.13 -13.11
C GLU A 94 -6.00 13.70 -14.14
N THR A 95 -7.08 12.97 -14.34
CA THR A 95 -8.10 13.40 -15.30
C THR A 95 -9.14 14.29 -14.61
N GLY A 96 -9.05 14.33 -13.30
CA GLY A 96 -9.97 15.15 -12.52
C GLY A 96 -11.24 14.36 -12.17
N GLN A 97 -11.15 13.05 -12.34
CA GLN A 97 -12.27 12.18 -12.05
C GLN A 97 -12.66 12.27 -10.58
N LEU A 98 -13.91 11.96 -10.30
CA LEU A 98 -14.41 12.00 -8.93
C LEU A 98 -13.55 11.10 -8.05
N PRO A 99 -13.43 11.50 -6.76
CA PRO A 99 -12.64 10.73 -5.81
C PRO A 99 -13.37 9.45 -5.39
N LYS A 100 -14.65 9.61 -5.08
CA LYS A 100 -15.46 8.48 -4.66
C LYS A 100 -15.00 8.00 -3.29
N ASP A 101 -15.78 8.36 -2.28
CA ASP A 101 -15.46 7.97 -0.92
C ASP A 101 -14.20 8.71 -0.46
N ARG A 102 -14.13 8.95 0.83
CA ARG A 102 -12.99 9.64 1.41
C ARG A 102 -13.12 9.72 2.92
N SER A 103 -11.98 9.62 3.60
CA SER A 103 -11.95 9.68 5.05
C SER A 103 -12.23 11.10 5.51
N THR A 104 -13.31 11.24 6.27
CA THR A 104 -13.70 12.54 6.80
C THR A 104 -13.33 12.65 8.27
N ASP A 105 -13.34 11.51 8.94
CA ASP A 105 -13.00 11.47 10.36
C ASP A 105 -11.49 11.49 10.52
N GLN A 106 -11.02 12.44 11.32
CA GLN A 106 -9.59 12.58 11.56
C GLN A 106 -9.28 12.26 13.02
N ARG A 107 -8.03 11.88 13.24
CA ARG A 107 -7.58 11.54 14.59
C ARG A 107 -6.72 12.67 15.17
N SER A 108 -7.31 13.41 16.09
CA SER A 108 -6.62 14.51 16.73
C SER A 108 -6.27 15.58 15.68
N MET A 1 15.72 19.02 15.91
CA MET A 1 15.45 20.39 15.50
C MET A 1 13.94 20.67 15.54
N VAL A 2 13.61 21.94 15.78
CA VAL A 2 12.22 22.35 15.85
C VAL A 2 11.88 23.17 14.60
N ASN A 3 10.67 22.95 14.10
CA ASN A 3 10.21 23.66 12.91
C ASN A 3 8.70 23.86 13.01
N LEU A 4 8.26 25.04 12.56
CA LEU A 4 6.85 25.37 12.59
C LEU A 4 6.06 24.26 11.88
N GLY A 5 6.36 24.09 10.61
CA GLY A 5 5.69 23.08 9.81
C GLY A 5 5.76 23.42 8.32
N LEU A 6 6.77 22.86 7.65
CA LEU A 6 6.95 23.09 6.24
C LEU A 6 6.15 22.07 5.44
N SER A 7 5.36 21.28 6.16
CA SER A 7 4.55 20.26 5.54
C SER A 7 3.42 20.91 4.75
N ARG A 8 2.72 21.84 5.40
CA ARG A 8 1.61 22.54 4.76
C ARG A 8 2.13 23.38 3.60
N VAL A 9 3.27 24.03 3.82
CA VAL A 9 3.87 24.87 2.81
C VAL A 9 4.28 24.01 1.61
N ASP A 10 4.88 22.87 1.92
CA ASP A 10 5.32 21.96 0.88
C ASP A 10 4.11 21.41 0.14
N ASP A 11 3.05 21.17 0.90
CA ASP A 11 1.81 20.65 0.32
C ASP A 11 1.24 21.68 -0.66
N ALA A 12 1.13 22.90 -0.19
CA ALA A 12 0.60 23.98 -1.00
C ALA A 12 1.38 24.04 -2.32
N VAL A 13 2.70 24.08 -2.19
CA VAL A 13 3.56 24.13 -3.35
C VAL A 13 3.30 22.93 -4.25
N ALA A 14 3.12 21.78 -3.60
CA ALA A 14 2.85 20.55 -4.32
C ALA A 14 1.56 20.70 -5.12
N ALA A 15 0.58 21.35 -4.49
CA ALA A 15 -0.71 21.56 -5.13
C ALA A 15 -0.53 22.52 -6.30
N LYS A 16 0.53 23.30 -6.24
CA LYS A 16 0.83 24.27 -7.29
C LYS A 16 1.67 23.59 -8.37
N HIS A 17 2.21 22.43 -8.01
CA HIS A 17 3.05 21.68 -8.93
C HIS A 17 2.48 20.28 -9.13
N PRO A 18 1.61 20.15 -10.17
CA PRO A 18 0.98 18.87 -10.46
C PRO A 18 1.97 17.92 -11.13
N GLY A 19 1.82 16.64 -10.82
CA GLY A 19 2.69 15.62 -11.38
C GLY A 19 2.11 14.22 -11.17
N LEU A 20 1.76 13.58 -12.27
CA LEU A 20 1.20 12.25 -12.22
C LEU A 20 2.13 11.34 -11.42
N GLY A 21 3.39 11.35 -11.83
CA GLY A 21 4.40 10.52 -11.17
C GLY A 21 4.57 10.94 -9.71
N GLU A 22 4.64 12.24 -9.51
CA GLU A 22 4.81 12.79 -8.16
C GLU A 22 3.62 12.40 -7.29
N TYR A 23 2.43 12.63 -7.82
CA TYR A 23 1.20 12.32 -7.10
C TYR A 23 1.12 10.82 -6.81
N ALA A 24 1.55 10.03 -7.78
CA ALA A 24 1.53 8.59 -7.62
C ALA A 24 2.44 8.17 -6.47
N ALA A 25 3.61 8.80 -6.43
CA ALA A 25 4.57 8.52 -5.38
C ALA A 25 3.96 8.83 -4.02
N CYS A 26 3.36 10.02 -3.93
CA CYS A 26 2.73 10.43 -2.69
C CYS A 26 1.57 9.50 -2.39
N GLN A 27 1.00 8.95 -3.47
CA GLN A 27 -0.11 8.02 -3.33
C GLN A 27 0.37 6.68 -2.77
N SER A 28 1.54 6.27 -3.24
CA SER A 28 2.12 5.02 -2.80
C SER A 28 2.52 5.11 -1.33
N HIS A 29 3.06 6.27 -0.97
CA HIS A 29 3.50 6.50 0.40
C HIS A 29 2.28 6.51 1.32
N ALA A 30 1.28 7.27 0.92
CA ALA A 30 0.06 7.38 1.71
C ALA A 30 -0.62 6.02 1.76
N PHE A 31 -0.60 5.33 0.63
CA PHE A 31 -1.22 4.01 0.54
C PHE A 31 -0.46 2.99 1.40
N MET A 32 0.86 3.18 1.46
CA MET A 32 1.69 2.29 2.24
C MET A 32 1.46 2.47 3.73
N LYS A 33 1.28 3.73 4.11
CA LYS A 33 1.05 4.06 5.51
C LYS A 33 -0.34 3.56 5.92
N GLY A 34 -1.31 3.85 5.07
CA GLY A 34 -2.68 3.44 5.33
C GLY A 34 -2.80 1.92 5.37
N VAL A 35 -2.26 1.28 4.33
CA VAL A 35 -2.30 -0.16 4.23
C VAL A 35 -1.45 -0.77 5.36
N PHE A 36 -0.43 -0.02 5.75
CA PHE A 36 0.46 -0.46 6.80
C PHE A 36 -0.27 -0.54 8.15
N THR A 37 -1.00 0.53 8.44
CA THR A 37 -1.75 0.60 9.68
C THR A 37 -2.91 -0.39 9.66
N PHE A 38 -3.47 -0.59 8.48
CA PHE A 38 -4.58 -1.51 8.31
C PHE A 38 -4.11 -2.95 8.44
N VAL A 39 -2.98 -3.24 7.82
CA VAL A 39 -2.41 -4.58 7.86
C VAL A 39 -1.88 -4.87 9.26
N THR A 40 -1.45 -3.80 9.92
CA THR A 40 -0.91 -3.92 11.27
C THR A 40 -1.87 -4.73 12.16
N GLY A 41 -2.68 -4.00 12.91
CA GLY A 41 -3.64 -4.64 13.80
C GLY A 41 -2.93 -5.52 14.83
N THR A 42 -1.62 -5.34 14.92
CA THR A 42 -0.82 -6.11 15.85
C THR A 42 -0.75 -7.58 15.41
N GLY A 43 0.25 -7.86 14.58
CA GLY A 43 0.44 -9.21 14.09
C GLY A 43 0.71 -10.19 15.24
N MET A 44 1.13 -9.63 16.37
CA MET A 44 1.43 -10.43 17.53
C MET A 44 0.44 -11.59 17.66
N ALA A 45 -0.84 -11.26 17.54
CA ALA A 45 -1.88 -12.26 17.64
C ALA A 45 -1.63 -13.36 16.60
N PHE A 46 -1.44 -12.93 15.37
CA PHE A 46 -1.20 -13.85 14.27
C PHE A 46 0.08 -14.66 14.52
N GLY A 47 1.02 -14.04 15.21
CA GLY A 47 2.28 -14.68 15.52
C GLY A 47 2.07 -15.89 16.43
N LEU A 48 1.40 -15.64 17.54
CA LEU A 48 1.12 -16.70 18.50
C LEU A 48 0.33 -17.81 17.81
N GLN A 49 -0.70 -17.39 17.09
CA GLN A 49 -1.55 -18.34 16.39
C GLN A 49 -0.71 -19.19 15.44
N MET A 50 0.23 -18.54 14.77
CA MET A 50 1.10 -19.22 13.84
C MET A 50 2.06 -20.17 14.57
N PHE A 51 2.46 -19.74 15.76
CA PHE A 51 3.37 -20.54 16.56
C PHE A 51 2.71 -21.86 17.00
N ILE A 52 1.44 -21.75 17.36
CA ILE A 52 0.70 -22.92 17.79
C ILE A 52 0.35 -23.78 16.57
N GLN A 53 0.11 -23.11 15.47
CA GLN A 53 -0.24 -23.80 14.23
C GLN A 53 1.02 -24.38 13.59
N ARG A 54 2.16 -23.87 14.02
CA ARG A 54 3.44 -24.33 13.50
C ARG A 54 3.77 -25.72 14.06
N LYS A 55 2.89 -26.20 14.93
CA LYS A 55 3.07 -27.51 15.53
C LYS A 55 2.57 -28.59 14.58
N PHE A 56 2.18 -28.15 13.39
CA PHE A 56 1.68 -29.07 12.38
C PHE A 56 2.83 -29.62 11.53
N PRO A 57 2.66 -30.90 11.12
CA PRO A 57 3.67 -31.56 10.31
C PRO A 57 3.63 -31.06 8.86
N TYR A 58 2.71 -30.13 8.62
CA TYR A 58 2.55 -29.57 7.29
C TYR A 58 3.39 -28.29 7.14
N PRO A 59 3.64 -27.92 5.85
CA PRO A 59 4.42 -26.73 5.55
C PRO A 59 3.60 -25.46 5.80
N LEU A 60 2.51 -25.34 5.07
CA LEU A 60 1.63 -24.18 5.21
C LEU A 60 0.69 -24.40 6.39
N GLN A 61 0.46 -23.32 7.12
CA GLN A 61 -0.42 -23.38 8.29
C GLN A 61 -1.86 -23.06 7.87
N TRP A 62 -2.79 -23.57 8.66
CA TRP A 62 -4.21 -23.35 8.39
C TRP A 62 -4.48 -21.85 8.51
N SER A 63 -3.86 -21.24 9.52
CA SER A 63 -4.04 -19.82 9.76
C SER A 63 -3.46 -19.02 8.59
N LEU A 64 -2.25 -19.41 8.19
CA LEU A 64 -1.58 -18.74 7.10
C LEU A 64 -2.33 -19.03 5.79
N LEU A 65 -2.79 -20.26 5.68
CA LEU A 65 -3.52 -20.69 4.49
C LEU A 65 -4.83 -19.90 4.39
N VAL A 66 -5.43 -19.68 5.56
CA VAL A 66 -6.69 -18.95 5.62
C VAL A 66 -6.43 -17.47 5.34
N ALA A 67 -5.27 -17.01 5.79
CA ALA A 67 -4.89 -15.63 5.59
C ALA A 67 -4.50 -15.40 4.12
N VAL A 68 -4.01 -16.47 3.51
CA VAL A 68 -3.61 -16.41 2.12
C VAL A 68 -4.85 -16.46 1.23
N VAL A 69 -5.67 -17.47 1.48
CA VAL A 69 -6.89 -17.64 0.71
C VAL A 69 -7.82 -16.45 0.96
N ALA A 70 -8.03 -16.17 2.24
CA ALA A 70 -8.89 -15.06 2.62
C ALA A 70 -8.24 -13.75 2.20
N GLY A 71 -6.91 -13.73 2.25
CA GLY A 71 -6.17 -12.55 1.87
C GLY A 71 -6.28 -12.29 0.36
N SER A 72 -6.33 -13.37 -0.39
CA SER A 72 -6.43 -13.28 -1.83
C SER A 72 -7.81 -12.76 -2.23
N VAL A 73 -8.82 -13.44 -1.71
CA VAL A 73 -10.20 -13.06 -2.01
C VAL A 73 -10.47 -11.65 -1.48
N VAL A 74 -10.12 -11.45 -0.22
CA VAL A 74 -10.31 -10.15 0.40
C VAL A 74 -9.49 -9.10 -0.34
N SER A 75 -8.36 -9.55 -0.88
CA SER A 75 -7.49 -8.66 -1.62
C SER A 75 -8.17 -8.22 -2.92
N TYR A 76 -8.84 -9.16 -3.55
CA TYR A 76 -9.55 -8.88 -4.80
C TYR A 76 -10.68 -7.87 -4.57
N GLY A 77 -11.51 -8.19 -3.58
CA GLY A 77 -12.63 -7.33 -3.25
C GLY A 77 -12.16 -5.96 -2.77
N VAL A 78 -11.23 -5.99 -1.83
CA VAL A 78 -10.68 -4.77 -1.28
C VAL A 78 -10.00 -3.97 -2.39
N THR A 79 -9.37 -4.70 -3.30
CA THR A 79 -8.68 -4.07 -4.42
C THR A 79 -9.69 -3.48 -5.41
N ARG A 80 -10.85 -4.12 -5.47
CA ARG A 80 -11.90 -3.67 -6.36
C ARG A 80 -12.49 -2.35 -5.87
N VAL A 81 -12.73 -2.29 -4.58
CA VAL A 81 -13.28 -1.10 -3.96
C VAL A 81 -12.22 -0.01 -3.90
N GLU A 82 -11.02 -0.43 -3.52
CA GLU A 82 -9.90 0.49 -3.41
C GLU A 82 -9.51 1.02 -4.79
N SER A 83 -9.71 0.17 -5.79
CA SER A 83 -9.39 0.54 -7.16
C SER A 83 -10.39 1.57 -7.67
N GLU A 84 -11.66 1.24 -7.54
CA GLU A 84 -12.72 2.13 -7.98
C GLU A 84 -12.57 3.50 -7.31
N LYS A 85 -12.30 3.47 -6.02
CA LYS A 85 -12.12 4.70 -5.26
C LYS A 85 -10.79 5.35 -5.64
N CYS A 86 -9.83 4.50 -5.97
CA CYS A 86 -8.52 4.98 -6.37
C CYS A 86 -8.66 5.78 -7.66
N ASN A 87 -9.48 5.26 -8.55
CA ASN A 87 -9.71 5.91 -9.83
C ASN A 87 -10.48 7.21 -9.61
N ASN A 88 -11.51 7.12 -8.79
CA ASN A 88 -12.33 8.28 -8.48
C ASN A 88 -11.45 9.36 -7.83
N LEU A 89 -10.56 8.92 -6.97
CA LEU A 89 -9.66 9.84 -6.29
C LEU A 89 -8.70 10.45 -7.31
N TRP A 90 -8.30 9.63 -8.27
CA TRP A 90 -7.38 10.08 -9.30
C TRP A 90 -8.12 11.10 -10.18
N LEU A 91 -9.41 10.85 -10.37
CA LEU A 91 -10.24 11.73 -11.18
C LEU A 91 -10.37 13.08 -10.47
N PHE A 92 -10.59 13.01 -9.16
CA PHE A 92 -10.73 14.22 -8.38
C PHE A 92 -9.42 15.01 -8.32
N LEU A 93 -8.35 14.29 -8.02
CA LEU A 93 -7.03 14.90 -7.94
C LEU A 93 -6.73 15.61 -9.26
N GLU A 94 -7.06 14.92 -10.36
CA GLU A 94 -6.81 15.47 -11.68
C GLU A 94 -7.49 16.83 -11.82
N THR A 95 -8.53 17.03 -11.01
CA THR A 95 -9.27 18.28 -11.04
C THR A 95 -8.81 19.20 -9.91
N GLY A 96 -8.13 18.60 -8.94
CA GLY A 96 -7.63 19.35 -7.80
C GLY A 96 -8.62 19.28 -6.63
N GLN A 97 -9.50 18.30 -6.70
CA GLN A 97 -10.50 18.11 -5.65
C GLN A 97 -9.93 17.25 -4.53
N LEU A 98 -9.32 17.92 -3.56
CA LEU A 98 -8.74 17.22 -2.42
C LEU A 98 -9.86 16.58 -1.60
N PRO A 99 -9.50 15.44 -0.96
CA PRO A 99 -10.46 14.71 -0.13
C PRO A 99 -10.69 15.43 1.19
N LYS A 100 -11.59 14.86 1.99
CA LYS A 100 -11.90 15.44 3.28
C LYS A 100 -10.62 15.62 4.09
N ASP A 101 -10.00 14.50 4.44
CA ASP A 101 -8.76 14.53 5.20
C ASP A 101 -7.88 13.35 4.77
N ARG A 102 -6.72 13.69 4.22
CA ARG A 102 -5.78 12.68 3.76
C ARG A 102 -4.51 13.34 3.21
N SER A 103 -3.43 13.20 3.96
CA SER A 103 -2.16 13.77 3.55
C SER A 103 -1.14 13.64 4.69
N THR A 104 -1.42 14.36 5.78
CA THR A 104 -0.55 14.32 6.93
C THR A 104 -0.01 12.91 7.17
N ASP A 105 1.30 12.78 7.05
CA ASP A 105 1.95 11.48 7.23
C ASP A 105 3.47 11.68 7.23
N GLN A 106 4.16 10.66 7.73
CA GLN A 106 5.61 10.70 7.78
C GLN A 106 6.17 9.33 8.15
N ARG A 107 7.04 8.83 7.29
CA ARG A 107 7.65 7.53 7.51
C ARG A 107 9.13 7.58 7.15
N SER A 108 9.96 7.66 8.18
CA SER A 108 11.39 7.70 8.00
C SER A 108 12.00 6.32 8.23
N MET A 1 -15.76 29.65 13.74
CA MET A 1 -15.33 28.33 13.31
C MET A 1 -14.73 28.37 11.91
N VAL A 2 -13.70 27.55 11.73
CA VAL A 2 -13.02 27.49 10.44
C VAL A 2 -12.96 26.03 9.97
N ASN A 3 -13.18 25.85 8.67
CA ASN A 3 -13.16 24.52 8.09
C ASN A 3 -11.76 24.24 7.55
N LEU A 4 -11.05 23.39 8.28
CA LEU A 4 -9.69 23.03 7.89
C LEU A 4 -8.79 24.26 7.95
N GLY A 5 -8.92 25.10 6.94
CA GLY A 5 -8.13 26.31 6.87
C GLY A 5 -6.99 26.17 5.85
N LEU A 6 -5.78 26.14 6.39
CA LEU A 6 -4.60 26.01 5.54
C LEU A 6 -4.69 24.71 4.74
N SER A 7 -5.27 23.70 5.37
CA SER A 7 -5.43 22.41 4.73
C SER A 7 -6.38 22.53 3.54
N ARG A 8 -7.49 23.22 3.78
CA ARG A 8 -8.48 23.42 2.74
C ARG A 8 -7.89 24.22 1.58
N VAL A 9 -7.18 25.28 1.93
CA VAL A 9 -6.57 26.13 0.93
C VAL A 9 -5.55 25.31 0.14
N ASP A 10 -4.81 24.48 0.86
CA ASP A 10 -3.80 23.64 0.23
C ASP A 10 -4.49 22.65 -0.71
N ASP A 11 -5.63 22.15 -0.26
CA ASP A 11 -6.39 21.19 -1.06
C ASP A 11 -6.86 21.87 -2.34
N ALA A 12 -7.50 23.00 -2.17
CA ALA A 12 -8.01 23.75 -3.32
C ALA A 12 -6.88 23.94 -4.33
N VAL A 13 -5.77 24.48 -3.84
CA VAL A 13 -4.62 24.72 -4.69
C VAL A 13 -4.21 23.41 -5.37
N ALA A 14 -4.25 22.34 -4.59
CA ALA A 14 -3.89 21.03 -5.11
C ALA A 14 -4.83 20.66 -6.26
N ALA A 15 -6.10 20.98 -6.06
CA ALA A 15 -7.10 20.68 -7.07
C ALA A 15 -6.87 21.57 -8.29
N LYS A 16 -6.16 22.66 -8.06
CA LYS A 16 -5.86 23.59 -9.13
C LYS A 16 -4.58 23.15 -9.84
N HIS A 17 -3.87 22.22 -9.20
CA HIS A 17 -2.63 21.72 -9.76
C HIS A 17 -2.70 20.20 -9.86
N PRO A 18 -3.14 19.72 -11.05
CA PRO A 18 -3.27 18.29 -11.29
C PRO A 18 -1.89 17.65 -11.50
N GLY A 19 -1.78 16.41 -11.06
CA GLY A 19 -0.53 15.68 -11.21
C GLY A 19 -0.69 14.23 -10.75
N LEU A 20 -1.32 13.43 -11.60
CA LEU A 20 -1.54 12.03 -11.29
C LEU A 20 -0.21 11.38 -10.92
N GLY A 21 0.86 11.90 -11.50
CA GLY A 21 2.18 11.37 -11.23
C GLY A 21 2.62 11.70 -9.80
N GLU A 22 2.57 12.97 -9.46
CA GLU A 22 2.95 13.42 -8.14
C GLU A 22 2.00 12.85 -7.10
N TYR A 23 0.72 12.88 -7.43
CA TYR A 23 -0.31 12.38 -6.53
C TYR A 23 -0.16 10.85 -6.34
N ALA A 24 0.22 10.19 -7.42
CA ALA A 24 0.39 8.75 -7.38
C ALA A 24 1.62 8.40 -6.54
N ALA A 25 2.62 9.26 -6.63
CA ALA A 25 3.84 9.07 -5.88
C ALA A 25 3.57 9.30 -4.39
N CYS A 26 2.92 10.43 -4.11
CA CYS A 26 2.60 10.78 -2.74
C CYS A 26 1.60 9.75 -2.21
N GLN A 27 0.81 9.21 -3.12
CA GLN A 27 -0.19 8.21 -2.76
C GLN A 27 0.47 6.85 -2.52
N SER A 28 1.55 6.61 -3.26
CA SER A 28 2.28 5.38 -3.14
C SER A 28 3.00 5.32 -1.78
N HIS A 29 3.62 6.42 -1.43
CA HIS A 29 4.34 6.51 -0.17
C HIS A 29 3.34 6.48 0.99
N ALA A 30 2.32 7.31 0.88
CA ALA A 30 1.29 7.39 1.90
C ALA A 30 0.59 6.04 2.02
N PHE A 31 0.45 5.38 0.88
CA PHE A 31 -0.19 4.08 0.84
C PHE A 31 0.72 3.00 1.44
N MET A 32 2.01 3.15 1.19
CA MET A 32 2.98 2.20 1.69
C MET A 32 3.01 2.18 3.22
N LYS A 33 3.16 3.37 3.79
CA LYS A 33 3.20 3.51 5.23
C LYS A 33 1.84 3.11 5.81
N GLY A 34 0.79 3.60 5.18
CA GLY A 34 -0.56 3.30 5.62
C GLY A 34 -0.78 1.79 5.70
N VAL A 35 -0.47 1.12 4.61
CA VAL A 35 -0.63 -0.33 4.54
C VAL A 35 0.29 -0.99 5.57
N PHE A 36 1.42 -0.35 5.79
CA PHE A 36 2.39 -0.86 6.76
C PHE A 36 1.78 -0.96 8.15
N THR A 37 1.13 0.13 8.56
CA THR A 37 0.50 0.17 9.87
C THR A 37 -0.71 -0.78 9.91
N PHE A 38 -1.42 -0.82 8.81
CA PHE A 38 -2.59 -1.68 8.70
C PHE A 38 -2.22 -3.15 8.89
N VAL A 39 -1.26 -3.60 8.09
CA VAL A 39 -0.80 -4.96 8.15
C VAL A 39 -0.27 -5.25 9.56
N THR A 40 0.55 -4.33 10.05
CA THR A 40 1.12 -4.48 11.38
C THR A 40 0.04 -4.33 12.45
N GLY A 41 -1.15 -3.97 11.99
CA GLY A 41 -2.28 -3.80 12.90
C GLY A 41 -3.09 -5.09 13.02
N THR A 42 -2.50 -6.17 12.53
CA THR A 42 -3.15 -7.47 12.57
C THR A 42 -2.12 -8.58 12.83
N GLY A 43 -1.09 -8.21 13.56
CA GLY A 43 -0.04 -9.16 13.89
C GLY A 43 -0.52 -10.18 14.92
N MET A 44 -1.35 -9.70 15.83
CA MET A 44 -1.90 -10.56 16.87
C MET A 44 -2.34 -11.91 16.29
N ALA A 45 -3.10 -11.83 15.21
CA ALA A 45 -3.59 -13.04 14.56
C ALA A 45 -2.42 -13.99 14.31
N PHE A 46 -1.37 -13.44 13.70
CA PHE A 46 -0.19 -14.23 13.41
C PHE A 46 0.43 -14.80 14.68
N GLY A 47 0.30 -14.03 15.76
CA GLY A 47 0.85 -14.44 17.04
C GLY A 47 0.06 -15.61 17.62
N LEU A 48 -1.25 -15.57 17.39
CA LEU A 48 -2.12 -16.62 17.89
C LEU A 48 -1.82 -17.92 17.16
N GLN A 49 -1.77 -17.82 15.84
CA GLN A 49 -1.49 -18.99 15.01
C GLN A 49 -0.06 -19.46 15.23
N MET A 50 0.81 -18.51 15.53
CA MET A 50 2.21 -18.81 15.77
C MET A 50 2.39 -19.61 17.07
N PHE A 51 1.72 -19.14 18.11
CA PHE A 51 1.79 -19.79 19.41
C PHE A 51 1.19 -21.20 19.34
N ILE A 52 0.04 -21.29 18.70
CA ILE A 52 -0.64 -22.56 18.55
C ILE A 52 0.11 -23.43 17.55
N GLN A 53 0.83 -22.77 16.66
CA GLN A 53 1.59 -23.47 15.64
C GLN A 53 2.92 -23.95 16.22
N ARG A 54 3.35 -23.28 17.28
CA ARG A 54 4.60 -23.64 17.94
C ARG A 54 4.46 -24.98 18.64
N LYS A 55 3.24 -25.50 18.65
CA LYS A 55 2.96 -26.77 19.28
C LYS A 55 3.31 -27.90 18.31
N PHE A 56 3.53 -27.52 17.06
CA PHE A 56 3.87 -28.49 16.03
C PHE A 56 5.38 -28.67 15.93
N PRO A 57 5.79 -29.93 15.62
CA PRO A 57 7.20 -30.25 15.48
C PRO A 57 7.76 -29.71 14.17
N TYR A 58 6.85 -29.22 13.33
CA TYR A 58 7.24 -28.67 12.05
C TYR A 58 7.39 -27.15 12.12
N PRO A 59 8.22 -26.61 11.20
CA PRO A 59 8.45 -25.18 11.14
C PRO A 59 7.26 -24.45 10.53
N LEU A 60 6.76 -25.01 9.43
CA LEU A 60 5.63 -24.43 8.74
C LEU A 60 4.44 -25.39 8.84
N GLN A 61 3.29 -24.82 9.18
CA GLN A 61 2.08 -25.60 9.32
C GLN A 61 1.30 -25.61 7.99
N TRP A 62 0.38 -26.55 7.89
CA TRP A 62 -0.43 -26.69 6.69
C TRP A 62 -1.38 -25.47 6.63
N SER A 63 -1.90 -25.12 7.79
CA SER A 63 -2.82 -23.99 7.89
C SER A 63 -2.06 -22.68 7.66
N LEU A 64 -0.89 -22.59 8.28
CA LEU A 64 -0.07 -21.41 8.15
C LEU A 64 0.52 -21.35 6.74
N LEU A 65 0.94 -22.51 6.26
CA LEU A 65 1.52 -22.60 4.93
C LEU A 65 0.44 -22.31 3.88
N VAL A 66 -0.78 -22.72 4.21
CA VAL A 66 -1.90 -22.50 3.31
C VAL A 66 -2.28 -21.02 3.31
N ALA A 67 -2.16 -20.42 4.49
CA ALA A 67 -2.49 -19.01 4.64
C ALA A 67 -1.38 -18.17 4.00
N VAL A 68 -0.18 -18.72 4.01
CA VAL A 68 0.97 -18.03 3.44
C VAL A 68 0.90 -18.14 1.91
N VAL A 69 0.77 -19.36 1.43
CA VAL A 69 0.69 -19.60 0.00
C VAL A 69 -0.57 -18.94 -0.55
N ALA A 70 -1.69 -19.22 0.10
CA ALA A 70 -2.96 -18.66 -0.32
C ALA A 70 -2.92 -17.13 -0.15
N GLY A 71 -2.27 -16.71 0.92
CA GLY A 71 -2.16 -15.29 1.22
C GLY A 71 -1.28 -14.58 0.18
N SER A 72 -0.33 -15.35 -0.35
CA SER A 72 0.58 -14.80 -1.35
C SER A 72 -0.15 -14.61 -2.67
N VAL A 73 -0.79 -15.68 -3.12
CA VAL A 73 -1.54 -15.64 -4.37
C VAL A 73 -2.66 -14.62 -4.26
N VAL A 74 -3.38 -14.70 -3.14
CA VAL A 74 -4.49 -13.80 -2.90
C VAL A 74 -3.95 -12.37 -2.74
N SER A 75 -2.74 -12.29 -2.22
CA SER A 75 -2.10 -11.01 -2.01
C SER A 75 -1.84 -10.32 -3.35
N TYR A 76 -1.28 -11.10 -4.27
CA TYR A 76 -0.97 -10.58 -5.60
C TYR A 76 -2.25 -10.25 -6.36
N GLY A 77 -3.16 -11.20 -6.39
CA GLY A 77 -4.42 -11.02 -7.09
C GLY A 77 -5.20 -9.83 -6.52
N VAL A 78 -5.31 -9.83 -5.20
CA VAL A 78 -6.02 -8.76 -4.50
C VAL A 78 -5.23 -7.46 -4.65
N THR A 79 -3.92 -7.61 -4.84
CA THR A 79 -3.05 -6.46 -4.98
C THR A 79 -3.29 -5.77 -6.34
N ARG A 80 -3.55 -6.60 -7.34
CA ARG A 80 -3.81 -6.09 -8.68
C ARG A 80 -5.21 -5.46 -8.75
N VAL A 81 -6.17 -6.17 -8.17
CA VAL A 81 -7.54 -5.70 -8.17
C VAL A 81 -7.63 -4.43 -7.31
N GLU A 82 -7.03 -4.52 -6.13
CA GLU A 82 -7.05 -3.39 -5.21
C GLU A 82 -6.20 -2.24 -5.75
N SER A 83 -5.18 -2.61 -6.53
CA SER A 83 -4.30 -1.62 -7.11
C SER A 83 -5.08 -0.75 -8.11
N GLU A 84 -5.71 -1.41 -9.06
CA GLU A 84 -6.48 -0.72 -10.07
C GLU A 84 -7.60 0.10 -9.41
N LYS A 85 -8.32 -0.56 -8.52
CA LYS A 85 -9.41 0.08 -7.81
C LYS A 85 -8.86 1.24 -6.98
N CYS A 86 -7.60 1.10 -6.58
CA CYS A 86 -6.95 2.12 -5.79
C CYS A 86 -6.73 3.35 -6.66
N ASN A 87 -6.29 3.10 -7.89
CA ASN A 87 -6.05 4.17 -8.84
C ASN A 87 -7.36 4.92 -9.12
N ASN A 88 -8.38 4.14 -9.42
CA ASN A 88 -9.68 4.70 -9.71
C ASN A 88 -10.17 5.51 -8.51
N LEU A 89 -10.03 4.90 -7.33
CA LEU A 89 -10.45 5.55 -6.11
C LEU A 89 -9.72 6.89 -5.97
N TRP A 90 -8.47 6.89 -6.39
CA TRP A 90 -7.66 8.10 -6.32
C TRP A 90 -8.28 9.15 -7.24
N LEU A 91 -8.62 8.70 -8.44
CA LEU A 91 -9.23 9.58 -9.43
C LEU A 91 -10.49 10.20 -8.84
N PHE A 92 -11.25 9.36 -8.14
CA PHE A 92 -12.49 9.81 -7.53
C PHE A 92 -12.22 10.83 -6.43
N LEU A 93 -11.27 10.49 -5.57
CA LEU A 93 -10.90 11.36 -4.47
C LEU A 93 -10.32 12.67 -5.02
N GLU A 94 -9.77 12.56 -6.23
CA GLU A 94 -9.19 13.72 -6.89
C GLU A 94 -10.29 14.58 -7.52
N THR A 95 -11.41 13.94 -7.81
CA THR A 95 -12.53 14.63 -8.42
C THR A 95 -13.45 15.19 -7.33
N GLY A 96 -13.27 14.70 -6.12
CA GLY A 96 -14.07 15.14 -5.00
C GLY A 96 -15.17 14.13 -4.68
N GLN A 97 -15.09 12.98 -5.34
CA GLN A 97 -16.06 11.92 -5.14
C GLN A 97 -16.21 11.60 -3.65
N LEU A 98 -17.21 10.79 -3.35
CA LEU A 98 -17.45 10.41 -1.97
C LEU A 98 -16.17 9.84 -1.35
N PRO A 99 -16.03 10.03 -0.02
CA PRO A 99 -14.86 9.56 0.69
C PRO A 99 -14.92 8.04 0.89
N LYS A 100 -13.88 7.51 1.50
CA LYS A 100 -13.80 6.08 1.75
C LYS A 100 -13.16 5.85 3.12
N ASP A 101 -13.62 4.79 3.78
CA ASP A 101 -13.11 4.44 5.09
C ASP A 101 -11.59 4.65 5.11
N ARG A 102 -11.17 5.67 5.84
CA ARG A 102 -9.76 5.98 5.95
C ARG A 102 -9.34 6.06 7.43
N SER A 103 -8.04 6.21 7.63
CA SER A 103 -7.50 6.31 8.98
C SER A 103 -6.47 7.43 9.05
N THR A 104 -6.21 7.87 10.28
CA THR A 104 -5.25 8.94 10.50
C THR A 104 -4.62 8.81 11.89
N ASP A 105 -3.30 8.73 11.90
CA ASP A 105 -2.57 8.61 13.15
C ASP A 105 -1.16 9.18 12.97
N GLN A 106 -0.36 9.02 14.01
CA GLN A 106 1.01 9.52 13.98
C GLN A 106 1.96 8.44 13.43
N ARG A 107 3.22 8.81 13.33
CA ARG A 107 4.23 7.89 12.83
C ARG A 107 5.15 7.44 13.96
N SER A 108 5.60 6.20 13.86
CA SER A 108 6.48 5.63 14.87
C SER A 108 7.87 5.41 14.27
N MET A 1 24.71 27.58 5.09
CA MET A 1 23.70 26.80 4.40
C MET A 1 22.37 26.85 5.14
N VAL A 2 21.60 27.89 4.84
CA VAL A 2 20.30 28.08 5.47
C VAL A 2 19.21 27.49 4.57
N ASN A 3 18.23 26.87 5.19
CA ASN A 3 17.13 26.27 4.46
C ASN A 3 15.82 26.56 5.19
N LEU A 4 15.75 26.09 6.43
CA LEU A 4 14.56 26.31 7.23
C LEU A 4 13.40 25.48 6.66
N GLY A 5 12.98 25.86 5.47
CA GLY A 5 11.89 25.16 4.81
C GLY A 5 12.09 25.15 3.30
N LEU A 6 12.91 24.21 2.85
CA LEU A 6 13.20 24.07 1.43
C LEU A 6 12.19 23.11 0.80
N SER A 7 11.23 22.69 1.61
CA SER A 7 10.20 21.77 1.15
C SER A 7 9.28 22.49 0.14
N ARG A 8 8.83 23.66 0.53
CA ARG A 8 7.95 24.43 -0.32
C ARG A 8 8.64 24.75 -1.65
N VAL A 9 9.95 24.94 -1.57
CA VAL A 9 10.74 25.24 -2.76
C VAL A 9 10.87 23.98 -3.61
N ASP A 10 11.08 22.86 -2.93
CA ASP A 10 11.22 21.59 -3.62
C ASP A 10 9.90 21.23 -4.31
N ASP A 11 8.81 21.68 -3.69
CA ASP A 11 7.49 21.42 -4.24
C ASP A 11 7.25 22.32 -5.45
N ALA A 12 7.65 23.57 -5.31
CA ALA A 12 7.48 24.53 -6.38
C ALA A 12 8.23 24.04 -7.63
N VAL A 13 9.48 23.63 -7.40
CA VAL A 13 10.31 23.14 -8.48
C VAL A 13 9.75 21.81 -8.98
N ALA A 14 9.26 21.02 -8.04
CA ALA A 14 8.69 19.72 -8.37
C ALA A 14 7.57 19.90 -9.41
N ALA A 15 6.76 20.93 -9.17
CA ALA A 15 5.66 21.22 -10.07
C ALA A 15 6.21 21.62 -11.44
N LYS A 16 7.43 22.14 -11.43
CA LYS A 16 8.07 22.56 -12.66
C LYS A 16 8.74 21.35 -13.32
N HIS A 17 9.10 20.39 -12.49
CA HIS A 17 9.75 19.19 -12.97
C HIS A 17 8.69 18.11 -13.23
N PRO A 18 8.89 17.37 -14.36
CA PRO A 18 7.96 16.32 -14.74
C PRO A 18 8.15 15.08 -13.86
N GLY A 19 7.09 14.75 -13.12
CA GLY A 19 7.14 13.60 -12.24
C GLY A 19 5.87 13.53 -11.38
N LEU A 20 4.75 13.77 -12.02
CA LEU A 20 3.47 13.73 -11.33
C LEU A 20 3.19 12.31 -10.85
N GLY A 21 3.37 11.37 -11.76
CA GLY A 21 3.15 9.97 -11.44
C GLY A 21 3.96 9.54 -10.22
N GLU A 22 5.14 10.12 -10.11
CA GLU A 22 6.02 9.81 -9.00
C GLU A 22 5.39 10.28 -7.67
N TYR A 23 4.93 11.51 -7.69
CA TYR A 23 4.31 12.09 -6.51
C TYR A 23 3.03 11.34 -6.14
N ALA A 24 2.20 11.13 -7.14
CA ALA A 24 0.94 10.43 -6.94
C ALA A 24 1.22 9.04 -6.35
N ALA A 25 2.25 8.39 -6.90
CA ALA A 25 2.62 7.08 -6.43
C ALA A 25 3.03 7.15 -4.96
N CYS A 26 3.80 8.18 -4.65
CA CYS A 26 4.26 8.39 -3.28
C CYS A 26 3.04 8.65 -2.40
N GLN A 27 2.01 9.23 -3.02
CA GLN A 27 0.79 9.53 -2.30
C GLN A 27 0.04 8.24 -1.93
N SER A 28 -0.31 7.49 -2.96
CA SER A 28 -1.02 6.24 -2.77
C SER A 28 -0.21 5.32 -1.86
N HIS A 29 1.10 5.45 -1.93
CA HIS A 29 1.99 4.65 -1.12
C HIS A 29 1.83 5.05 0.35
N ALA A 30 1.88 6.35 0.59
CA ALA A 30 1.75 6.87 1.94
C ALA A 30 0.45 6.34 2.56
N PHE A 31 -0.64 6.54 1.82
CA PHE A 31 -1.94 6.10 2.29
C PHE A 31 -1.95 4.59 2.55
N MET A 32 -1.52 3.85 1.54
CA MET A 32 -1.48 2.40 1.63
C MET A 32 -0.60 1.96 2.80
N LYS A 33 0.37 2.80 3.13
CA LYS A 33 1.28 2.51 4.22
C LYS A 33 0.55 2.66 5.55
N GLY A 34 -0.19 3.77 5.66
CA GLY A 34 -0.94 4.05 6.86
C GLY A 34 -1.94 2.92 7.17
N VAL A 35 -2.75 2.61 6.16
CA VAL A 35 -3.74 1.55 6.30
C VAL A 35 -3.03 0.21 6.47
N PHE A 36 -1.89 0.09 5.81
CA PHE A 36 -1.12 -1.14 5.89
C PHE A 36 -0.66 -1.41 7.32
N THR A 37 -0.12 -0.38 7.94
CA THR A 37 0.37 -0.49 9.31
C THR A 37 -0.81 -0.72 10.27
N PHE A 38 -1.90 -0.03 9.98
CA PHE A 38 -3.09 -0.13 10.81
C PHE A 38 -3.62 -1.58 10.82
N VAL A 39 -3.70 -2.15 9.63
CA VAL A 39 -4.19 -3.51 9.49
C VAL A 39 -3.19 -4.47 10.15
N THR A 40 -1.92 -4.17 9.97
CA THR A 40 -0.87 -4.99 10.54
C THR A 40 -1.03 -5.09 12.06
N GLY A 41 -1.82 -4.17 12.59
CA GLY A 41 -2.07 -4.14 14.03
C GLY A 41 -2.70 -5.45 14.50
N THR A 42 -3.21 -6.21 13.54
CA THR A 42 -3.84 -7.48 13.84
C THR A 42 -2.84 -8.63 13.65
N GLY A 43 -1.57 -8.28 13.75
CA GLY A 43 -0.51 -9.27 13.59
C GLY A 43 -0.44 -10.20 14.80
N MET A 44 -0.63 -9.60 15.96
CA MET A 44 -0.58 -10.37 17.21
C MET A 44 -1.23 -11.74 17.03
N ALA A 45 -2.42 -11.74 16.44
CA ALA A 45 -3.14 -12.97 16.20
C ALA A 45 -2.26 -13.93 15.40
N PHE A 46 -1.71 -13.40 14.31
CA PHE A 46 -0.84 -14.18 13.45
C PHE A 46 0.42 -14.63 14.19
N GLY A 47 0.78 -13.84 15.19
CA GLY A 47 1.96 -14.14 15.98
C GLY A 47 1.75 -15.38 16.85
N LEU A 48 0.61 -15.41 17.52
CA LEU A 48 0.28 -16.52 18.38
C LEU A 48 0.11 -17.78 17.53
N GLN A 49 -0.68 -17.64 16.48
CA GLN A 49 -0.93 -18.75 15.58
C GLN A 49 0.37 -19.24 14.96
N MET A 50 1.19 -18.28 14.54
CA MET A 50 2.47 -18.60 13.93
C MET A 50 3.40 -19.30 14.93
N PHE A 51 3.36 -18.81 16.16
CA PHE A 51 4.18 -19.38 17.22
C PHE A 51 3.85 -20.85 17.45
N ILE A 52 2.55 -21.12 17.54
CA ILE A 52 2.08 -22.48 17.76
C ILE A 52 2.24 -23.29 16.47
N GLN A 53 2.19 -22.58 15.36
CA GLN A 53 2.32 -23.21 14.06
C GLN A 53 3.79 -23.55 13.78
N ARG A 54 4.67 -22.85 14.49
CA ARG A 54 6.09 -23.07 14.33
C ARG A 54 6.51 -24.38 15.01
N LYS A 55 5.53 -25.02 15.63
CA LYS A 55 5.77 -26.28 16.32
C LYS A 55 5.66 -27.44 15.32
N PHE A 56 5.57 -27.07 14.05
CA PHE A 56 5.45 -28.05 12.99
C PHE A 56 6.83 -28.53 12.53
N PRO A 57 6.89 -29.85 12.16
CA PRO A 57 8.14 -30.44 11.71
C PRO A 57 8.47 -29.99 10.29
N TYR A 58 7.56 -29.22 9.71
CA TYR A 58 7.74 -28.72 8.36
C TYR A 58 8.42 -27.35 8.37
N PRO A 59 8.99 -26.99 7.20
CA PRO A 59 9.68 -25.71 7.06
C PRO A 59 8.68 -24.56 6.97
N LEU A 60 7.80 -24.66 5.98
CA LEU A 60 6.79 -23.63 5.77
C LEU A 60 5.53 -24.00 6.55
N GLN A 61 4.95 -22.99 7.19
CA GLN A 61 3.74 -23.19 7.96
C GLN A 61 2.51 -23.06 7.08
N TRP A 62 1.42 -23.69 7.51
CA TRP A 62 0.18 -23.65 6.77
C TRP A 62 -0.32 -22.20 6.75
N SER A 63 0.03 -21.48 7.81
CA SER A 63 -0.38 -20.10 7.94
C SER A 63 0.38 -19.24 6.91
N LEU A 64 1.69 -19.42 6.90
CA LEU A 64 2.54 -18.67 5.98
C LEU A 64 2.34 -19.21 4.56
N LEU A 65 2.02 -20.49 4.49
CA LEU A 65 1.81 -21.14 3.21
C LEU A 65 0.53 -20.59 2.57
N VAL A 66 -0.51 -20.48 3.40
CA VAL A 66 -1.79 -19.97 2.93
C VAL A 66 -1.67 -18.46 2.68
N ALA A 67 -0.83 -17.83 3.49
CA ALA A 67 -0.62 -16.40 3.37
C ALA A 67 0.21 -16.10 2.13
N VAL A 68 1.06 -17.07 1.77
CA VAL A 68 1.91 -16.93 0.61
C VAL A 68 1.07 -17.15 -0.66
N VAL A 69 0.38 -18.28 -0.68
CA VAL A 69 -0.46 -18.62 -1.82
C VAL A 69 -1.58 -17.60 -1.94
N ALA A 70 -2.27 -17.37 -0.83
CA ALA A 70 -3.36 -16.41 -0.80
C ALA A 70 -2.81 -15.00 -1.05
N GLY A 71 -1.60 -14.79 -0.56
CA GLY A 71 -0.95 -13.49 -0.71
C GLY A 71 -0.56 -13.25 -2.17
N SER A 72 -0.19 -14.33 -2.84
CA SER A 72 0.22 -14.25 -4.24
C SER A 72 -1.00 -13.93 -5.11
N VAL A 73 -2.03 -14.75 -4.95
CA VAL A 73 -3.25 -14.57 -5.72
C VAL A 73 -3.86 -13.21 -5.38
N VAL A 74 -3.80 -12.87 -4.10
CA VAL A 74 -4.35 -11.61 -3.64
C VAL A 74 -3.47 -10.45 -4.17
N SER A 75 -2.19 -10.75 -4.33
CA SER A 75 -1.26 -9.75 -4.82
C SER A 75 -1.58 -9.41 -6.27
N TYR A 76 -1.85 -10.44 -7.05
CA TYR A 76 -2.19 -10.27 -8.45
C TYR A 76 -3.51 -9.52 -8.63
N GLY A 77 -4.52 -10.03 -7.93
CA GLY A 77 -5.84 -9.42 -7.99
C GLY A 77 -5.81 -7.98 -7.47
N VAL A 78 -5.15 -7.82 -6.34
CA VAL A 78 -5.04 -6.51 -5.73
C VAL A 78 -4.13 -5.63 -6.58
N THR A 79 -3.27 -6.28 -7.34
CA THR A 79 -2.34 -5.56 -8.21
C THR A 79 -3.08 -5.00 -9.43
N ARG A 80 -4.05 -5.78 -9.89
CA ARG A 80 -4.84 -5.37 -11.06
C ARG A 80 -5.82 -4.26 -10.66
N VAL A 81 -6.47 -4.47 -9.52
CA VAL A 81 -7.43 -3.50 -9.03
C VAL A 81 -6.70 -2.24 -8.57
N GLU A 82 -5.63 -2.46 -7.81
CA GLU A 82 -4.83 -1.36 -7.30
C GLU A 82 -4.15 -0.61 -8.45
N SER A 83 -3.82 -1.38 -9.48
CA SER A 83 -3.16 -0.81 -10.64
C SER A 83 -4.13 0.14 -11.38
N GLU A 84 -5.31 -0.38 -11.64
CA GLU A 84 -6.33 0.40 -12.33
C GLU A 84 -6.63 1.68 -11.55
N LYS A 85 -6.82 1.52 -10.25
CA LYS A 85 -7.11 2.66 -9.40
C LYS A 85 -5.90 3.60 -9.37
N CYS A 86 -4.72 2.99 -9.32
CA CYS A 86 -3.48 3.75 -9.29
C CYS A 86 -3.40 4.58 -10.59
N ASN A 87 -3.86 3.97 -11.66
CA ASN A 87 -3.84 4.63 -12.95
C ASN A 87 -4.77 5.84 -12.93
N ASN A 88 -5.98 5.62 -12.42
CA ASN A 88 -6.96 6.68 -12.33
C ASN A 88 -6.40 7.80 -11.45
N LEU A 89 -5.82 7.41 -10.34
CA LEU A 89 -5.24 8.37 -9.41
C LEU A 89 -4.19 9.20 -10.14
N TRP A 90 -3.36 8.51 -10.89
CA TRP A 90 -2.30 9.19 -11.64
C TRP A 90 -2.95 10.17 -12.61
N LEU A 91 -4.06 9.72 -13.20
CA LEU A 91 -4.79 10.56 -14.14
C LEU A 91 -5.30 11.80 -13.43
N PHE A 92 -5.79 11.59 -12.21
CA PHE A 92 -6.31 12.69 -11.41
C PHE A 92 -5.20 13.68 -11.06
N LEU A 93 -4.09 13.13 -10.58
CA LEU A 93 -2.97 13.97 -10.20
C LEU A 93 -2.49 14.78 -11.41
N GLU A 94 -2.48 14.11 -12.56
CA GLU A 94 -2.05 14.75 -13.79
C GLU A 94 -2.89 15.99 -14.05
N THR A 95 -4.07 16.02 -13.44
CA THR A 95 -4.98 17.15 -13.60
C THR A 95 -4.81 18.13 -12.44
N GLY A 96 -4.18 17.64 -11.39
CA GLY A 96 -3.95 18.47 -10.21
C GLY A 96 -5.08 18.31 -9.20
N GLN A 97 -5.85 17.25 -9.38
CA GLN A 97 -6.98 16.98 -8.50
C GLN A 97 -6.58 15.92 -7.47
N LEU A 98 -5.87 16.37 -6.44
CA LEU A 98 -5.42 15.48 -5.39
C LEU A 98 -6.64 14.96 -4.62
N PRO A 99 -6.49 13.72 -4.09
CA PRO A 99 -7.57 13.09 -3.35
C PRO A 99 -7.69 13.71 -1.95
N LYS A 100 -6.63 13.55 -1.17
CA LYS A 100 -6.60 14.08 0.18
C LYS A 100 -7.65 13.37 1.02
N ASP A 101 -7.26 12.22 1.54
CA ASP A 101 -8.16 11.42 2.37
C ASP A 101 -7.34 10.65 3.41
N ARG A 102 -7.95 10.43 4.56
CA ARG A 102 -7.29 9.71 5.63
C ARG A 102 -6.06 10.48 6.11
N SER A 103 -5.66 10.17 7.34
CA SER A 103 -4.50 10.82 7.93
C SER A 103 -3.32 9.85 7.98
N THR A 104 -2.14 10.38 7.71
CA THR A 104 -0.93 9.58 7.72
C THR A 104 -0.39 9.45 9.15
N ASP A 105 0.69 8.69 9.27
CA ASP A 105 1.32 8.49 10.57
C ASP A 105 2.83 8.36 10.38
N GLN A 106 3.56 8.98 11.30
CA GLN A 106 5.01 8.95 11.25
C GLN A 106 5.51 7.51 11.42
N ARG A 107 6.71 7.26 10.90
CA ARG A 107 7.30 5.94 10.99
C ARG A 107 8.09 5.80 12.29
N SER A 108 7.67 4.82 13.09
CA SER A 108 8.33 4.57 14.36
C SER A 108 9.02 3.21 14.33
N MET A 1 6.88 38.98 1.90
CA MET A 1 8.10 38.65 1.19
C MET A 1 7.82 38.40 -0.30
N VAL A 2 8.71 38.94 -1.13
CA VAL A 2 8.57 38.78 -2.56
C VAL A 2 9.84 38.14 -3.13
N ASN A 3 9.64 37.04 -3.83
CA ASN A 3 10.76 36.32 -4.42
C ASN A 3 10.26 34.98 -4.96
N LEU A 4 10.48 34.78 -6.26
CA LEU A 4 10.07 33.55 -6.91
C LEU A 4 10.63 33.51 -8.34
N GLY A 5 10.11 34.41 -9.16
CA GLY A 5 10.53 34.50 -10.54
C GLY A 5 9.56 33.76 -11.46
N LEU A 6 9.88 33.78 -12.75
CA LEU A 6 9.05 33.11 -13.74
C LEU A 6 9.52 31.67 -13.90
N SER A 7 10.83 31.49 -13.86
CA SER A 7 11.43 30.17 -14.00
C SER A 7 11.03 29.29 -12.81
N ARG A 8 11.00 29.91 -11.65
CA ARG A 8 10.65 29.20 -10.43
C ARG A 8 9.20 28.73 -10.49
N VAL A 9 8.34 29.62 -10.96
CA VAL A 9 6.93 29.31 -11.09
C VAL A 9 6.75 28.14 -12.08
N ASP A 10 7.48 28.23 -13.18
CA ASP A 10 7.42 27.21 -14.20
C ASP A 10 7.93 25.88 -13.62
N ASP A 11 8.97 26.00 -12.81
CA ASP A 11 9.58 24.83 -12.20
C ASP A 11 8.56 24.17 -11.27
N ALA A 12 7.90 25.00 -10.48
CA ALA A 12 6.90 24.52 -9.54
C ALA A 12 5.75 23.87 -10.31
N VAL A 13 5.39 24.51 -11.42
CA VAL A 13 4.32 24.00 -12.26
C VAL A 13 4.68 22.61 -12.77
N ALA A 14 5.95 22.46 -13.13
CA ALA A 14 6.44 21.19 -13.63
C ALA A 14 6.37 20.14 -12.53
N ALA A 15 6.72 20.57 -11.32
CA ALA A 15 6.70 19.68 -10.17
C ALA A 15 5.25 19.45 -9.74
N LYS A 16 4.38 20.30 -10.25
CA LYS A 16 2.96 20.20 -9.92
C LYS A 16 2.30 19.17 -10.84
N HIS A 17 2.83 19.10 -12.06
CA HIS A 17 2.30 18.16 -13.05
C HIS A 17 3.46 17.37 -13.67
N PRO A 18 4.06 16.49 -12.83
CA PRO A 18 5.17 15.67 -13.28
C PRO A 18 4.68 14.54 -14.18
N GLY A 19 3.76 13.76 -13.65
CA GLY A 19 3.20 12.64 -14.40
C GLY A 19 2.96 11.44 -13.49
N LEU A 20 3.82 10.44 -13.65
CA LEU A 20 3.73 9.22 -12.85
C LEU A 20 4.42 9.45 -11.51
N GLY A 21 5.18 10.53 -11.45
CA GLY A 21 5.90 10.87 -10.23
C GLY A 21 4.94 11.24 -9.11
N GLU A 22 4.00 12.12 -9.45
CA GLU A 22 3.01 12.57 -8.49
C GLU A 22 2.13 11.41 -8.03
N TYR A 23 1.87 10.51 -8.97
CA TYR A 23 1.04 9.35 -8.69
C TYR A 23 1.77 8.37 -7.77
N ALA A 24 3.05 8.18 -8.05
CA ALA A 24 3.87 7.28 -7.27
C ALA A 24 3.96 7.81 -5.83
N ALA A 25 4.26 9.09 -5.73
CA ALA A 25 4.37 9.74 -4.43
C ALA A 25 3.07 9.55 -3.65
N CYS A 26 1.97 9.86 -4.32
CA CYS A 26 0.66 9.73 -3.71
C CYS A 26 0.42 8.26 -3.38
N GLN A 27 1.04 7.40 -4.18
CA GLN A 27 0.90 5.97 -3.98
C GLN A 27 1.61 5.54 -2.70
N SER A 28 2.81 6.07 -2.50
CA SER A 28 3.59 5.76 -1.33
C SER A 28 2.87 6.24 -0.06
N HIS A 29 2.34 7.46 -0.15
CA HIS A 29 1.63 8.04 0.96
C HIS A 29 0.39 7.20 1.27
N ALA A 30 -0.37 6.90 0.23
CA ALA A 30 -1.57 6.11 0.38
C ALA A 30 -1.22 4.76 1.01
N PHE A 31 -0.11 4.20 0.53
CA PHE A 31 0.35 2.92 1.02
C PHE A 31 0.81 3.02 2.48
N MET A 32 1.39 4.17 2.80
CA MET A 32 1.88 4.40 4.15
C MET A 32 0.74 4.39 5.15
N LYS A 33 -0.27 5.20 4.86
CA LYS A 33 -1.43 5.29 5.73
C LYS A 33 -2.12 3.92 5.81
N GLY A 34 -2.33 3.34 4.64
CA GLY A 34 -2.98 2.04 4.56
C GLY A 34 -2.22 1.00 5.37
N VAL A 35 -0.90 1.05 5.25
CA VAL A 35 -0.04 0.12 5.96
C VAL A 35 -0.27 0.29 7.47
N PHE A 36 -0.27 1.54 7.90
CA PHE A 36 -0.47 1.86 9.30
C PHE A 36 -1.77 1.24 9.82
N THR A 37 -2.83 1.45 9.05
CA THR A 37 -4.14 0.93 9.43
C THR A 37 -4.11 -0.60 9.45
N PHE A 38 -3.32 -1.16 8.55
CA PHE A 38 -3.19 -2.61 8.45
C PHE A 38 -2.49 -3.17 9.70
N VAL A 39 -1.31 -2.65 9.96
CA VAL A 39 -0.52 -3.09 11.11
C VAL A 39 -1.38 -2.97 12.38
N THR A 40 -2.12 -1.87 12.45
CA THR A 40 -2.97 -1.61 13.59
C THR A 40 -3.83 -2.84 13.90
N GLY A 41 -4.03 -3.65 12.87
CA GLY A 41 -4.83 -4.86 13.01
C GLY A 41 -4.23 -5.79 14.07
N THR A 42 -2.98 -5.51 14.41
CA THR A 42 -2.28 -6.31 15.41
C THR A 42 -2.11 -7.75 14.91
N GLY A 43 -1.13 -7.93 14.04
CA GLY A 43 -0.85 -9.24 13.48
C GLY A 43 -0.22 -10.15 14.51
N MET A 44 0.34 -9.53 15.55
CA MET A 44 0.98 -10.28 16.61
C MET A 44 0.22 -11.57 16.91
N ALA A 45 -1.09 -11.42 17.07
CA ALA A 45 -1.94 -12.57 17.37
C ALA A 45 -1.72 -13.64 16.30
N PHE A 46 -1.81 -13.23 15.05
CA PHE A 46 -1.62 -14.15 13.95
C PHE A 46 -0.19 -14.69 13.92
N GLY A 47 0.72 -13.90 14.46
CA GLY A 47 2.12 -14.29 14.51
C GLY A 47 2.31 -15.51 15.41
N LEU A 48 1.80 -15.40 16.62
CA LEU A 48 1.91 -16.48 17.59
C LEU A 48 1.15 -17.70 17.07
N GLN A 49 -0.07 -17.46 16.65
CA GLN A 49 -0.91 -18.53 16.12
C GLN A 49 -0.20 -19.23 14.95
N MET A 50 0.43 -18.42 14.11
CA MET A 50 1.14 -18.94 12.96
C MET A 50 2.37 -19.74 13.40
N PHE A 51 3.09 -19.18 14.35
CA PHE A 51 4.28 -19.83 14.87
C PHE A 51 3.97 -21.24 15.37
N ILE A 52 2.87 -21.34 16.10
CA ILE A 52 2.45 -22.63 16.65
C ILE A 52 1.89 -23.49 15.53
N GLN A 53 1.19 -22.84 14.60
CA GLN A 53 0.60 -23.55 13.48
C GLN A 53 1.69 -24.03 12.52
N ARG A 54 2.87 -23.45 12.68
CA ARG A 54 4.00 -23.81 11.84
C ARG A 54 4.53 -25.19 12.22
N LYS A 55 3.92 -25.76 13.25
CA LYS A 55 4.31 -27.08 13.73
C LYS A 55 3.64 -28.14 12.88
N PHE A 56 2.94 -27.68 11.85
CA PHE A 56 2.24 -28.59 10.95
C PHE A 56 3.19 -29.16 9.89
N PRO A 57 2.94 -30.43 9.51
CA PRO A 57 3.75 -31.10 8.51
C PRO A 57 3.43 -30.58 7.11
N TYR A 58 2.49 -29.64 7.05
CA TYR A 58 2.09 -29.07 5.79
C TYR A 58 2.96 -27.87 5.43
N PRO A 59 2.92 -27.50 4.11
CA PRO A 59 3.70 -26.37 3.63
C PRO A 59 3.08 -25.05 4.06
N LEU A 60 1.84 -24.85 3.65
CA LEU A 60 1.12 -23.63 3.99
C LEU A 60 0.35 -23.84 5.29
N GLN A 61 0.31 -22.79 6.10
CA GLN A 61 -0.39 -22.85 7.37
C GLN A 61 -1.86 -22.45 7.18
N TRP A 62 -2.70 -22.99 8.06
CA TRP A 62 -4.12 -22.69 8.01
C TRP A 62 -4.31 -21.20 8.27
N SER A 63 -3.55 -20.70 9.23
CA SER A 63 -3.61 -19.30 9.59
C SER A 63 -3.13 -18.43 8.43
N LEU A 64 -2.01 -18.85 7.85
CA LEU A 64 -1.43 -18.12 6.73
C LEU A 64 -2.34 -18.27 5.50
N LEU A 65 -2.85 -19.48 5.33
CA LEU A 65 -3.75 -19.75 4.21
C LEU A 65 -5.01 -18.91 4.34
N VAL A 66 -5.43 -18.71 5.58
CA VAL A 66 -6.62 -17.92 5.86
C VAL A 66 -6.31 -16.44 5.61
N ALA A 67 -5.10 -16.06 5.97
CA ALA A 67 -4.67 -14.68 5.80
C ALA A 67 -4.46 -14.40 4.31
N VAL A 68 -4.11 -15.44 3.59
CA VAL A 68 -3.88 -15.31 2.15
C VAL A 68 -5.24 -15.26 1.44
N VAL A 69 -6.09 -16.23 1.77
CA VAL A 69 -7.40 -16.30 1.17
C VAL A 69 -8.19 -15.02 1.50
N ALA A 70 -8.20 -14.69 2.78
CA ALA A 70 -8.90 -13.49 3.23
C ALA A 70 -8.16 -12.25 2.73
N GLY A 71 -6.84 -12.39 2.62
CA GLY A 71 -6.02 -11.29 2.15
C GLY A 71 -6.30 -10.97 0.69
N SER A 72 -6.55 -12.02 -0.08
CA SER A 72 -6.84 -11.86 -1.49
C SER A 72 -8.25 -11.27 -1.67
N VAL A 73 -9.22 -11.92 -1.06
CA VAL A 73 -10.60 -11.49 -1.14
C VAL A 73 -10.70 -10.05 -0.63
N VAL A 74 -10.17 -9.84 0.57
CA VAL A 74 -10.20 -8.53 1.19
C VAL A 74 -9.43 -7.54 0.30
N SER A 75 -8.33 -8.04 -0.26
CA SER A 75 -7.51 -7.21 -1.12
C SER A 75 -8.30 -6.78 -2.36
N TYR A 76 -9.12 -7.68 -2.85
CA TYR A 76 -9.95 -7.42 -4.01
C TYR A 76 -10.97 -6.33 -3.72
N GLY A 77 -11.69 -6.51 -2.60
CA GLY A 77 -12.70 -5.56 -2.19
C GLY A 77 -12.08 -4.20 -1.90
N VAL A 78 -11.02 -4.22 -1.09
CA VAL A 78 -10.34 -2.99 -0.73
C VAL A 78 -9.71 -2.38 -1.97
N THR A 79 -9.41 -3.24 -2.94
CA THR A 79 -8.80 -2.79 -4.18
C THR A 79 -9.84 -2.09 -5.05
N ARG A 80 -11.06 -2.59 -5.00
CA ARG A 80 -12.14 -2.03 -5.78
C ARG A 80 -12.53 -0.66 -5.23
N VAL A 81 -12.64 -0.59 -3.91
CA VAL A 81 -13.00 0.65 -3.24
C VAL A 81 -11.82 1.63 -3.32
N GLU A 82 -10.64 1.11 -3.01
CA GLU A 82 -9.44 1.92 -3.04
C GLU A 82 -9.13 2.37 -4.47
N SER A 83 -9.58 1.56 -5.41
CA SER A 83 -9.36 1.85 -6.82
C SER A 83 -10.26 3.02 -7.25
N GLU A 84 -11.55 2.86 -6.99
CA GLU A 84 -12.51 3.89 -7.34
C GLU A 84 -12.12 5.22 -6.72
N LYS A 85 -11.70 5.16 -5.46
CA LYS A 85 -11.29 6.36 -4.74
C LYS A 85 -9.93 6.81 -5.25
N CYS A 86 -9.14 5.83 -5.66
CA CYS A 86 -7.80 6.13 -6.16
C CYS A 86 -7.94 6.98 -7.42
N ASN A 87 -8.83 6.55 -8.30
CA ASN A 87 -9.07 7.26 -9.55
C ASN A 87 -9.67 8.63 -9.23
N ASN A 88 -10.67 8.62 -8.36
CA ASN A 88 -11.33 9.85 -7.96
C ASN A 88 -10.30 10.85 -7.44
N LEU A 89 -9.32 10.31 -6.71
CA LEU A 89 -8.27 11.14 -6.15
C LEU A 89 -7.42 11.71 -7.28
N TRP A 90 -7.08 10.84 -8.23
CA TRP A 90 -6.28 11.25 -9.37
C TRP A 90 -7.00 12.40 -10.08
N LEU A 91 -8.31 12.24 -10.21
CA LEU A 91 -9.12 13.26 -10.86
C LEU A 91 -9.05 14.56 -10.05
N PHE A 92 -9.17 14.40 -8.74
CA PHE A 92 -9.11 15.56 -7.85
C PHE A 92 -7.77 16.29 -7.99
N LEU A 93 -6.70 15.51 -8.05
CA LEU A 93 -5.37 16.07 -8.17
C LEU A 93 -5.21 16.66 -9.57
N GLU A 94 -5.97 16.12 -10.51
CA GLU A 94 -5.91 16.58 -11.89
C GLU A 94 -6.43 18.02 -11.98
N THR A 95 -7.33 18.35 -11.06
CA THR A 95 -7.90 19.69 -11.02
C THR A 95 -7.08 20.60 -10.13
N GLY A 96 -6.02 20.03 -9.57
CA GLY A 96 -5.15 20.78 -8.68
C GLY A 96 -5.61 20.67 -7.23
N GLN A 97 -6.48 19.70 -7.00
CA GLN A 97 -7.00 19.48 -5.66
C GLN A 97 -6.04 18.61 -4.84
N LEU A 98 -4.88 19.18 -4.56
CA LEU A 98 -3.87 18.48 -3.78
C LEU A 98 -4.27 18.45 -2.31
N PRO A 99 -3.85 17.36 -1.62
CA PRO A 99 -4.17 17.21 -0.20
C PRO A 99 -3.31 18.13 0.65
N LYS A 100 -3.47 18.00 1.96
CA LYS A 100 -2.71 18.82 2.89
C LYS A 100 -2.02 17.91 3.91
N ASP A 101 -0.73 17.71 3.71
CA ASP A 101 0.05 16.88 4.60
C ASP A 101 1.53 16.93 4.18
N ARG A 102 2.39 16.69 5.15
CA ARG A 102 3.83 16.69 4.90
C ARG A 102 4.59 16.31 6.16
N SER A 103 5.16 15.12 6.12
CA SER A 103 5.93 14.62 7.24
C SER A 103 7.17 15.48 7.46
N THR A 104 8.07 15.42 6.50
CA THR A 104 9.30 16.20 6.57
C THR A 104 9.89 16.12 7.97
N ASP A 105 10.57 15.01 8.25
CA ASP A 105 11.18 14.82 9.55
C ASP A 105 12.42 13.93 9.39
N GLN A 106 12.20 12.77 8.78
CA GLN A 106 13.28 11.83 8.56
C GLN A 106 14.42 12.49 7.78
N ARG A 107 15.63 12.04 8.05
CA ARG A 107 16.80 12.58 7.38
C ARG A 107 17.84 11.48 7.17
N SER A 108 18.18 11.27 5.90
CA SER A 108 19.15 10.26 5.55
C SER A 108 19.64 10.48 4.11
N MET A 1 -7.64 2.46 -26.69
CA MET A 1 -7.59 3.87 -26.40
C MET A 1 -7.39 4.13 -24.90
N VAL A 2 -8.29 3.55 -24.12
CA VAL A 2 -8.24 3.70 -22.67
C VAL A 2 -7.81 2.36 -22.04
N ASN A 3 -6.99 2.47 -21.00
CA ASN A 3 -6.51 1.29 -20.31
C ASN A 3 -5.60 0.49 -21.24
N LEU A 4 -4.43 0.15 -20.73
CA LEU A 4 -3.46 -0.61 -21.50
C LEU A 4 -3.24 0.07 -22.85
N GLY A 5 -2.19 0.88 -22.91
CA GLY A 5 -1.87 1.60 -24.13
C GLY A 5 -1.31 2.98 -23.81
N LEU A 6 -2.12 3.99 -24.11
CA LEU A 6 -1.74 5.37 -23.87
C LEU A 6 -1.30 5.52 -22.42
N SER A 7 -1.97 4.76 -21.54
CA SER A 7 -1.65 4.81 -20.13
C SER A 7 -0.26 4.25 -19.88
N ARG A 8 -0.01 3.08 -20.45
CA ARG A 8 1.27 2.43 -20.29
C ARG A 8 2.40 3.34 -20.79
N VAL A 9 2.14 3.97 -21.93
CA VAL A 9 3.12 4.87 -22.52
C VAL A 9 3.28 6.10 -21.62
N ASP A 10 2.17 6.51 -21.04
CA ASP A 10 2.18 7.67 -20.16
C ASP A 10 2.98 7.34 -18.90
N ASP A 11 2.94 6.06 -18.52
CA ASP A 11 3.66 5.60 -17.35
C ASP A 11 5.14 5.54 -17.65
N ALA A 12 5.45 5.02 -18.83
CA ALA A 12 6.84 4.90 -19.26
C ALA A 12 7.48 6.29 -19.31
N VAL A 13 6.79 7.21 -19.96
CA VAL A 13 7.28 8.57 -20.08
C VAL A 13 7.28 9.23 -18.70
N ALA A 14 6.22 8.95 -17.95
CA ALA A 14 6.09 9.51 -16.61
C ALA A 14 7.33 9.18 -15.80
N ALA A 15 7.79 7.94 -15.95
CA ALA A 15 8.97 7.48 -15.23
C ALA A 15 10.18 8.31 -15.67
N LYS A 16 10.11 8.81 -16.90
CA LYS A 16 11.19 9.62 -17.44
C LYS A 16 10.97 11.08 -17.04
N HIS A 17 9.71 11.48 -17.02
CA HIS A 17 9.35 12.83 -16.66
C HIS A 17 8.51 12.83 -15.39
N PRO A 18 9.21 12.99 -14.23
CA PRO A 18 8.53 12.99 -12.94
C PRO A 18 7.80 14.31 -12.71
N GLY A 19 6.95 14.31 -11.70
CA GLY A 19 6.18 15.50 -11.37
C GLY A 19 4.79 15.13 -10.85
N LEU A 20 3.92 14.77 -11.80
CA LEU A 20 2.56 14.39 -11.45
C LEU A 20 2.53 12.91 -11.07
N GLY A 21 3.17 12.10 -11.90
CA GLY A 21 3.21 10.66 -11.66
C GLY A 21 3.84 10.36 -10.30
N GLU A 22 4.98 11.01 -10.05
CA GLU A 22 5.69 10.82 -8.79
C GLU A 22 4.80 11.22 -7.61
N TYR A 23 4.20 12.41 -7.74
CA TYR A 23 3.34 12.92 -6.70
C TYR A 23 2.20 11.93 -6.39
N ALA A 24 1.58 11.45 -7.46
CA ALA A 24 0.48 10.51 -7.33
C ALA A 24 0.99 9.24 -6.63
N ALA A 25 2.09 8.72 -7.16
CA ALA A 25 2.69 7.51 -6.59
C ALA A 25 2.97 7.73 -5.11
N CYS A 26 3.42 8.95 -4.80
CA CYS A 26 3.73 9.30 -3.42
C CYS A 26 2.42 9.38 -2.64
N GLN A 27 1.36 9.74 -3.35
CA GLN A 27 0.05 9.86 -2.74
C GLN A 27 -0.49 8.47 -2.36
N SER A 28 -0.64 7.64 -3.39
CA SER A 28 -1.14 6.29 -3.17
C SER A 28 -0.20 5.51 -2.25
N HIS A 29 1.08 5.83 -2.37
CA HIS A 29 2.09 5.18 -1.56
C HIS A 29 1.87 5.52 -0.08
N ALA A 30 1.66 6.80 0.16
CA ALA A 30 1.43 7.27 1.53
C ALA A 30 0.20 6.57 2.10
N PHE A 31 -0.89 6.63 1.35
CA PHE A 31 -2.13 6.00 1.78
C PHE A 31 -1.92 4.53 2.09
N MET A 32 -1.34 3.82 1.12
CA MET A 32 -1.08 2.40 1.28
C MET A 32 -0.17 2.14 2.48
N LYS A 33 0.79 3.04 2.65
CA LYS A 33 1.73 2.92 3.75
C LYS A 33 0.97 2.89 5.07
N GLY A 34 0.07 3.86 5.22
CA GLY A 34 -0.73 3.96 6.43
C GLY A 34 -1.57 2.69 6.63
N VAL A 35 -2.23 2.27 5.57
CA VAL A 35 -3.06 1.09 5.62
C VAL A 35 -2.20 -0.13 6.00
N PHE A 36 -0.95 -0.08 5.55
CA PHE A 36 -0.02 -1.16 5.84
C PHE A 36 0.30 -1.23 7.34
N THR A 37 0.61 -0.06 7.90
CA THR A 37 0.93 0.02 9.31
C THR A 37 -0.25 -0.43 10.16
N PHE A 38 -1.44 -0.06 9.71
CA PHE A 38 -2.66 -0.43 10.41
C PHE A 38 -2.93 -1.93 10.31
N VAL A 39 -2.90 -2.43 9.09
CA VAL A 39 -3.13 -3.84 8.84
C VAL A 39 -2.09 -4.66 9.60
N THR A 40 -0.92 -4.06 9.77
CA THR A 40 0.17 -4.72 10.47
C THR A 40 -0.03 -4.62 11.99
N GLY A 41 -1.17 -4.05 12.36
CA GLY A 41 -1.50 -3.88 13.77
C GLY A 41 -2.21 -5.12 14.31
N THR A 42 -2.17 -6.18 13.53
CA THR A 42 -2.80 -7.43 13.92
C THR A 42 -1.76 -8.54 14.04
N GLY A 43 -0.75 -8.29 14.87
CA GLY A 43 0.30 -9.26 15.08
C GLY A 43 -0.19 -10.44 15.91
N MET A 44 -1.15 -10.15 16.79
CA MET A 44 -1.72 -11.19 17.64
C MET A 44 -2.03 -12.45 16.84
N ALA A 45 -2.39 -12.24 15.59
CA ALA A 45 -2.71 -13.35 14.70
C ALA A 45 -1.45 -14.17 14.44
N PHE A 46 -0.38 -13.47 14.12
CA PHE A 46 0.89 -14.12 13.85
C PHE A 46 1.37 -14.92 15.05
N GLY A 47 1.20 -14.32 16.23
CA GLY A 47 1.61 -14.97 17.46
C GLY A 47 0.76 -16.20 17.74
N LEU A 48 -0.53 -16.07 17.48
CA LEU A 48 -1.46 -17.17 17.70
C LEU A 48 -1.03 -18.37 16.86
N GLN A 49 -0.78 -18.10 15.59
CA GLN A 49 -0.36 -19.15 14.67
C GLN A 49 1.02 -19.67 15.06
N MET A 50 1.83 -18.77 15.61
CA MET A 50 3.18 -19.13 16.03
C MET A 50 3.14 -20.10 17.22
N PHE A 51 2.25 -19.81 18.15
CA PHE A 51 2.11 -20.65 19.33
C PHE A 51 1.56 -22.03 18.95
N ILE A 52 0.48 -22.01 18.18
CA ILE A 52 -0.15 -23.24 17.75
C ILE A 52 0.79 -24.00 16.81
N GLN A 53 1.57 -23.23 16.07
CA GLN A 53 2.52 -23.81 15.13
C GLN A 53 3.67 -24.48 15.89
N ARG A 54 4.03 -23.88 17.01
CA ARG A 54 5.10 -24.40 17.83
C ARG A 54 4.79 -25.83 18.28
N LYS A 55 3.52 -26.19 18.13
CA LYS A 55 3.07 -27.52 18.51
C LYS A 55 3.27 -28.48 17.34
N PHE A 56 3.54 -27.90 16.18
CA PHE A 56 3.74 -28.68 14.97
C PHE A 56 5.24 -28.87 14.69
N PRO A 57 5.58 -30.07 14.15
CA PRO A 57 6.96 -30.39 13.83
C PRO A 57 7.41 -29.65 12.57
N TYR A 58 6.48 -28.93 11.98
CA TYR A 58 6.76 -28.18 10.77
C TYR A 58 7.14 -26.73 11.11
N PRO A 59 8.00 -26.14 10.23
CA PRO A 59 8.44 -24.76 10.42
C PRO A 59 7.33 -23.77 10.07
N LEU A 60 6.52 -24.17 9.09
CA LEU A 60 5.41 -23.34 8.65
C LEU A 60 4.08 -23.99 9.04
N GLN A 61 3.14 -23.15 9.42
CA GLN A 61 1.82 -23.63 9.81
C GLN A 61 0.90 -23.76 8.59
N TRP A 62 -0.11 -24.61 8.74
CA TRP A 62 -1.05 -24.83 7.65
C TRP A 62 -1.84 -23.53 7.44
N SER A 63 -2.07 -22.83 8.53
CA SER A 63 -2.80 -21.58 8.48
C SER A 63 -1.95 -20.50 7.81
N LEU A 64 -0.70 -20.42 8.24
CA LEU A 64 0.23 -19.45 7.69
C LEU A 64 0.65 -19.88 6.28
N LEU A 65 0.65 -21.19 6.07
CA LEU A 65 1.01 -21.74 4.78
C LEU A 65 -0.07 -21.38 3.74
N VAL A 66 -1.32 -21.53 4.17
CA VAL A 66 -2.43 -21.24 3.30
C VAL A 66 -2.55 -19.71 3.14
N ALA A 67 -2.19 -19.00 4.20
CA ALA A 67 -2.26 -17.56 4.18
C ALA A 67 -1.12 -17.01 3.31
N VAL A 68 -0.03 -17.76 3.27
CA VAL A 68 1.12 -17.38 2.48
C VAL A 68 0.87 -17.68 1.01
N VAL A 69 0.49 -18.94 0.76
CA VAL A 69 0.21 -19.37 -0.60
C VAL A 69 -0.97 -18.58 -1.15
N ALA A 70 -2.05 -18.54 -0.36
CA ALA A 70 -3.24 -17.83 -0.76
C ALA A 70 -2.95 -16.32 -0.77
N GLY A 71 -2.10 -15.91 0.15
CA GLY A 71 -1.73 -14.52 0.26
C GLY A 71 -0.92 -14.07 -0.97
N SER A 72 -0.09 -14.98 -1.46
CA SER A 72 0.74 -14.69 -2.62
C SER A 72 -0.13 -14.60 -3.87
N VAL A 73 -0.92 -15.64 -4.08
CA VAL A 73 -1.80 -15.70 -5.23
C VAL A 73 -2.78 -14.52 -5.18
N VAL A 74 -3.43 -14.39 -4.05
CA VAL A 74 -4.39 -13.32 -3.86
C VAL A 74 -3.68 -11.98 -3.99
N SER A 75 -2.42 -11.97 -3.58
CA SER A 75 -1.61 -10.76 -3.64
C SER A 75 -1.38 -10.35 -5.11
N TYR A 76 -1.10 -11.36 -5.92
CA TYR A 76 -0.87 -11.13 -7.34
C TYR A 76 -2.12 -10.60 -8.02
N GLY A 77 -3.23 -11.30 -7.82
CA GLY A 77 -4.50 -10.92 -8.40
C GLY A 77 -4.94 -9.54 -7.90
N VAL A 78 -4.89 -9.38 -6.58
CA VAL A 78 -5.28 -8.13 -5.97
C VAL A 78 -4.29 -7.03 -6.39
N THR A 79 -3.09 -7.46 -6.73
CA THR A 79 -2.06 -6.53 -7.16
C THR A 79 -2.33 -6.03 -8.58
N ARG A 80 -2.85 -6.93 -9.39
CA ARG A 80 -3.17 -6.61 -10.77
C ARG A 80 -4.38 -5.66 -10.83
N VAL A 81 -5.38 -6.00 -10.03
CA VAL A 81 -6.60 -5.21 -9.99
C VAL A 81 -6.30 -3.86 -9.32
N GLU A 82 -5.44 -3.92 -8.30
CA GLU A 82 -5.06 -2.72 -7.57
C GLU A 82 -4.16 -1.83 -8.45
N SER A 83 -3.41 -2.48 -9.31
CA SER A 83 -2.51 -1.76 -10.20
C SER A 83 -3.32 -1.02 -11.27
N GLU A 84 -4.29 -1.73 -11.84
CA GLU A 84 -5.13 -1.15 -12.87
C GLU A 84 -5.93 0.03 -12.30
N LYS A 85 -6.57 -0.21 -11.16
CA LYS A 85 -7.35 0.82 -10.51
C LYS A 85 -6.43 1.93 -10.01
N CYS A 86 -5.25 1.51 -9.57
CA CYS A 86 -4.27 2.44 -9.06
C CYS A 86 -3.84 3.37 -10.20
N ASN A 87 -3.67 2.77 -11.37
CA ASN A 87 -3.26 3.52 -12.54
C ASN A 87 -4.36 4.53 -12.89
N ASN A 88 -5.59 4.04 -12.93
CA ASN A 88 -6.73 4.89 -13.24
C ASN A 88 -6.81 6.02 -12.22
N LEU A 89 -6.60 5.66 -10.96
CA LEU A 89 -6.64 6.64 -9.89
C LEU A 89 -5.59 7.72 -10.13
N TRP A 90 -4.42 7.27 -10.55
CA TRP A 90 -3.32 8.18 -10.82
C TRP A 90 -3.76 9.15 -11.91
N LEU A 91 -4.44 8.59 -12.90
CA LEU A 91 -4.94 9.39 -14.01
C LEU A 91 -5.88 10.48 -13.48
N PHE A 92 -6.77 10.06 -12.60
CA PHE A 92 -7.73 10.99 -12.00
C PHE A 92 -7.01 12.08 -11.23
N LEU A 93 -6.12 11.65 -10.35
CA LEU A 93 -5.36 12.59 -9.53
C LEU A 93 -4.65 13.59 -10.44
N GLU A 94 -4.04 13.06 -11.48
CA GLU A 94 -3.32 13.89 -12.44
C GLU A 94 -4.24 14.98 -13.00
N THR A 95 -5.54 14.72 -12.90
CA THR A 95 -6.52 15.66 -13.39
C THR A 95 -7.05 16.53 -12.24
N GLY A 96 -6.82 16.05 -11.03
CA GLY A 96 -7.26 16.76 -9.85
C GLY A 96 -8.52 16.12 -9.26
N GLN A 97 -8.76 14.89 -9.65
CA GLN A 97 -9.92 14.16 -9.17
C GLN A 97 -9.52 13.15 -8.09
N LEU A 98 -9.16 13.70 -6.93
CA LEU A 98 -8.75 12.86 -5.82
C LEU A 98 -9.98 12.26 -5.14
N PRO A 99 -9.79 11.04 -4.57
CA PRO A 99 -10.88 10.35 -3.90
C PRO A 99 -11.17 10.98 -2.54
N LYS A 100 -10.13 11.01 -1.71
CA LYS A 100 -10.25 11.58 -0.38
C LYS A 100 -8.87 11.73 0.24
N ASP A 101 -8.33 10.60 0.67
CA ASP A 101 -7.02 10.57 1.29
C ASP A 101 -7.07 11.34 2.61
N ARG A 102 -6.31 10.83 3.57
CA ARG A 102 -6.26 11.45 4.88
C ARG A 102 -5.39 10.62 5.83
N SER A 103 -4.30 11.24 6.28
CA SER A 103 -3.39 10.59 7.19
C SER A 103 -2.30 11.57 7.64
N THR A 104 -1.71 11.26 8.78
CA THR A 104 -0.67 12.11 9.34
C THR A 104 0.37 11.25 10.07
N ASP A 105 1.50 11.04 9.41
CA ASP A 105 2.58 10.26 9.98
C ASP A 105 3.80 10.33 9.07
N GLN A 106 4.92 9.86 9.59
CA GLN A 106 6.16 9.86 8.85
C GLN A 106 7.28 9.21 9.67
N ARG A 107 8.13 8.47 8.96
CA ARG A 107 9.25 7.79 9.60
C ARG A 107 10.47 7.81 8.70
N SER A 108 11.60 8.17 9.29
CA SER A 108 12.85 8.23 8.55
C SER A 108 13.93 7.43 9.28
N MET A 1 24.97 32.27 4.17
CA MET A 1 26.08 31.68 3.43
C MET A 1 26.31 30.23 3.86
N VAL A 2 25.68 29.86 4.97
CA VAL A 2 25.80 28.51 5.49
C VAL A 2 24.41 27.97 5.84
N ASN A 3 24.09 26.83 5.27
CA ASN A 3 22.80 26.20 5.52
C ASN A 3 21.68 27.12 5.03
N LEU A 4 20.93 26.63 4.07
CA LEU A 4 19.83 27.40 3.51
C LEU A 4 20.39 28.43 2.53
N GLY A 5 19.91 28.35 1.29
CA GLY A 5 20.35 29.27 0.26
C GLY A 5 19.30 29.40 -0.84
N LEU A 6 19.75 29.83 -2.01
CA LEU A 6 18.87 30.00 -3.15
C LEU A 6 18.68 28.65 -3.85
N SER A 7 19.75 27.88 -3.88
CA SER A 7 19.72 26.57 -4.51
C SER A 7 18.79 25.64 -3.73
N ARG A 8 18.99 25.60 -2.43
CA ARG A 8 18.18 24.76 -1.56
C ARG A 8 16.69 25.13 -1.70
N VAL A 9 16.45 26.44 -1.79
CA VAL A 9 15.09 26.93 -1.93
C VAL A 9 14.50 26.42 -3.25
N ASP A 10 15.28 26.54 -4.31
CA ASP A 10 14.84 26.10 -5.61
C ASP A 10 14.61 24.59 -5.58
N ASP A 11 15.46 23.90 -4.84
CA ASP A 11 15.36 22.46 -4.72
C ASP A 11 14.03 22.10 -4.04
N ALA A 12 13.73 22.85 -2.98
CA ALA A 12 12.50 22.62 -2.24
C ALA A 12 11.30 22.79 -3.17
N VAL A 13 11.31 23.90 -3.89
CA VAL A 13 10.24 24.20 -4.82
C VAL A 13 10.11 23.05 -5.83
N ALA A 14 11.26 22.58 -6.28
CA ALA A 14 11.29 21.48 -7.24
C ALA A 14 10.65 20.24 -6.62
N ALA A 15 11.01 20.00 -5.37
CA ALA A 15 10.48 18.85 -4.64
C ALA A 15 8.98 19.04 -4.41
N LYS A 16 8.54 20.27 -4.64
CA LYS A 16 7.13 20.60 -4.46
C LYS A 16 6.34 20.16 -5.70
N HIS A 17 6.99 20.29 -6.85
CA HIS A 17 6.37 19.92 -8.10
C HIS A 17 7.34 19.06 -8.92
N PRO A 18 7.55 17.80 -8.44
CA PRO A 18 8.45 16.88 -9.11
C PRO A 18 7.81 16.32 -10.38
N GLY A 19 6.50 16.07 -10.29
CA GLY A 19 5.76 15.54 -11.42
C GLY A 19 4.40 15.02 -10.98
N LEU A 20 3.39 15.37 -11.77
CA LEU A 20 2.03 14.95 -11.47
C LEU A 20 2.00 13.43 -11.23
N GLY A 21 2.75 12.72 -12.07
CA GLY A 21 2.81 11.27 -11.95
C GLY A 21 3.52 10.86 -10.66
N GLU A 22 4.60 11.57 -10.35
CA GLU A 22 5.36 11.29 -9.15
C GLU A 22 4.51 11.58 -7.90
N TYR A 23 3.83 12.71 -7.95
CA TYR A 23 2.98 13.11 -6.84
C TYR A 23 1.90 12.07 -6.56
N ALA A 24 1.23 11.66 -7.63
CA ALA A 24 0.17 10.68 -7.53
C ALA A 24 0.74 9.38 -6.95
N ALA A 25 1.93 9.02 -7.43
CA ALA A 25 2.59 7.81 -6.97
C ALA A 25 2.88 7.94 -5.48
N CYS A 26 3.31 9.12 -5.08
CA CYS A 26 3.63 9.38 -3.69
C CYS A 26 2.33 9.32 -2.88
N GLN A 27 1.24 9.66 -3.55
CA GLN A 27 -0.08 9.65 -2.91
C GLN A 27 -0.49 8.21 -2.60
N SER A 28 -0.50 7.38 -3.63
CA SER A 28 -0.88 5.99 -3.47
C SER A 28 0.05 5.31 -2.45
N HIS A 29 1.31 5.71 -2.49
CA HIS A 29 2.30 5.14 -1.58
C HIS A 29 1.96 5.55 -0.15
N ALA A 30 1.60 6.82 0.01
CA ALA A 30 1.26 7.35 1.32
C ALA A 30 0.11 6.53 1.90
N PHE A 31 -0.93 6.36 1.10
CA PHE A 31 -2.09 5.60 1.52
C PHE A 31 -1.70 4.17 1.90
N MET A 32 -0.93 3.54 1.03
CA MET A 32 -0.49 2.18 1.25
C MET A 32 0.39 2.10 2.50
N LYS A 33 1.04 3.21 2.81
CA LYS A 33 1.90 3.26 3.99
C LYS A 33 1.04 3.26 5.25
N GLY A 34 0.04 4.12 5.25
CA GLY A 34 -0.86 4.23 6.39
C GLY A 34 -1.54 2.88 6.68
N VAL A 35 -2.12 2.32 5.63
CA VAL A 35 -2.79 1.04 5.75
C VAL A 35 -1.81 -0.03 6.22
N PHE A 36 -0.61 0.02 5.64
CA PHE A 36 0.43 -0.93 5.99
C PHE A 36 0.75 -0.86 7.49
N THR A 37 0.86 0.36 7.98
CA THR A 37 1.16 0.57 9.39
C THR A 37 0.00 0.10 10.26
N PHE A 38 -1.21 0.27 9.73
CA PHE A 38 -2.40 -0.13 10.44
C PHE A 38 -2.48 -1.65 10.57
N VAL A 39 -2.33 -2.32 9.45
CA VAL A 39 -2.38 -3.77 9.42
C VAL A 39 -1.17 -4.33 10.20
N THR A 40 -0.10 -3.56 10.18
CA THR A 40 1.12 -3.97 10.86
C THR A 40 0.80 -4.34 12.31
N GLY A 41 -0.32 -3.84 12.79
CA GLY A 41 -0.74 -4.11 14.16
C GLY A 41 -1.49 -5.44 14.24
N THR A 42 -1.40 -6.21 13.16
CA THR A 42 -2.07 -7.50 13.11
C THR A 42 -1.25 -8.56 13.85
N GLY A 43 -1.28 -8.45 15.17
CA GLY A 43 -0.53 -9.40 16.00
C GLY A 43 -1.21 -10.77 16.00
N MET A 44 -2.48 -10.77 15.63
CA MET A 44 -3.25 -12.01 15.58
C MET A 44 -2.48 -13.10 14.86
N ALA A 45 -1.73 -12.68 13.85
CA ALA A 45 -0.93 -13.61 13.06
C ALA A 45 0.06 -14.33 13.98
N PHE A 46 0.78 -13.54 14.75
CA PHE A 46 1.76 -14.08 15.67
C PHE A 46 1.11 -15.01 16.69
N GLY A 47 0.01 -14.52 17.27
CA GLY A 47 -0.72 -15.30 18.26
C GLY A 47 -1.01 -16.71 17.75
N LEU A 48 -1.59 -16.76 16.56
CA LEU A 48 -1.93 -18.03 15.94
C LEU A 48 -0.65 -18.84 15.71
N GLN A 49 0.38 -18.14 15.30
CA GLN A 49 1.67 -18.77 15.04
C GLN A 49 2.19 -19.45 16.31
N MET A 50 1.85 -18.85 17.44
CA MET A 50 2.28 -19.38 18.72
C MET A 50 1.44 -20.61 19.11
N PHE A 51 0.14 -20.48 18.92
CA PHE A 51 -0.78 -21.57 19.24
C PHE A 51 -0.52 -22.78 18.35
N ILE A 52 -0.20 -22.49 17.10
CA ILE A 52 0.06 -23.54 16.13
C ILE A 52 1.44 -24.18 16.43
N GLN A 53 2.42 -23.31 16.62
CA GLN A 53 3.77 -23.77 16.91
C GLN A 53 3.82 -24.42 18.30
N ARG A 54 2.81 -24.11 19.10
CA ARG A 54 2.72 -24.67 20.44
C ARG A 54 2.67 -26.19 20.39
N LYS A 55 2.31 -26.70 19.21
CA LYS A 55 2.21 -28.13 19.02
C LYS A 55 3.41 -28.62 18.22
N PHE A 56 4.13 -27.66 17.64
CA PHE A 56 5.30 -27.97 16.84
C PHE A 56 6.59 -27.76 17.64
N PRO A 57 7.59 -28.63 17.36
CA PRO A 57 8.87 -28.55 18.04
C PRO A 57 9.69 -27.37 17.51
N TYR A 58 9.13 -26.68 16.53
CA TYR A 58 9.80 -25.55 15.93
C TYR A 58 9.03 -24.25 16.23
N PRO A 59 9.75 -23.10 16.04
CA PRO A 59 9.16 -21.80 16.29
C PRO A 59 8.20 -21.41 15.16
N LEU A 60 8.63 -21.71 13.94
CA LEU A 60 7.82 -21.40 12.77
C LEU A 60 7.39 -22.70 12.09
N GLN A 61 6.16 -22.69 11.59
CA GLN A 61 5.62 -23.86 10.92
C GLN A 61 5.98 -23.83 9.43
N TRP A 62 6.10 -25.01 8.86
CA TRP A 62 6.44 -25.14 7.45
C TRP A 62 5.44 -24.30 6.65
N SER A 63 4.25 -24.14 7.23
CA SER A 63 3.21 -23.36 6.59
C SER A 63 3.58 -21.88 6.59
N LEU A 64 3.92 -21.39 7.77
CA LEU A 64 4.30 -19.99 7.92
C LEU A 64 5.67 -19.77 7.30
N LEU A 65 6.47 -20.82 7.32
CA LEU A 65 7.81 -20.77 6.75
C LEU A 65 7.71 -20.61 5.24
N VAL A 66 6.82 -21.38 4.65
CA VAL A 66 6.61 -21.34 3.21
C VAL A 66 5.90 -20.04 2.84
N ALA A 67 5.06 -19.58 3.75
CA ALA A 67 4.31 -18.36 3.53
C ALA A 67 5.25 -17.16 3.67
N VAL A 68 6.26 -17.33 4.51
CA VAL A 68 7.23 -16.28 4.74
C VAL A 68 8.23 -16.25 3.57
N VAL A 69 8.80 -17.40 3.29
CA VAL A 69 9.77 -17.52 2.21
C VAL A 69 9.08 -17.18 0.89
N ALA A 70 7.94 -17.83 0.66
CA ALA A 70 7.19 -17.61 -0.55
C ALA A 70 6.58 -16.20 -0.53
N GLY A 71 6.27 -15.75 0.68
CA GLY A 71 5.69 -14.43 0.86
C GLY A 71 6.67 -13.33 0.42
N SER A 72 7.90 -13.47 0.89
CA SER A 72 8.94 -12.51 0.56
C SER A 72 9.25 -12.56 -0.94
N VAL A 73 9.54 -13.77 -1.40
CA VAL A 73 9.86 -13.98 -2.80
C VAL A 73 8.72 -13.44 -3.67
N VAL A 74 7.50 -13.76 -3.24
CA VAL A 74 6.33 -13.32 -3.96
C VAL A 74 6.22 -11.79 -3.89
N SER A 75 6.69 -11.26 -2.77
CA SER A 75 6.66 -9.82 -2.57
C SER A 75 7.59 -9.13 -3.57
N TYR A 76 8.76 -9.73 -3.76
CA TYR A 76 9.73 -9.18 -4.68
C TYR A 76 9.21 -9.23 -6.12
N GLY A 77 8.75 -10.40 -6.51
CA GLY A 77 8.23 -10.59 -7.86
C GLY A 77 7.00 -9.70 -8.10
N VAL A 78 6.09 -9.74 -7.14
CA VAL A 78 4.87 -8.96 -7.23
C VAL A 78 5.22 -7.47 -7.15
N THR A 79 6.35 -7.20 -6.52
CA THR A 79 6.81 -5.83 -6.37
C THR A 79 7.38 -5.31 -7.69
N ARG A 80 8.03 -6.21 -8.41
CA ARG A 80 8.63 -5.86 -9.68
C ARG A 80 7.54 -5.62 -10.73
N VAL A 81 6.56 -6.51 -10.74
CA VAL A 81 5.46 -6.41 -11.68
C VAL A 81 4.54 -5.28 -11.25
N GLU A 82 4.25 -5.23 -9.95
CA GLU A 82 3.39 -4.20 -9.41
C GLU A 82 4.05 -2.83 -9.54
N SER A 83 5.37 -2.84 -9.49
CA SER A 83 6.13 -1.60 -9.61
C SER A 83 6.08 -1.08 -11.04
N GLU A 84 6.34 -2.00 -11.97
CA GLU A 84 6.32 -1.65 -13.38
C GLU A 84 4.96 -1.08 -13.77
N LYS A 85 3.91 -1.75 -13.31
CA LYS A 85 2.56 -1.32 -13.61
C LYS A 85 2.23 -0.06 -12.79
N CYS A 86 2.75 -0.04 -11.57
CA CYS A 86 2.53 1.09 -10.69
C CYS A 86 3.07 2.35 -11.37
N ASN A 87 4.24 2.20 -11.98
CA ASN A 87 4.88 3.31 -12.67
C ASN A 87 4.05 3.68 -13.90
N ASN A 88 3.72 2.66 -14.68
CA ASN A 88 2.93 2.86 -15.88
C ASN A 88 1.65 3.62 -15.53
N LEU A 89 1.08 3.25 -14.38
CA LEU A 89 -0.14 3.89 -13.92
C LEU A 89 0.14 5.37 -13.60
N TRP A 90 1.23 5.58 -12.90
CA TRP A 90 1.62 6.93 -12.52
C TRP A 90 1.77 7.76 -13.80
N LEU A 91 2.38 7.13 -14.79
CA LEU A 91 2.59 7.80 -16.08
C LEU A 91 1.23 8.21 -16.65
N PHE A 92 0.31 7.26 -16.64
CA PHE A 92 -1.02 7.52 -17.16
C PHE A 92 -1.68 8.68 -16.43
N LEU A 93 -1.61 8.63 -15.11
CA LEU A 93 -2.20 9.67 -14.27
C LEU A 93 -1.62 11.02 -14.68
N GLU A 94 -0.33 11.02 -14.98
CA GLU A 94 0.35 12.24 -15.38
C GLU A 94 -0.30 12.82 -16.64
N THR A 95 -0.79 11.92 -17.48
CA THR A 95 -1.44 12.32 -18.71
C THR A 95 -2.94 12.51 -18.49
N GLY A 96 -3.43 11.91 -17.42
CA GLY A 96 -4.84 12.00 -17.08
C GLY A 96 -5.64 10.91 -17.79
N GLN A 97 -4.91 9.92 -18.28
CA GLN A 97 -5.55 8.82 -18.98
C GLN A 97 -5.45 7.53 -18.15
N LEU A 98 -6.27 7.48 -17.11
CA LEU A 98 -6.28 6.33 -16.22
C LEU A 98 -6.64 5.08 -17.03
N PRO A 99 -6.09 3.92 -16.57
CA PRO A 99 -6.35 2.66 -17.24
C PRO A 99 -7.75 2.14 -16.93
N LYS A 100 -7.98 0.88 -17.25
CA LYS A 100 -9.27 0.26 -17.01
C LYS A 100 -9.07 -1.06 -16.28
N ASP A 101 -8.46 -0.99 -15.11
CA ASP A 101 -8.19 -2.17 -14.31
C ASP A 101 -9.26 -2.29 -13.22
N ARG A 102 -9.18 -3.38 -12.49
CA ARG A 102 -10.14 -3.62 -11.41
C ARG A 102 -9.42 -3.62 -10.06
N SER A 103 -10.22 -3.67 -9.00
CA SER A 103 -9.66 -3.67 -7.66
C SER A 103 -10.47 -4.63 -6.77
N THR A 104 -9.79 -5.15 -5.77
CA THR A 104 -10.41 -6.08 -4.84
C THR A 104 -10.57 -5.44 -3.46
N ASP A 105 -11.60 -5.88 -2.74
CA ASP A 105 -11.86 -5.37 -1.41
C ASP A 105 -11.16 -6.25 -0.37
N GLN A 106 -11.01 -5.69 0.82
CA GLN A 106 -10.36 -6.41 1.90
C GLN A 106 -10.46 -5.61 3.20
N ARG A 107 -11.08 -6.24 4.20
CA ARG A 107 -11.25 -5.60 5.49
C ARG A 107 -10.02 -5.84 6.37
N SER A 108 -9.74 -7.11 6.61
CA SER A 108 -8.61 -7.49 7.43
C SER A 108 -8.19 -8.92 7.12
N MET A 1 -16.46 30.39 13.82
CA MET A 1 -16.65 30.51 12.38
C MET A 1 -15.59 31.42 11.76
N VAL A 2 -14.78 30.83 10.90
CA VAL A 2 -13.72 31.56 10.24
C VAL A 2 -14.04 31.67 8.74
N ASN A 3 -13.68 32.80 8.17
CA ASN A 3 -13.92 33.04 6.75
C ASN A 3 -12.60 33.44 6.08
N LEU A 4 -12.00 32.47 5.40
CA LEU A 4 -10.76 32.72 4.70
C LEU A 4 -10.59 31.68 3.59
N GLY A 5 -10.57 32.18 2.36
CA GLY A 5 -10.42 31.30 1.21
C GLY A 5 -8.94 31.11 0.86
N LEU A 6 -8.20 30.61 1.84
CA LEU A 6 -6.78 30.37 1.65
C LEU A 6 -6.58 28.97 1.04
N SER A 7 -7.30 28.01 1.59
CA SER A 7 -7.21 26.64 1.12
C SER A 7 -7.69 26.56 -0.33
N ARG A 8 -8.82 27.21 -0.58
CA ARG A 8 -9.39 27.21 -1.92
C ARG A 8 -8.39 27.78 -2.93
N VAL A 9 -7.70 28.84 -2.51
CA VAL A 9 -6.72 29.49 -3.37
C VAL A 9 -5.55 28.53 -3.57
N ASP A 10 -5.21 27.81 -2.52
CA ASP A 10 -4.11 26.87 -2.58
C ASP A 10 -4.47 25.71 -3.52
N ASP A 11 -5.76 25.42 -3.57
CA ASP A 11 -6.26 24.35 -4.43
C ASP A 11 -6.29 24.85 -5.87
N ALA A 12 -6.62 26.12 -6.03
CA ALA A 12 -6.69 26.72 -7.35
C ALA A 12 -5.28 26.79 -7.94
N VAL A 13 -4.37 27.35 -7.16
CA VAL A 13 -2.98 27.48 -7.59
C VAL A 13 -2.37 26.09 -7.77
N ALA A 14 -2.77 25.18 -6.89
CA ALA A 14 -2.28 23.82 -6.94
C ALA A 14 -2.70 23.17 -8.26
N ALA A 15 -3.93 23.46 -8.66
CA ALA A 15 -4.46 22.91 -9.89
C ALA A 15 -3.75 23.57 -11.08
N LYS A 16 -3.02 24.63 -10.78
CA LYS A 16 -2.29 25.36 -11.81
C LYS A 16 -0.98 24.65 -12.11
N HIS A 17 -0.48 23.94 -11.09
CA HIS A 17 0.76 23.20 -11.24
C HIS A 17 0.50 21.71 -11.00
N PRO A 18 -0.04 21.04 -12.05
CA PRO A 18 -0.33 19.62 -11.97
C PRO A 18 0.95 18.79 -12.05
N GLY A 19 0.76 17.48 -12.15
CA GLY A 19 1.88 16.57 -12.23
C GLY A 19 1.50 15.18 -11.72
N LEU A 20 1.10 14.33 -12.65
CA LEU A 20 0.71 12.97 -12.31
C LEU A 20 1.85 12.29 -11.54
N GLY A 21 3.06 12.78 -11.78
CA GLY A 21 4.23 12.24 -11.13
C GLY A 21 4.16 12.46 -9.60
N GLU A 22 3.92 13.70 -9.23
CA GLU A 22 3.82 14.06 -7.83
C GLU A 22 2.64 13.34 -7.18
N TYR A 23 1.59 13.16 -7.97
CA TYR A 23 0.40 12.49 -7.49
C TYR A 23 0.66 11.00 -7.26
N ALA A 24 1.35 10.40 -8.21
CA ALA A 24 1.67 8.98 -8.13
C ALA A 24 2.51 8.73 -6.88
N ALA A 25 3.54 9.57 -6.72
CA ALA A 25 4.43 9.44 -5.58
C ALA A 25 3.61 9.57 -4.28
N CYS A 26 2.77 10.60 -4.25
CA CYS A 26 1.93 10.83 -3.09
C CYS A 26 1.01 9.63 -2.90
N GLN A 27 0.70 8.99 -4.01
CA GLN A 27 -0.18 7.83 -3.99
C GLN A 27 0.55 6.63 -3.37
N SER A 28 1.83 6.51 -3.70
CA SER A 28 2.64 5.43 -3.18
C SER A 28 2.81 5.59 -1.67
N HIS A 29 3.06 6.82 -1.25
CA HIS A 29 3.25 7.11 0.16
C HIS A 29 1.97 6.81 0.92
N ALA A 30 0.86 7.32 0.39
CA ALA A 30 -0.44 7.11 1.01
C ALA A 30 -0.70 5.61 1.14
N PHE A 31 -0.55 4.91 0.03
CA PHE A 31 -0.76 3.47 0.01
C PHE A 31 0.13 2.77 1.04
N MET A 32 1.38 3.21 1.09
CA MET A 32 2.34 2.64 2.02
C MET A 32 1.84 2.76 3.45
N LYS A 33 1.46 3.98 3.81
CA LYS A 33 0.97 4.25 5.16
C LYS A 33 -0.19 3.30 5.47
N GLY A 34 -1.12 3.23 4.54
CA GLY A 34 -2.28 2.37 4.70
C GLY A 34 -1.86 0.90 4.83
N VAL A 35 -0.86 0.54 4.06
CA VAL A 35 -0.35 -0.82 4.07
C VAL A 35 0.24 -1.13 5.45
N PHE A 36 0.89 -0.12 6.02
CA PHE A 36 1.49 -0.27 7.33
C PHE A 36 0.43 -0.47 8.41
N THR A 37 -0.59 0.38 8.36
CA THR A 37 -1.67 0.30 9.33
C THR A 37 -2.37 -1.06 9.24
N PHE A 38 -2.51 -1.54 8.01
CA PHE A 38 -3.15 -2.82 7.77
C PHE A 38 -2.23 -3.98 8.17
N VAL A 39 -0.95 -3.79 7.91
CA VAL A 39 0.04 -4.80 8.24
C VAL A 39 -0.01 -5.09 9.73
N THR A 40 0.01 -4.03 10.52
CA THR A 40 -0.03 -4.16 11.97
C THR A 40 -1.23 -5.00 12.38
N GLY A 41 -2.30 -4.31 12.75
CA GLY A 41 -3.52 -4.97 13.18
C GLY A 41 -3.26 -5.86 14.39
N THR A 42 -2.10 -5.66 15.00
CA THR A 42 -1.73 -6.43 16.17
C THR A 42 -1.50 -7.90 15.79
N GLY A 43 -0.50 -8.11 14.95
CA GLY A 43 -0.17 -9.44 14.49
C GLY A 43 0.01 -10.39 15.68
N MET A 44 0.25 -9.80 16.84
CA MET A 44 0.44 -10.58 18.05
C MET A 44 -0.48 -11.80 18.07
N ALA A 45 -1.74 -11.56 17.78
CA ALA A 45 -2.73 -12.62 17.76
C ALA A 45 -2.28 -13.71 16.78
N PHE A 46 -1.95 -13.26 15.57
CA PHE A 46 -1.50 -14.18 14.53
C PHE A 46 -0.22 -14.90 14.96
N GLY A 47 0.59 -14.21 15.74
CA GLY A 47 1.83 -14.77 16.21
C GLY A 47 1.59 -15.99 17.10
N LEU A 48 0.75 -15.78 18.12
CA LEU A 48 0.42 -16.85 19.05
C LEU A 48 -0.23 -18.00 18.28
N GLN A 49 -1.21 -17.64 17.46
CA GLN A 49 -1.92 -18.64 16.67
C GLN A 49 -0.95 -19.42 15.80
N MET A 50 0.02 -18.69 15.24
CA MET A 50 1.02 -19.30 14.39
C MET A 50 1.90 -20.27 15.18
N PHE A 51 2.30 -19.82 16.35
CA PHE A 51 3.15 -20.63 17.21
C PHE A 51 2.47 -21.98 17.52
N ILE A 52 1.20 -21.90 17.89
CA ILE A 52 0.44 -23.09 18.21
C ILE A 52 0.11 -23.85 16.93
N GLN A 53 0.01 -23.09 15.84
CA GLN A 53 -0.29 -23.67 14.55
C GLN A 53 0.94 -24.36 13.97
N ARG A 54 2.09 -24.00 14.52
CA ARG A 54 3.35 -24.58 14.07
C ARG A 54 3.49 -26.01 14.57
N LYS A 55 2.49 -26.44 15.33
CA LYS A 55 2.49 -27.78 15.88
C LYS A 55 1.96 -28.76 14.84
N PHE A 56 1.54 -28.20 13.71
CA PHE A 56 1.00 -29.00 12.63
C PHE A 56 2.12 -29.55 11.75
N PRO A 57 1.91 -30.79 11.23
CA PRO A 57 2.89 -31.42 10.37
C PRO A 57 2.88 -30.79 8.97
N TYR A 58 2.01 -29.81 8.80
CA TYR A 58 1.89 -29.12 7.53
C TYR A 58 2.84 -27.92 7.46
N PRO A 59 3.23 -27.58 6.21
CA PRO A 59 4.13 -26.46 5.99
C PRO A 59 3.39 -25.12 6.17
N LEU A 60 2.30 -24.98 5.44
CA LEU A 60 1.51 -23.77 5.51
C LEU A 60 0.61 -23.82 6.76
N GLN A 61 0.44 -22.66 7.37
CA GLN A 61 -0.37 -22.55 8.56
C GLN A 61 -1.82 -22.24 8.20
N TRP A 62 -2.72 -22.59 9.11
CA TRP A 62 -4.14 -22.35 8.88
C TRP A 62 -4.38 -20.84 8.94
N SER A 63 -3.67 -20.19 9.83
CA SER A 63 -3.80 -18.75 10.00
C SER A 63 -3.25 -18.03 8.76
N LEU A 64 -2.08 -18.49 8.32
CA LEU A 64 -1.44 -17.91 7.15
C LEU A 64 -2.18 -18.36 5.89
N LEU A 65 -2.74 -19.56 5.97
CA LEU A 65 -3.47 -20.12 4.85
C LEU A 65 -4.78 -19.34 4.65
N VAL A 66 -5.44 -19.06 5.77
CA VAL A 66 -6.68 -18.32 5.74
C VAL A 66 -6.41 -16.86 5.40
N ALA A 67 -5.25 -16.39 5.86
CA ALA A 67 -4.85 -15.02 5.61
C ALA A 67 -4.46 -14.86 4.14
N VAL A 68 -3.96 -15.95 3.57
CA VAL A 68 -3.54 -15.93 2.18
C VAL A 68 -4.78 -16.05 1.28
N VAL A 69 -5.57 -17.08 1.56
CA VAL A 69 -6.78 -17.31 0.79
C VAL A 69 -7.73 -16.12 0.95
N ALA A 70 -7.95 -15.75 2.21
CA ALA A 70 -8.83 -14.63 2.52
C ALA A 70 -8.16 -13.34 2.06
N GLY A 71 -6.84 -13.31 2.16
CA GLY A 71 -6.08 -12.13 1.76
C GLY A 71 -6.19 -11.90 0.25
N SER A 72 -6.21 -13.00 -0.49
CA SER A 72 -6.30 -12.93 -1.93
C SER A 72 -7.71 -12.48 -2.34
N VAL A 73 -8.69 -13.21 -1.83
CA VAL A 73 -10.08 -12.91 -2.13
C VAL A 73 -10.38 -11.46 -1.75
N VAL A 74 -10.04 -11.13 -0.51
CA VAL A 74 -10.27 -9.79 0.00
C VAL A 74 -9.40 -8.80 -0.79
N SER A 75 -8.26 -9.29 -1.25
CA SER A 75 -7.34 -8.47 -2.01
C SER A 75 -7.98 -8.08 -3.34
N TYR A 76 -8.58 -9.07 -3.99
CA TYR A 76 -9.23 -8.84 -5.27
C TYR A 76 -10.41 -7.88 -5.12
N GLY A 77 -11.29 -8.21 -4.17
CA GLY A 77 -12.46 -7.37 -3.92
C GLY A 77 -12.05 -5.97 -3.50
N VAL A 78 -11.15 -5.91 -2.53
CA VAL A 78 -10.67 -4.63 -2.03
C VAL A 78 -9.91 -3.90 -3.14
N THR A 79 -9.34 -4.69 -4.03
CA THR A 79 -8.59 -4.13 -5.14
C THR A 79 -9.53 -3.47 -6.15
N ARG A 80 -10.70 -4.09 -6.32
CA ARG A 80 -11.69 -3.58 -7.24
C ARG A 80 -12.31 -2.29 -6.69
N VAL A 81 -12.62 -2.31 -5.41
CA VAL A 81 -13.22 -1.16 -4.76
C VAL A 81 -12.18 -0.05 -4.66
N GLU A 82 -11.01 -0.41 -4.17
CA GLU A 82 -9.93 0.55 -4.02
C GLU A 82 -9.49 1.08 -5.39
N SER A 83 -9.53 0.19 -6.37
CA SER A 83 -9.15 0.55 -7.73
C SER A 83 -10.08 1.65 -8.26
N GLU A 84 -11.38 1.37 -8.17
CA GLU A 84 -12.37 2.32 -8.64
C GLU A 84 -12.20 3.67 -7.93
N LYS A 85 -11.95 3.59 -6.62
CA LYS A 85 -11.77 4.79 -5.82
C LYS A 85 -10.46 5.47 -6.23
N CYS A 86 -9.49 4.66 -6.62
CA CYS A 86 -8.20 5.17 -7.04
C CYS A 86 -8.39 5.92 -8.36
N ASN A 87 -9.18 5.33 -9.23
CA ASN A 87 -9.45 5.94 -10.52
C ASN A 87 -10.13 7.29 -10.31
N ASN A 88 -11.15 7.28 -9.48
CA ASN A 88 -11.88 8.50 -9.18
C ASN A 88 -10.95 9.52 -8.52
N LEU A 89 -10.07 9.00 -7.67
CA LEU A 89 -9.12 9.84 -6.97
C LEU A 89 -8.23 10.55 -7.99
N TRP A 90 -7.78 9.77 -8.98
CA TRP A 90 -6.92 10.32 -10.02
C TRP A 90 -7.69 11.41 -10.74
N LEU A 91 -8.95 11.13 -11.01
CA LEU A 91 -9.80 12.08 -11.71
C LEU A 91 -9.89 13.37 -10.88
N PHE A 92 -9.91 13.19 -9.57
CA PHE A 92 -9.99 14.33 -8.66
C PHE A 92 -8.65 15.05 -8.57
N LEU A 93 -7.58 14.28 -8.70
CA LEU A 93 -6.24 14.84 -8.64
C LEU A 93 -6.04 15.80 -9.81
N GLU A 94 -6.45 15.35 -10.99
CA GLU A 94 -6.33 16.17 -12.19
C GLU A 94 -7.14 17.45 -12.04
N THR A 95 -8.11 17.40 -11.13
CA THR A 95 -8.97 18.55 -10.89
C THR A 95 -8.37 19.45 -9.82
N GLY A 96 -7.21 19.04 -9.32
CA GLY A 96 -6.53 19.80 -8.29
C GLY A 96 -7.10 19.50 -6.91
N GLN A 97 -7.99 18.51 -6.87
CA GLN A 97 -8.62 18.12 -5.62
C GLN A 97 -7.76 17.07 -4.90
N LEU A 98 -6.94 17.57 -3.99
CA LEU A 98 -6.07 16.70 -3.22
C LEU A 98 -6.88 15.99 -2.14
N PRO A 99 -6.44 14.75 -1.80
CA PRO A 99 -7.12 13.96 -0.79
C PRO A 99 -6.81 14.49 0.62
N LYS A 100 -5.56 14.32 1.02
CA LYS A 100 -5.13 14.77 2.33
C LYS A 100 -3.61 14.78 2.39
N ASP A 101 -3.07 15.73 3.15
CA ASP A 101 -1.63 15.86 3.30
C ASP A 101 -1.29 16.06 4.77
N ARG A 102 -0.65 15.05 5.34
CA ARG A 102 -0.25 15.11 6.74
C ARG A 102 0.30 13.75 7.20
N SER A 103 0.89 13.77 8.38
CA SER A 103 1.47 12.55 8.94
C SER A 103 2.61 12.06 8.05
N THR A 104 3.76 11.87 8.67
CA THR A 104 4.94 11.41 7.96
C THR A 104 6.07 11.11 8.93
N ASP A 105 6.62 9.91 8.80
CA ASP A 105 7.72 9.49 9.66
C ASP A 105 8.67 8.59 8.87
N GLN A 106 9.85 8.39 9.44
CA GLN A 106 10.86 7.56 8.79
C GLN A 106 11.06 6.26 9.58
N ARG A 107 11.83 5.36 8.99
CA ARG A 107 12.11 4.09 9.62
C ARG A 107 13.52 4.09 10.23
N SER A 108 14.49 4.39 9.38
CA SER A 108 15.88 4.42 9.82
C SER A 108 16.06 5.54 10.85
N MET A 1 -19.90 21.12 6.53
CA MET A 1 -18.76 21.12 5.64
C MET A 1 -19.20 21.13 4.17
N VAL A 2 -18.24 21.37 3.29
CA VAL A 2 -18.52 21.39 1.87
C VAL A 2 -17.58 20.44 1.14
N ASN A 3 -18.15 19.69 0.21
CA ASN A 3 -17.38 18.74 -0.56
C ASN A 3 -16.93 19.39 -1.88
N LEU A 4 -15.97 18.74 -2.53
CA LEU A 4 -15.45 19.24 -3.79
C LEU A 4 -14.36 18.30 -4.30
N GLY A 5 -14.54 17.86 -5.54
CA GLY A 5 -13.58 16.95 -6.15
C GLY A 5 -12.49 17.73 -6.88
N LEU A 6 -11.55 18.25 -6.09
CA LEU A 6 -10.46 19.02 -6.64
C LEU A 6 -9.32 18.07 -7.05
N SER A 7 -9.62 16.77 -6.95
CA SER A 7 -8.64 15.76 -7.30
C SER A 7 -8.32 15.84 -8.79
N ARG A 8 -9.36 15.85 -9.60
CA ARG A 8 -9.18 15.92 -11.04
C ARG A 8 -8.40 17.18 -11.41
N VAL A 9 -8.64 18.24 -10.65
CA VAL A 9 -7.96 19.51 -10.89
C VAL A 9 -6.49 19.37 -10.51
N ASP A 10 -6.26 18.71 -9.38
CA ASP A 10 -4.91 18.50 -8.88
C ASP A 10 -4.14 17.62 -9.88
N ASP A 11 -4.85 16.65 -10.43
CA ASP A 11 -4.26 15.73 -11.38
C ASP A 11 -3.84 16.51 -12.63
N ALA A 12 -4.79 17.25 -13.17
CA ALA A 12 -4.54 18.04 -14.36
C ALA A 12 -3.30 18.91 -14.14
N VAL A 13 -3.26 19.54 -12.98
CA VAL A 13 -2.15 20.41 -12.63
C VAL A 13 -0.88 19.57 -12.49
N ALA A 14 -1.06 18.37 -11.95
CA ALA A 14 0.05 17.46 -11.77
C ALA A 14 0.64 17.08 -13.13
N ALA A 15 -0.22 17.08 -14.13
CA ALA A 15 0.20 16.74 -15.49
C ALA A 15 1.08 17.87 -16.03
N LYS A 16 0.85 19.06 -15.50
CA LYS A 16 1.61 20.23 -15.94
C LYS A 16 2.91 20.30 -15.14
N HIS A 17 2.92 19.58 -14.02
CA HIS A 17 4.10 19.56 -13.17
C HIS A 17 4.87 18.26 -13.39
N PRO A 18 6.22 18.39 -13.41
CA PRO A 18 7.08 17.23 -13.61
C PRO A 18 7.15 16.37 -12.34
N GLY A 19 6.82 15.10 -12.51
CA GLY A 19 6.84 14.17 -11.40
C GLY A 19 5.43 13.73 -11.02
N LEU A 20 4.63 13.49 -12.05
CA LEU A 20 3.25 13.06 -11.85
C LEU A 20 3.25 11.69 -11.19
N GLY A 21 3.94 10.75 -11.82
CA GLY A 21 4.03 9.40 -11.31
C GLY A 21 4.54 9.38 -9.88
N GLU A 22 5.47 10.30 -9.60
CA GLU A 22 6.05 10.40 -8.28
C GLU A 22 4.99 10.83 -7.26
N TYR A 23 4.25 11.87 -7.63
CA TYR A 23 3.20 12.38 -6.76
C TYR A 23 2.12 11.32 -6.50
N ALA A 24 1.70 10.70 -7.59
CA ALA A 24 0.67 9.66 -7.50
C ALA A 24 1.18 8.52 -6.61
N ALA A 25 2.41 8.11 -6.89
CA ALA A 25 3.02 7.03 -6.13
C ALA A 25 3.12 7.44 -4.67
N CYS A 26 3.46 8.70 -4.46
CA CYS A 26 3.58 9.23 -3.11
C CYS A 26 2.20 9.23 -2.45
N GLN A 27 1.18 9.36 -3.30
CA GLN A 27 -0.19 9.38 -2.83
C GLN A 27 -0.60 7.99 -2.34
N SER A 28 -0.54 7.04 -3.27
CA SER A 28 -0.90 5.67 -2.95
C SER A 28 0.05 5.11 -1.89
N HIS A 29 1.23 5.71 -1.81
CA HIS A 29 2.23 5.28 -0.85
C HIS A 29 1.79 5.71 0.55
N ALA A 30 1.42 6.97 0.67
CA ALA A 30 0.99 7.51 1.94
C ALA A 30 -0.23 6.73 2.45
N PHE A 31 -1.23 6.63 1.57
CA PHE A 31 -2.44 5.91 1.90
C PHE A 31 -2.15 4.47 2.28
N MET A 32 -1.31 3.83 1.47
CA MET A 32 -0.93 2.45 1.72
C MET A 32 -0.13 2.32 3.02
N LYS A 33 0.58 3.38 3.34
CA LYS A 33 1.39 3.40 4.55
C LYS A 33 0.46 3.38 5.78
N GLY A 34 -0.53 4.27 5.74
CA GLY A 34 -1.48 4.36 6.84
C GLY A 34 -2.24 3.05 7.02
N VAL A 35 -2.79 2.56 5.92
CA VAL A 35 -3.54 1.31 5.96
C VAL A 35 -2.59 0.16 6.32
N PHE A 36 -1.34 0.31 5.92
CA PHE A 36 -0.34 -0.70 6.20
C PHE A 36 -0.04 -0.78 7.69
N THR A 37 0.15 0.39 8.29
CA THR A 37 0.43 0.47 9.71
C THR A 37 -0.76 -0.04 10.53
N PHE A 38 -1.95 0.29 10.05
CA PHE A 38 -3.17 -0.10 10.72
C PHE A 38 -3.36 -1.62 10.63
N VAL A 39 -3.33 -2.12 9.40
CA VAL A 39 -3.50 -3.55 9.16
C VAL A 39 -2.38 -4.31 9.87
N THR A 40 -1.24 -3.66 9.98
CA THR A 40 -0.08 -4.26 10.62
C THR A 40 -0.31 -4.38 12.13
N GLY A 41 -1.42 -3.81 12.57
CA GLY A 41 -1.78 -3.84 13.98
C GLY A 41 -2.52 -5.13 14.33
N THR A 42 -2.47 -6.07 13.40
CA THR A 42 -3.14 -7.36 13.60
C THR A 42 -2.14 -8.50 13.44
N GLY A 43 -0.88 -8.17 13.65
CA GLY A 43 0.18 -9.17 13.53
C GLY A 43 0.14 -10.16 14.69
N MET A 44 -0.41 -9.70 15.81
CA MET A 44 -0.53 -10.52 16.99
C MET A 44 -1.14 -11.89 16.65
N ALA A 45 -2.26 -11.83 15.92
CA ALA A 45 -2.95 -13.03 15.52
C ALA A 45 -1.96 -14.01 14.87
N PHE A 46 -1.14 -13.45 13.98
CA PHE A 46 -0.14 -14.25 13.29
C PHE A 46 0.83 -14.88 14.28
N GLY A 47 1.31 -14.07 15.20
CA GLY A 47 2.25 -14.54 16.22
C GLY A 47 1.69 -15.77 16.94
N LEU A 48 0.45 -15.64 17.39
CA LEU A 48 -0.20 -16.73 18.10
C LEU A 48 -0.25 -17.97 17.21
N GLN A 49 -0.70 -17.74 15.98
CA GLN A 49 -0.80 -18.83 15.01
C GLN A 49 0.56 -19.51 14.82
N MET A 50 1.60 -18.67 14.82
CA MET A 50 2.95 -19.19 14.65
C MET A 50 3.35 -20.10 15.81
N PHE A 51 3.04 -19.64 17.02
CA PHE A 51 3.35 -20.40 18.21
C PHE A 51 2.64 -21.75 18.20
N ILE A 52 1.37 -21.72 17.80
CA ILE A 52 0.58 -22.94 17.74
C ILE A 52 1.10 -23.83 16.61
N GLN A 53 1.46 -23.19 15.51
CA GLN A 53 1.97 -23.91 14.36
C GLN A 53 3.31 -24.57 14.70
N ARG A 54 4.05 -23.91 15.57
CA ARG A 54 5.34 -24.44 15.99
C ARG A 54 5.16 -25.70 16.82
N LYS A 55 3.91 -25.98 17.16
CA LYS A 55 3.59 -27.15 17.95
C LYS A 55 2.96 -28.22 17.04
N PHE A 56 2.65 -27.80 15.82
CA PHE A 56 2.05 -28.69 14.85
C PHE A 56 3.10 -29.30 13.92
N PRO A 57 2.85 -30.58 13.54
CA PRO A 57 3.78 -31.28 12.66
C PRO A 57 3.66 -30.78 11.22
N TYR A 58 4.04 -29.53 11.02
CA TYR A 58 3.98 -28.92 9.71
C TYR A 58 5.26 -29.18 8.92
N PRO A 59 5.15 -29.02 7.58
CA PRO A 59 6.29 -29.22 6.70
C PRO A 59 7.28 -28.05 6.80
N LEU A 60 6.73 -26.88 7.10
CA LEU A 60 7.54 -25.69 7.22
C LEU A 60 8.18 -25.65 8.61
N GLN A 61 9.44 -25.25 8.63
CA GLN A 61 10.18 -25.16 9.89
C GLN A 61 9.97 -23.79 10.53
N TRP A 62 10.17 -23.76 11.85
CA TRP A 62 10.01 -22.52 12.59
C TRP A 62 10.80 -21.42 11.87
N SER A 63 11.92 -21.83 11.30
CA SER A 63 12.77 -20.90 10.58
C SER A 63 12.03 -20.35 9.36
N LEU A 64 11.28 -21.23 8.72
CA LEU A 64 10.52 -20.85 7.54
C LEU A 64 9.43 -19.85 7.94
N LEU A 65 8.69 -20.20 8.97
CA LEU A 65 7.63 -19.35 9.46
C LEU A 65 8.22 -18.01 9.93
N VAL A 66 9.41 -18.09 10.47
CA VAL A 66 10.10 -16.91 10.95
C VAL A 66 10.57 -16.07 9.76
N ALA A 67 10.95 -16.77 8.71
CA ALA A 67 11.43 -16.12 7.50
C ALA A 67 10.24 -15.50 6.77
N VAL A 68 9.09 -16.12 6.93
CA VAL A 68 7.88 -15.65 6.29
C VAL A 68 7.39 -14.39 7.00
N VAL A 69 7.24 -14.49 8.32
CA VAL A 69 6.80 -13.37 9.12
C VAL A 69 7.84 -12.26 9.06
N ALA A 70 9.08 -12.65 9.32
CA ALA A 70 10.18 -11.70 9.30
C ALA A 70 10.33 -11.12 7.89
N GLY A 71 10.05 -11.96 6.91
CA GLY A 71 10.16 -11.56 5.52
C GLY A 71 9.06 -10.55 5.16
N SER A 72 7.91 -10.71 5.81
CA SER A 72 6.79 -9.83 5.57
C SER A 72 7.07 -8.45 6.16
N VAL A 73 7.44 -8.45 7.43
CA VAL A 73 7.75 -7.20 8.12
C VAL A 73 8.93 -6.53 7.44
N VAL A 74 9.99 -7.30 7.26
CA VAL A 74 11.19 -6.78 6.63
C VAL A 74 10.86 -6.34 5.20
N SER A 75 9.93 -7.06 4.60
CA SER A 75 9.50 -6.76 3.24
C SER A 75 8.93 -5.35 3.17
N TYR A 76 8.03 -5.06 4.10
CA TYR A 76 7.40 -3.75 4.15
C TYR A 76 8.44 -2.66 4.42
N GLY A 77 9.27 -2.90 5.42
CA GLY A 77 10.30 -1.95 5.78
C GLY A 77 11.22 -1.65 4.60
N VAL A 78 11.68 -2.72 3.96
CA VAL A 78 12.56 -2.59 2.82
C VAL A 78 11.78 -1.98 1.65
N THR A 79 10.47 -2.18 1.69
CA THR A 79 9.60 -1.67 0.64
C THR A 79 9.44 -0.16 0.77
N ARG A 80 9.43 0.30 2.01
CA ARG A 80 9.29 1.72 2.29
C ARG A 80 10.60 2.46 1.98
N VAL A 81 11.70 1.85 2.42
CA VAL A 81 13.00 2.43 2.20
C VAL A 81 13.38 2.31 0.72
N GLU A 82 13.00 1.18 0.14
CA GLU A 82 13.28 0.92 -1.26
C GLU A 82 12.32 1.72 -2.15
N SER A 83 11.15 2.01 -1.60
CA SER A 83 10.15 2.76 -2.33
C SER A 83 10.56 4.24 -2.41
N GLU A 84 11.04 4.75 -1.28
CA GLU A 84 11.47 6.13 -1.22
C GLU A 84 12.75 6.33 -2.03
N LYS A 85 13.68 5.40 -1.85
CA LYS A 85 14.93 5.46 -2.57
C LYS A 85 14.70 5.23 -4.06
N CYS A 86 13.89 4.21 -4.35
CA CYS A 86 13.57 3.88 -5.72
C CYS A 86 12.80 5.05 -6.33
N ASN A 87 12.00 5.70 -5.50
CA ASN A 87 11.21 6.83 -5.95
C ASN A 87 12.14 7.96 -6.40
N ASN A 88 13.12 8.25 -5.55
CA ASN A 88 14.09 9.30 -5.85
C ASN A 88 14.80 8.95 -7.16
N LEU A 89 15.19 7.69 -7.28
CA LEU A 89 15.89 7.23 -8.47
C LEU A 89 15.00 7.49 -9.70
N TRP A 90 13.74 7.12 -9.57
CA TRP A 90 12.79 7.31 -10.65
C TRP A 90 12.69 8.81 -10.94
N LEU A 91 12.69 9.59 -9.87
CA LEU A 91 12.60 11.04 -10.00
C LEU A 91 13.79 11.55 -10.80
N PHE A 92 14.92 10.88 -10.61
CA PHE A 92 16.13 11.26 -11.32
C PHE A 92 16.08 10.81 -12.78
N LEU A 93 15.60 9.60 -12.98
CA LEU A 93 15.49 9.05 -14.32
C LEU A 93 14.68 10.00 -15.20
N GLU A 94 13.56 10.46 -14.64
CA GLU A 94 12.69 11.38 -15.36
C GLU A 94 13.41 12.70 -15.61
N THR A 95 14.52 12.88 -14.90
CA THR A 95 15.30 14.11 -15.04
C THR A 95 16.35 13.94 -16.14
N GLY A 96 16.47 12.70 -16.62
CA GLY A 96 17.42 12.40 -17.67
C GLY A 96 18.76 11.95 -17.08
N GLN A 97 18.70 11.50 -15.84
CA GLN A 97 19.90 11.04 -15.14
C GLN A 97 20.24 9.61 -15.57
N LEU A 98 21.33 9.10 -15.01
CA LEU A 98 21.77 7.76 -15.31
C LEU A 98 20.61 6.79 -15.09
N PRO A 99 20.62 5.69 -15.89
CA PRO A 99 19.59 4.68 -15.80
C PRO A 99 19.78 3.80 -14.56
N LYS A 100 18.94 2.79 -14.44
CA LYS A 100 19.01 1.88 -13.31
C LYS A 100 18.37 0.54 -13.70
N ASP A 101 19.23 -0.45 -13.89
CA ASP A 101 18.77 -1.78 -14.26
C ASP A 101 19.14 -2.76 -13.16
N ARG A 102 18.69 -4.00 -13.34
CA ARG A 102 18.96 -5.05 -12.37
C ARG A 102 18.31 -4.70 -11.02
N SER A 103 17.54 -5.64 -10.51
CA SER A 103 16.86 -5.45 -9.23
C SER A 103 15.84 -6.56 -9.02
N THR A 104 14.77 -6.50 -9.79
CA THR A 104 13.71 -7.48 -9.69
C THR A 104 13.40 -7.80 -8.23
N ASP A 105 12.56 -6.97 -7.63
CA ASP A 105 12.18 -7.14 -6.24
C ASP A 105 10.70 -7.54 -6.17
N GLN A 106 10.47 -8.76 -5.69
CA GLN A 106 9.12 -9.26 -5.56
C GLN A 106 8.24 -8.27 -4.80
N ARG A 107 6.96 -8.32 -5.09
CA ARG A 107 6.01 -7.43 -4.45
C ARG A 107 4.69 -8.16 -4.16
N SER A 108 4.29 -8.12 -2.90
CA SER A 108 3.06 -8.78 -2.49
C SER A 108 2.35 -7.94 -1.41
N MET A 1 -24.02 9.39 -8.64
CA MET A 1 -22.66 9.10 -9.03
C MET A 1 -22.07 10.24 -9.85
N VAL A 2 -21.05 10.88 -9.27
CA VAL A 2 -20.40 12.00 -9.94
C VAL A 2 -18.89 11.90 -9.71
N ASN A 3 -18.14 12.09 -10.79
CA ASN A 3 -16.69 12.02 -10.72
C ASN A 3 -16.27 10.64 -10.23
N LEU A 4 -15.63 9.91 -11.13
CA LEU A 4 -15.16 8.57 -10.80
C LEU A 4 -14.36 8.00 -11.98
N GLY A 5 -15.05 7.84 -13.10
CA GLY A 5 -14.41 7.33 -14.29
C GLY A 5 -13.44 8.35 -14.90
N LEU A 6 -13.90 9.59 -14.92
CA LEU A 6 -13.09 10.67 -15.46
C LEU A 6 -11.83 10.83 -14.62
N SER A 7 -12.02 10.72 -13.31
CA SER A 7 -10.91 10.85 -12.38
C SER A 7 -9.95 9.67 -12.54
N ARG A 8 -10.53 8.49 -12.64
CA ARG A 8 -9.72 7.28 -12.79
C ARG A 8 -8.88 7.37 -14.07
N VAL A 9 -9.51 7.88 -15.11
CA VAL A 9 -8.83 8.03 -16.40
C VAL A 9 -7.77 9.13 -16.28
N ASP A 10 -8.11 10.16 -15.53
CA ASP A 10 -7.21 11.28 -15.34
C ASP A 10 -5.99 10.82 -14.55
N ASP A 11 -6.22 9.86 -13.66
CA ASP A 11 -5.16 9.32 -12.84
C ASP A 11 -4.30 8.36 -13.68
N ALA A 12 -4.99 7.61 -14.53
CA ALA A 12 -4.31 6.66 -15.39
C ALA A 12 -3.34 7.40 -16.30
N VAL A 13 -3.86 8.43 -16.96
CA VAL A 13 -3.04 9.22 -17.86
C VAL A 13 -2.01 10.01 -17.05
N ALA A 14 -2.45 10.48 -15.89
CA ALA A 14 -1.58 11.24 -15.01
C ALA A 14 -0.33 10.42 -14.70
N ALA A 15 -0.55 9.14 -14.44
CA ALA A 15 0.54 8.24 -14.11
C ALA A 15 1.38 8.00 -15.38
N LYS A 16 0.76 8.26 -16.52
CA LYS A 16 1.44 8.07 -17.79
C LYS A 16 2.29 9.30 -18.09
N HIS A 17 1.86 10.43 -17.57
CA HIS A 17 2.57 11.68 -17.77
C HIS A 17 3.58 11.89 -16.65
N PRO A 18 4.78 12.38 -17.03
CA PRO A 18 5.84 12.63 -16.05
C PRO A 18 5.55 13.89 -15.23
N GLY A 19 5.49 13.70 -13.93
CA GLY A 19 5.22 14.80 -13.02
C GLY A 19 4.11 14.44 -12.04
N LEU A 20 2.94 14.14 -12.60
CA LEU A 20 1.79 13.78 -11.78
C LEU A 20 2.07 12.44 -11.08
N GLY A 21 2.73 11.56 -11.81
CA GLY A 21 3.06 10.25 -11.29
C GLY A 21 3.78 10.36 -9.95
N GLU A 22 4.59 11.40 -9.84
CA GLU A 22 5.35 11.64 -8.62
C GLU A 22 4.40 11.92 -7.45
N TYR A 23 3.40 12.75 -7.72
CA TYR A 23 2.42 13.10 -6.72
C TYR A 23 1.53 11.91 -6.37
N ALA A 24 1.02 11.26 -7.41
CA ALA A 24 0.16 10.11 -7.23
C ALA A 24 0.96 8.97 -6.58
N ALA A 25 2.27 9.03 -6.78
CA ALA A 25 3.15 8.02 -6.21
C ALA A 25 3.29 8.24 -4.71
N CYS A 26 3.56 9.49 -4.34
CA CYS A 26 3.71 9.84 -2.94
C CYS A 26 2.37 9.63 -2.24
N GLN A 27 1.30 9.79 -3.02
CA GLN A 27 -0.04 9.61 -2.48
C GLN A 27 -0.30 8.13 -2.18
N SER A 28 -0.15 7.32 -3.22
CA SER A 28 -0.37 5.89 -3.08
C SER A 28 0.61 5.30 -2.06
N HIS A 29 1.81 5.88 -2.04
CA HIS A 29 2.84 5.42 -1.13
C HIS A 29 2.39 5.67 0.31
N ALA A 30 1.93 6.88 0.55
CA ALA A 30 1.47 7.27 1.88
C ALA A 30 0.36 6.31 2.32
N PHE A 31 -0.60 6.11 1.43
CA PHE A 31 -1.72 5.23 1.71
C PHE A 31 -1.23 3.79 1.94
N MET A 32 -0.22 3.42 1.18
CA MET A 32 0.34 2.08 1.28
C MET A 32 0.90 1.83 2.68
N LYS A 33 1.62 2.83 3.18
CA LYS A 33 2.22 2.74 4.49
C LYS A 33 1.12 2.70 5.56
N GLY A 34 0.12 3.55 5.35
CA GLY A 34 -1.01 3.62 6.28
C GLY A 34 -1.70 2.26 6.41
N VAL A 35 -2.06 1.71 5.25
CA VAL A 35 -2.73 0.41 5.23
C VAL A 35 -1.78 -0.65 5.79
N PHE A 36 -0.50 -0.46 5.54
CA PHE A 36 0.50 -1.39 6.02
C PHE A 36 0.59 -1.37 7.55
N THR A 37 0.55 -0.17 8.10
CA THR A 37 0.61 0.00 9.54
C THR A 37 -0.65 -0.57 10.20
N PHE A 38 -1.77 -0.36 9.54
CA PHE A 38 -3.04 -0.85 10.05
C PHE A 38 -3.16 -2.36 9.89
N VAL A 39 -2.62 -2.86 8.78
CA VAL A 39 -2.65 -4.28 8.51
C VAL A 39 -1.76 -5.02 9.51
N THR A 40 -0.63 -4.40 9.81
CA THR A 40 0.31 -4.98 10.76
C THR A 40 -0.10 -4.66 12.19
N GLY A 41 -1.28 -4.05 12.31
CA GLY A 41 -1.79 -3.67 13.61
C GLY A 41 -2.48 -4.86 14.29
N THR A 42 -2.64 -5.92 13.53
CA THR A 42 -3.28 -7.13 14.04
C THR A 42 -2.40 -8.35 13.77
N GLY A 43 -1.09 -8.13 13.88
CA GLY A 43 -0.14 -9.20 13.66
C GLY A 43 -0.16 -10.21 14.82
N MET A 44 -0.65 -9.74 15.96
CA MET A 44 -0.73 -10.58 17.14
C MET A 44 -1.42 -11.91 16.82
N ALA A 45 -2.53 -11.81 16.09
CA ALA A 45 -3.29 -12.98 15.71
C ALA A 45 -2.35 -14.01 15.08
N PHE A 46 -1.58 -13.54 14.11
CA PHE A 46 -0.65 -14.40 13.41
C PHE A 46 0.40 -14.97 14.38
N GLY A 47 0.79 -14.14 15.32
CA GLY A 47 1.78 -14.54 16.32
C GLY A 47 1.25 -15.67 17.19
N LEU A 48 -0.04 -15.57 17.50
CA LEU A 48 -0.68 -16.58 18.34
C LEU A 48 -0.75 -17.90 17.57
N GLN A 49 -1.22 -17.80 16.33
CA GLN A 49 -1.35 -18.98 15.49
C GLN A 49 0.03 -19.63 15.28
N MET A 50 1.01 -18.78 15.06
CA MET A 50 2.38 -19.26 14.85
C MET A 50 2.89 -20.00 16.09
N PHE A 51 2.69 -19.38 17.23
CA PHE A 51 3.12 -19.97 18.49
C PHE A 51 2.50 -21.34 18.70
N ILE A 52 1.22 -21.42 18.41
CA ILE A 52 0.48 -22.67 18.56
C ILE A 52 0.96 -23.67 17.51
N GLN A 53 1.32 -23.14 16.35
CA GLN A 53 1.79 -23.97 15.26
C GLN A 53 3.20 -24.48 15.55
N ARG A 54 3.90 -23.74 16.40
CA ARG A 54 5.26 -24.10 16.78
C ARG A 54 5.24 -25.35 17.66
N LYS A 55 4.05 -25.73 18.07
CA LYS A 55 3.88 -26.90 18.91
C LYS A 55 3.76 -28.15 18.04
N PHE A 56 3.61 -27.90 16.74
CA PHE A 56 3.48 -28.99 15.78
C PHE A 56 4.84 -29.38 15.19
N PRO A 57 5.00 -30.70 14.96
CA PRO A 57 6.24 -31.22 14.41
C PRO A 57 6.35 -30.90 12.92
N TYR A 58 6.52 -29.62 12.62
CA TYR A 58 6.63 -29.18 11.24
C TYR A 58 8.10 -28.99 10.85
N PRO A 59 8.34 -29.10 9.51
CA PRO A 59 9.69 -28.94 8.99
C PRO A 59 10.12 -27.47 8.99
N LEU A 60 9.16 -26.62 8.67
CA LEU A 60 9.42 -25.19 8.62
C LEU A 60 9.36 -24.62 10.04
N GLN A 61 10.23 -23.65 10.29
CA GLN A 61 10.29 -23.02 11.60
C GLN A 61 9.31 -21.84 11.67
N TRP A 62 8.70 -21.68 12.83
CA TRP A 62 7.75 -20.60 13.04
C TRP A 62 8.41 -19.30 12.58
N SER A 63 9.74 -19.28 12.68
CA SER A 63 10.49 -18.10 12.28
C SER A 63 10.44 -17.93 10.76
N LEU A 64 10.75 -19.01 10.06
CA LEU A 64 10.74 -18.99 8.61
C LEU A 64 9.29 -18.93 8.11
N LEU A 65 8.40 -19.50 8.91
CA LEU A 65 6.99 -19.51 8.57
C LEU A 65 6.44 -18.08 8.62
N VAL A 66 6.81 -17.38 9.68
CA VAL A 66 6.36 -16.00 9.85
C VAL A 66 7.08 -15.10 8.85
N ALA A 67 8.31 -15.49 8.54
CA ALA A 67 9.12 -14.73 7.58
C ALA A 67 8.58 -14.95 6.17
N VAL A 68 8.00 -16.12 5.97
CA VAL A 68 7.44 -16.47 4.67
C VAL A 68 6.10 -15.76 4.50
N VAL A 69 5.23 -15.96 5.48
CA VAL A 69 3.91 -15.35 5.44
C VAL A 69 4.05 -13.83 5.47
N ALA A 70 4.85 -13.36 6.43
CA ALA A 70 5.08 -11.93 6.58
C ALA A 70 5.88 -11.43 5.38
N GLY A 71 6.74 -12.30 4.86
CA GLY A 71 7.57 -11.96 3.72
C GLY A 71 6.72 -11.79 2.46
N SER A 72 5.71 -12.64 2.35
CA SER A 72 4.81 -12.60 1.20
C SER A 72 3.94 -11.34 1.26
N VAL A 73 3.28 -11.16 2.39
CA VAL A 73 2.42 -10.01 2.58
C VAL A 73 3.25 -8.72 2.45
N VAL A 74 4.34 -8.69 3.21
CA VAL A 74 5.23 -7.54 3.17
C VAL A 74 5.80 -7.37 1.76
N SER A 75 5.95 -8.50 1.09
CA SER A 75 6.49 -8.48 -0.27
C SER A 75 5.51 -7.77 -1.21
N TYR A 76 4.24 -8.11 -1.06
CA TYR A 76 3.21 -7.51 -1.89
C TYR A 76 3.11 -6.00 -1.64
N GLY A 77 2.99 -5.65 -0.37
CA GLY A 77 2.89 -4.25 0.02
C GLY A 77 4.16 -3.48 -0.38
N VAL A 78 5.29 -4.04 -0.02
CA VAL A 78 6.57 -3.42 -0.34
C VAL A 78 6.74 -3.37 -1.86
N THR A 79 6.09 -4.32 -2.53
CA THR A 79 6.17 -4.40 -3.99
C THR A 79 5.33 -3.29 -4.62
N ARG A 80 4.21 -2.99 -3.97
CA ARG A 80 3.32 -1.96 -4.46
C ARG A 80 3.96 -0.58 -4.30
N VAL A 81 4.55 -0.37 -3.13
CA VAL A 81 5.20 0.90 -2.82
C VAL A 81 6.53 0.97 -3.57
N GLU A 82 7.15 -0.19 -3.72
CA GLU A 82 8.43 -0.27 -4.42
C GLU A 82 8.22 -0.06 -5.92
N SER A 83 7.12 -0.58 -6.41
CA SER A 83 6.80 -0.46 -7.83
C SER A 83 6.45 0.99 -8.16
N GLU A 84 5.51 1.54 -7.40
CA GLU A 84 5.07 2.90 -7.61
C GLU A 84 6.26 3.86 -7.45
N LYS A 85 7.01 3.67 -6.38
CA LYS A 85 8.17 4.50 -6.11
C LYS A 85 9.24 4.24 -7.17
N CYS A 86 9.24 3.02 -7.68
CA CYS A 86 10.20 2.63 -8.70
C CYS A 86 9.96 3.50 -9.94
N ASN A 87 8.70 3.59 -10.33
CA ASN A 87 8.33 4.38 -11.49
C ASN A 87 8.68 5.84 -11.23
N ASN A 88 8.29 6.32 -10.06
CA ASN A 88 8.57 7.70 -9.69
C ASN A 88 10.08 7.95 -9.73
N LEU A 89 10.82 6.92 -9.35
CA LEU A 89 12.28 7.01 -9.34
C LEU A 89 12.78 7.14 -10.77
N TRP A 90 12.22 6.32 -11.64
CA TRP A 90 12.61 6.32 -13.04
C TRP A 90 12.39 7.74 -13.58
N LEU A 91 11.29 8.33 -13.16
CA LEU A 91 10.96 9.68 -13.60
C LEU A 91 12.05 10.65 -13.10
N PHE A 92 12.38 10.52 -11.83
CA PHE A 92 13.40 11.37 -11.23
C PHE A 92 14.72 11.25 -11.99
N LEU A 93 15.11 10.02 -12.25
CA LEU A 93 16.35 9.75 -12.96
C LEU A 93 16.27 10.38 -14.35
N GLU A 94 15.08 10.34 -14.92
CA GLU A 94 14.86 10.90 -16.25
C GLU A 94 14.91 12.43 -16.19
N THR A 95 14.78 12.95 -14.98
CA THR A 95 14.81 14.39 -14.78
C THR A 95 16.23 14.86 -14.48
N GLY A 96 17.14 13.91 -14.49
CA GLY A 96 18.54 14.20 -14.21
C GLY A 96 18.85 14.08 -12.72
N GLN A 97 17.94 13.41 -12.01
CA GLN A 97 18.10 13.22 -10.58
C GLN A 97 18.64 11.81 -10.30
N LEU A 98 19.92 11.77 -9.95
CA LEU A 98 20.57 10.50 -9.65
C LEU A 98 19.81 9.80 -8.52
N PRO A 99 19.85 8.45 -8.56
CA PRO A 99 19.17 7.65 -7.55
C PRO A 99 19.94 7.66 -6.22
N LYS A 100 19.43 6.91 -5.27
CA LYS A 100 20.05 6.83 -3.96
C LYS A 100 19.51 5.61 -3.22
N ASP A 101 20.02 4.45 -3.59
CA ASP A 101 19.60 3.21 -2.97
C ASP A 101 20.80 2.26 -2.86
N ARG A 102 20.58 1.16 -2.16
CA ARG A 102 21.64 0.16 -1.98
C ARG A 102 21.03 -1.24 -1.93
N SER A 103 21.92 -2.22 -1.98
CA SER A 103 21.49 -3.61 -1.94
C SER A 103 20.66 -3.95 -3.18
N THR A 104 21.14 -4.95 -3.92
CA THR A 104 20.47 -5.37 -5.13
C THR A 104 19.82 -6.74 -4.93
N ASP A 105 18.51 -6.72 -4.68
CA ASP A 105 17.77 -7.95 -4.47
C ASP A 105 16.74 -8.13 -5.59
N GLN A 106 16.84 -9.26 -6.26
CA GLN A 106 15.93 -9.57 -7.35
C GLN A 106 15.17 -10.87 -7.07
N ARG A 107 13.90 -10.86 -7.43
CA ARG A 107 13.05 -12.03 -7.22
C ARG A 107 11.72 -11.86 -7.95
N SER A 108 11.72 -12.21 -9.23
CA SER A 108 10.52 -12.10 -10.03
C SER A 108 9.33 -12.75 -9.31
N MET A 1 19.97 4.68 -35.54
CA MET A 1 19.57 6.04 -35.83
C MET A 1 19.07 6.75 -34.56
N VAL A 2 20.01 7.30 -33.81
CA VAL A 2 19.69 8.00 -32.59
C VAL A 2 19.28 9.43 -32.92
N ASN A 3 18.09 9.81 -32.45
CA ASN A 3 17.58 11.14 -32.69
C ASN A 3 18.50 12.17 -32.02
N LEU A 4 18.53 12.12 -30.70
CA LEU A 4 19.36 13.04 -29.94
C LEU A 4 20.08 12.26 -28.84
N GLY A 5 19.30 11.72 -27.92
CA GLY A 5 19.85 10.95 -26.81
C GLY A 5 19.55 11.63 -25.47
N LEU A 6 20.02 12.86 -25.35
CA LEU A 6 19.81 13.63 -24.13
C LEU A 6 18.31 13.84 -23.92
N SER A 7 17.60 13.95 -25.03
CA SER A 7 16.17 14.16 -24.97
C SER A 7 15.47 12.89 -24.47
N ARG A 8 15.80 11.78 -25.12
CA ARG A 8 15.23 10.50 -24.76
C ARG A 8 15.53 10.18 -23.29
N VAL A 9 16.77 10.45 -22.90
CA VAL A 9 17.19 10.20 -21.54
C VAL A 9 16.37 11.07 -20.58
N ASP A 10 16.23 12.33 -20.97
CA ASP A 10 15.47 13.27 -20.16
C ASP A 10 14.02 12.80 -20.05
N ASP A 11 13.52 12.27 -21.15
CA ASP A 11 12.15 11.77 -21.20
C ASP A 11 11.99 10.63 -20.19
N ALA A 12 12.89 9.66 -20.29
CA ALA A 12 12.85 8.52 -19.40
C ALA A 12 12.81 9.01 -17.95
N VAL A 13 13.73 9.89 -17.62
CA VAL A 13 13.80 10.44 -16.28
C VAL A 13 12.46 11.09 -15.93
N ALA A 14 11.97 11.90 -16.87
CA ALA A 14 10.70 12.58 -16.67
C ALA A 14 9.61 11.55 -16.36
N ALA A 15 9.73 10.40 -16.99
CA ALA A 15 8.77 9.33 -16.80
C ALA A 15 8.88 8.82 -15.36
N LYS A 16 10.09 8.89 -14.82
CA LYS A 16 10.35 8.45 -13.47
C LYS A 16 10.03 9.58 -12.49
N HIS A 17 10.34 10.79 -12.91
CA HIS A 17 10.10 11.96 -12.08
C HIS A 17 9.43 13.06 -12.93
N PRO A 18 8.14 12.78 -13.29
CA PRO A 18 7.38 13.73 -14.09
C PRO A 18 6.93 14.92 -13.25
N GLY A 19 6.78 14.67 -11.95
CA GLY A 19 6.36 15.72 -11.03
C GLY A 19 5.00 15.37 -10.39
N LEU A 20 3.98 15.38 -11.23
CA LEU A 20 2.63 15.07 -10.77
C LEU A 20 2.50 13.58 -10.52
N GLY A 21 2.94 12.81 -11.51
CA GLY A 21 2.89 11.35 -11.41
C GLY A 21 3.67 10.86 -10.20
N GLU A 22 4.82 11.48 -9.97
CA GLU A 22 5.67 11.12 -8.85
C GLU A 22 4.94 11.38 -7.53
N TYR A 23 4.34 12.56 -7.44
CA TYR A 23 3.62 12.95 -6.25
C TYR A 23 2.41 12.03 -6.01
N ALA A 24 1.70 11.74 -7.10
CA ALA A 24 0.54 10.89 -7.03
C ALA A 24 0.96 9.50 -6.55
N ALA A 25 1.96 8.95 -7.23
CA ALA A 25 2.47 7.63 -6.88
C ALA A 25 2.90 7.63 -5.41
N CYS A 26 3.62 8.67 -5.05
CA CYS A 26 4.12 8.80 -3.69
C CYS A 26 2.91 8.92 -2.75
N GLN A 27 1.82 9.44 -3.30
CA GLN A 27 0.61 9.61 -2.53
C GLN A 27 -0.03 8.25 -2.24
N SER A 28 -0.33 7.53 -3.30
CA SER A 28 -0.93 6.21 -3.18
C SER A 28 -0.06 5.31 -2.30
N HIS A 29 1.24 5.43 -2.51
CA HIS A 29 2.19 4.64 -1.75
C HIS A 29 2.05 4.96 -0.25
N ALA A 30 2.04 6.26 0.03
CA ALA A 30 1.91 6.72 1.40
C ALA A 30 0.65 6.12 2.02
N PHE A 31 -0.46 6.29 1.32
CA PHE A 31 -1.73 5.78 1.78
C PHE A 31 -1.66 4.27 2.03
N MET A 32 -1.07 3.58 1.06
CA MET A 32 -0.94 2.13 1.16
C MET A 32 -0.11 1.74 2.39
N LYS A 33 0.96 2.50 2.60
CA LYS A 33 1.84 2.24 3.72
C LYS A 33 1.05 2.33 5.02
N GLY A 34 0.28 3.41 5.14
CA GLY A 34 -0.54 3.62 6.33
C GLY A 34 -1.48 2.44 6.56
N VAL A 35 -2.19 2.07 5.50
CA VAL A 35 -3.13 0.97 5.58
C VAL A 35 -2.37 -0.32 5.91
N PHE A 36 -1.14 -0.39 5.42
CA PHE A 36 -0.29 -1.55 5.65
C PHE A 36 -0.02 -1.73 7.14
N THR A 37 0.36 -0.64 7.79
CA THR A 37 0.66 -0.67 9.20
C THR A 37 -0.62 -0.89 10.01
N PHE A 38 -1.71 -0.36 9.49
CA PHE A 38 -3.00 -0.48 10.15
C PHE A 38 -3.47 -1.94 10.16
N VAL A 39 -3.47 -2.54 8.97
CA VAL A 39 -3.89 -3.92 8.82
C VAL A 39 -2.88 -4.82 9.54
N THR A 40 -1.64 -4.38 9.57
CA THR A 40 -0.58 -5.13 10.21
C THR A 40 -0.58 -4.88 11.72
N GLY A 41 -1.60 -4.15 12.16
CA GLY A 41 -1.73 -3.83 13.57
C GLY A 41 -2.45 -4.96 14.33
N THR A 42 -2.59 -6.08 13.64
CA THR A 42 -3.25 -7.23 14.24
C THR A 42 -2.40 -8.48 14.06
N GLY A 43 -1.09 -8.31 14.22
CA GLY A 43 -0.15 -9.41 14.09
C GLY A 43 -0.25 -10.37 15.27
N MET A 44 -0.52 -9.79 16.43
CA MET A 44 -0.65 -10.58 17.64
C MET A 44 -1.35 -11.92 17.37
N ALA A 45 -2.45 -11.83 16.63
CA ALA A 45 -3.21 -13.01 16.29
C ALA A 45 -2.29 -14.02 15.58
N PHE A 46 -1.59 -13.53 14.57
CA PHE A 46 -0.68 -14.37 13.82
C PHE A 46 0.43 -14.92 14.72
N GLY A 47 0.88 -14.07 15.62
CA GLY A 47 1.94 -14.45 16.55
C GLY A 47 1.53 -15.66 17.38
N LEU A 48 0.32 -15.60 17.91
CA LEU A 48 -0.21 -16.68 18.72
C LEU A 48 -0.32 -17.95 17.86
N GLN A 49 -0.92 -17.78 16.70
CA GLN A 49 -1.11 -18.90 15.78
C GLN A 49 0.24 -19.55 15.48
N MET A 50 1.23 -18.71 15.23
CA MET A 50 2.56 -19.18 14.91
C MET A 50 3.14 -19.99 16.08
N PHE A 51 3.02 -19.43 17.27
CA PHE A 51 3.51 -20.09 18.46
C PHE A 51 2.91 -21.48 18.62
N ILE A 52 1.62 -21.57 18.34
CA ILE A 52 0.91 -22.83 18.44
C ILE A 52 1.31 -23.73 17.27
N GLN A 53 1.56 -23.10 16.13
CA GLN A 53 1.95 -23.82 14.94
C GLN A 53 3.40 -24.29 15.05
N ARG A 54 4.11 -23.70 15.99
CA ARG A 54 5.50 -24.04 16.21
C ARG A 54 5.61 -25.41 16.89
N LYS A 55 4.45 -25.98 17.18
CA LYS A 55 4.41 -27.28 17.82
C LYS A 55 4.56 -28.37 16.75
N PHE A 56 4.67 -27.93 15.51
CA PHE A 56 4.81 -28.86 14.40
C PHE A 56 6.29 -29.14 14.12
N PRO A 57 6.56 -30.41 13.69
CA PRO A 57 7.93 -30.82 13.39
C PRO A 57 8.39 -30.23 12.05
N TYR A 58 7.49 -29.47 11.43
CA TYR A 58 7.79 -28.86 10.15
C TYR A 58 8.33 -27.43 10.34
N PRO A 59 9.11 -26.97 9.33
CA PRO A 59 9.68 -25.64 9.37
C PRO A 59 8.63 -24.57 9.09
N LEU A 60 7.95 -24.74 7.97
CA LEU A 60 6.91 -23.81 7.56
C LEU A 60 5.61 -24.14 8.30
N GLN A 61 4.89 -23.10 8.67
CA GLN A 61 3.63 -23.27 9.38
C GLN A 61 2.48 -23.39 8.38
N TRP A 62 1.40 -24.01 8.84
CA TRP A 62 0.22 -24.20 8.01
C TRP A 62 -0.43 -22.83 7.80
N SER A 63 -0.46 -22.05 8.88
CA SER A 63 -1.05 -20.73 8.83
C SER A 63 -0.20 -19.81 7.95
N LEU A 64 1.11 -19.91 8.14
CA LEU A 64 2.04 -19.10 7.38
C LEU A 64 2.12 -19.64 5.94
N LEU A 65 1.96 -20.95 5.82
CA LEU A 65 2.01 -21.60 4.53
C LEU A 65 0.80 -21.16 3.69
N VAL A 66 -0.35 -21.16 4.34
CA VAL A 66 -1.58 -20.77 3.68
C VAL A 66 -1.58 -19.26 3.44
N ALA A 67 -0.93 -18.55 4.36
CA ALA A 67 -0.84 -17.11 4.26
C ALA A 67 0.15 -16.73 3.15
N VAL A 68 1.12 -17.61 2.95
CA VAL A 68 2.13 -17.38 1.93
C VAL A 68 1.54 -17.72 0.55
N VAL A 69 0.95 -18.91 0.47
CA VAL A 69 0.35 -19.37 -0.77
C VAL A 69 -0.83 -18.46 -1.12
N ALA A 70 -1.70 -18.27 -0.14
CA ALA A 70 -2.87 -17.43 -0.34
C ALA A 70 -2.44 -15.97 -0.50
N GLY A 71 -1.40 -15.62 0.24
CA GLY A 71 -0.87 -14.27 0.19
C GLY A 71 -0.25 -13.98 -1.17
N SER A 72 0.34 -15.01 -1.76
CA SER A 72 0.99 -14.89 -3.05
C SER A 72 -0.08 -14.71 -4.14
N VAL A 73 -1.03 -15.63 -4.16
CA VAL A 73 -2.09 -15.60 -5.13
C VAL A 73 -2.89 -14.30 -4.96
N VAL A 74 -3.31 -14.05 -3.73
CA VAL A 74 -4.08 -12.86 -3.42
C VAL A 74 -3.23 -11.62 -3.73
N SER A 75 -1.93 -11.77 -3.54
CA SER A 75 -1.00 -10.68 -3.80
C SER A 75 -1.05 -10.30 -5.28
N TYR A 76 -0.94 -11.31 -6.12
CA TYR A 76 -0.97 -11.08 -7.56
C TYR A 76 -2.28 -10.43 -7.99
N GLY A 77 -3.38 -11.04 -7.56
CA GLY A 77 -4.70 -10.53 -7.89
C GLY A 77 -4.90 -9.13 -7.33
N VAL A 78 -4.31 -8.89 -6.18
CA VAL A 78 -4.41 -7.59 -5.53
C VAL A 78 -3.53 -6.58 -6.27
N THR A 79 -2.47 -7.11 -6.89
CA THR A 79 -1.55 -6.27 -7.64
C THR A 79 -2.19 -5.83 -8.95
N ARG A 80 -2.96 -6.73 -9.54
CA ARG A 80 -3.62 -6.44 -10.80
C ARG A 80 -4.79 -5.47 -10.58
N VAL A 81 -5.56 -5.76 -9.54
CA VAL A 81 -6.70 -4.93 -9.20
C VAL A 81 -6.21 -3.59 -8.66
N GLU A 82 -5.23 -3.66 -7.78
CA GLU A 82 -4.65 -2.47 -7.19
C GLU A 82 -3.90 -1.65 -8.24
N SER A 83 -3.38 -2.36 -9.23
CA SER A 83 -2.64 -1.72 -10.31
C SER A 83 -3.59 -0.89 -11.17
N GLU A 84 -4.65 -1.54 -11.62
CA GLU A 84 -5.64 -0.88 -12.46
C GLU A 84 -6.24 0.32 -11.71
N LYS A 85 -6.57 0.09 -10.45
CA LYS A 85 -7.16 1.14 -9.63
C LYS A 85 -6.10 2.21 -9.35
N CYS A 86 -4.86 1.75 -9.25
CA CYS A 86 -3.75 2.66 -8.98
C CYS A 86 -3.55 3.55 -10.22
N ASN A 87 -3.73 2.95 -11.38
CA ASN A 87 -3.58 3.67 -12.63
C ASN A 87 -4.66 4.75 -12.72
N ASN A 88 -5.89 4.33 -12.47
CA ASN A 88 -7.02 5.24 -12.53
C ASN A 88 -6.80 6.37 -11.52
N LEU A 89 -6.37 6.00 -10.34
CA LEU A 89 -6.12 6.97 -9.28
C LEU A 89 -5.03 7.93 -9.73
N TRP A 90 -3.98 7.35 -10.31
CA TRP A 90 -2.86 8.14 -10.79
C TRP A 90 -3.39 9.17 -11.79
N LEU A 91 -4.34 8.73 -12.60
CA LEU A 91 -4.95 9.59 -13.59
C LEU A 91 -5.64 10.76 -12.89
N PHE A 92 -6.42 10.41 -11.87
CA PHE A 92 -7.15 11.41 -11.12
C PHE A 92 -6.18 12.43 -10.49
N LEU A 93 -5.19 11.90 -9.80
CA LEU A 93 -4.20 12.75 -9.15
C LEU A 93 -3.55 13.66 -10.19
N GLU A 94 -3.24 13.07 -11.33
CA GLU A 94 -2.60 13.80 -12.41
C GLU A 94 -3.46 15.02 -12.79
N THR A 95 -4.76 14.83 -12.68
CA THR A 95 -5.70 15.90 -13.01
C THR A 95 -5.99 16.76 -11.77
N GLY A 96 -5.66 16.20 -10.62
CA GLY A 96 -5.86 16.91 -9.36
C GLY A 96 -7.15 16.45 -8.68
N GLN A 97 -7.61 15.27 -9.10
CA GLN A 97 -8.84 14.71 -8.54
C GLN A 97 -8.52 13.85 -7.32
N LEU A 98 -8.15 14.52 -6.24
CA LEU A 98 -7.82 13.83 -5.00
C LEU A 98 -9.03 13.01 -4.54
N PRO A 99 -8.72 11.87 -3.85
CA PRO A 99 -9.76 10.99 -3.36
C PRO A 99 -10.44 11.60 -2.13
N LYS A 100 -9.64 11.82 -1.10
CA LYS A 100 -10.15 12.39 0.14
C LYS A 100 -11.07 11.38 0.82
N ASP A 101 -10.45 10.40 1.47
CA ASP A 101 -11.20 9.37 2.15
C ASP A 101 -10.69 9.24 3.59
N ARG A 102 -11.58 8.81 4.47
CA ARG A 102 -11.23 8.63 5.87
C ARG A 102 -10.78 9.97 6.47
N SER A 103 -11.69 10.59 7.19
CA SER A 103 -11.42 11.87 7.82
C SER A 103 -10.41 11.67 8.97
N THR A 104 -10.82 10.86 9.93
CA THR A 104 -9.97 10.58 11.07
C THR A 104 -10.58 9.47 11.92
N ASP A 105 -9.71 8.79 12.67
CA ASP A 105 -10.16 7.70 13.53
C ASP A 105 -9.19 7.58 14.71
N GLN A 106 -9.72 7.09 15.82
CA GLN A 106 -8.93 6.91 17.02
C GLN A 106 -9.24 5.57 17.68
N ARG A 107 -8.40 5.19 18.63
CA ARG A 107 -8.59 3.94 19.34
C ARG A 107 -8.89 4.20 20.81
N SER A 108 -9.59 3.25 21.42
CA SER A 108 -9.95 3.37 22.82
C SER A 108 -9.76 2.03 23.53
N MET A 1 -11.06 14.39 -29.28
CA MET A 1 -9.98 15.25 -28.81
C MET A 1 -8.61 14.71 -29.23
N VAL A 2 -8.37 13.45 -28.86
CA VAL A 2 -7.12 12.81 -29.19
C VAL A 2 -7.35 11.83 -30.34
N ASN A 3 -6.46 11.89 -31.33
CA ASN A 3 -6.55 11.01 -32.48
C ASN A 3 -5.16 10.51 -32.84
N LEU A 4 -4.26 11.45 -33.04
CA LEU A 4 -2.89 11.12 -33.40
C LEU A 4 -2.22 10.40 -32.22
N GLY A 5 -2.11 11.13 -31.12
CA GLY A 5 -1.50 10.58 -29.92
C GLY A 5 -0.66 11.63 -29.20
N LEU A 6 -1.32 12.72 -28.81
CA LEU A 6 -0.66 13.80 -28.12
C LEU A 6 -0.73 13.56 -26.61
N SER A 7 -1.89 13.09 -26.17
CA SER A 7 -2.09 12.81 -24.76
C SER A 7 -1.15 11.69 -24.31
N ARG A 8 -0.98 10.72 -25.19
CA ARG A 8 -0.10 9.58 -24.90
C ARG A 8 1.33 10.05 -24.73
N VAL A 9 1.77 10.90 -25.66
CA VAL A 9 3.11 11.43 -25.62
C VAL A 9 3.29 12.30 -24.38
N ASP A 10 2.25 13.07 -24.09
CA ASP A 10 2.28 13.96 -22.94
C ASP A 10 2.37 13.11 -21.66
N ASP A 11 1.75 11.95 -21.73
CA ASP A 11 1.75 11.04 -20.59
C ASP A 11 3.13 10.40 -20.45
N ALA A 12 3.69 10.04 -21.59
CA ALA A 12 5.01 9.43 -21.62
C ALA A 12 6.03 10.36 -20.96
N VAL A 13 5.99 11.62 -21.39
CA VAL A 13 6.89 12.62 -20.84
C VAL A 13 6.55 12.87 -19.37
N ALA A 14 5.26 12.85 -19.09
CA ALA A 14 4.78 13.07 -17.73
C ALA A 14 5.46 12.06 -16.79
N ALA A 15 5.53 10.83 -17.27
CA ALA A 15 6.14 9.77 -16.48
C ALA A 15 7.63 10.07 -16.29
N LYS A 16 8.18 10.81 -17.23
CA LYS A 16 9.58 11.17 -17.19
C LYS A 16 9.76 12.39 -16.27
N HIS A 17 8.75 13.25 -16.29
CA HIS A 17 8.77 14.45 -15.48
C HIS A 17 8.07 14.19 -14.14
N PRO A 18 8.88 14.18 -13.05
CA PRO A 18 8.35 13.95 -11.72
C PRO A 18 7.60 15.17 -11.20
N GLY A 19 6.30 15.17 -11.45
CA GLY A 19 5.46 16.28 -11.02
C GLY A 19 4.05 15.79 -10.66
N LEU A 20 3.36 15.32 -11.67
CA LEU A 20 2.00 14.82 -11.48
C LEU A 20 2.06 13.36 -11.03
N GLY A 21 2.74 12.55 -11.83
CA GLY A 21 2.87 11.13 -11.53
C GLY A 21 3.58 10.93 -10.19
N GLU A 22 4.54 11.82 -9.92
CA GLU A 22 5.29 11.74 -8.69
C GLU A 22 4.39 11.98 -7.49
N TYR A 23 3.47 12.93 -7.65
CA TYR A 23 2.53 13.25 -6.60
C TYR A 23 1.51 12.14 -6.40
N ALA A 24 0.96 11.68 -7.52
CA ALA A 24 -0.03 10.62 -7.49
C ALA A 24 0.60 9.36 -6.86
N ALA A 25 1.82 9.08 -7.27
CA ALA A 25 2.54 7.92 -6.76
C ALA A 25 2.80 8.10 -5.27
N CYS A 26 3.18 9.33 -4.91
CA CYS A 26 3.46 9.65 -3.52
C CYS A 26 2.17 9.49 -2.71
N GLN A 27 1.06 9.72 -3.40
CA GLN A 27 -0.25 9.61 -2.77
C GLN A 27 -0.59 8.15 -2.49
N SER A 28 -0.48 7.34 -3.53
CA SER A 28 -0.75 5.92 -3.41
C SER A 28 0.20 5.28 -2.41
N HIS A 29 1.42 5.78 -2.39
CA HIS A 29 2.43 5.26 -1.48
C HIS A 29 2.05 5.61 -0.05
N ALA A 30 1.67 6.86 0.14
CA ALA A 30 1.28 7.34 1.46
C ALA A 30 0.14 6.47 1.99
N PHE A 31 -0.82 6.19 1.12
CA PHE A 31 -1.96 5.37 1.49
C PHE A 31 -1.52 3.96 1.84
N MET A 32 -0.70 3.39 0.97
CA MET A 32 -0.21 2.04 1.18
C MET A 32 0.67 1.96 2.43
N LYS A 33 1.25 3.10 2.78
CA LYS A 33 2.11 3.17 3.95
C LYS A 33 1.24 3.12 5.21
N GLY A 34 0.21 3.95 5.23
CA GLY A 34 -0.69 4.01 6.36
C GLY A 34 -1.45 2.69 6.54
N VAL A 35 -1.90 2.15 5.41
CA VAL A 35 -2.64 0.90 5.42
C VAL A 35 -1.68 -0.24 5.77
N PHE A 36 -0.44 -0.09 5.32
CA PHE A 36 0.57 -1.10 5.59
C PHE A 36 0.87 -1.20 7.08
N THR A 37 1.07 -0.04 7.70
CA THR A 37 1.36 0.01 9.12
C THR A 37 0.13 -0.39 9.93
N PHE A 38 -1.03 -0.03 9.41
CA PHE A 38 -2.28 -0.35 10.06
C PHE A 38 -2.50 -1.86 10.15
N VAL A 39 -2.27 -2.52 9.02
CA VAL A 39 -2.44 -3.96 8.94
C VAL A 39 -1.29 -4.63 9.69
N THR A 40 -0.15 -3.97 9.69
CA THR A 40 1.03 -4.50 10.36
C THR A 40 0.72 -4.74 11.85
N GLY A 41 -0.36 -4.14 12.30
CA GLY A 41 -0.77 -4.28 13.69
C GLY A 41 -1.53 -5.59 13.90
N THR A 42 -1.56 -6.40 12.85
CA THR A 42 -2.24 -7.68 12.91
C THR A 42 -1.29 -8.77 13.40
N GLY A 43 -0.61 -8.47 14.49
CA GLY A 43 0.33 -9.42 15.07
C GLY A 43 -0.41 -10.58 15.76
N MET A 44 -1.51 -10.23 16.40
CA MET A 44 -2.32 -11.22 17.09
C MET A 44 -2.38 -12.53 16.28
N ALA A 45 -2.52 -12.37 14.98
CA ALA A 45 -2.59 -13.52 14.10
C ALA A 45 -1.34 -14.38 14.27
N PHE A 46 -0.19 -13.72 14.18
CA PHE A 46 1.08 -14.41 14.33
C PHE A 46 1.18 -15.07 15.71
N GLY A 47 0.65 -14.38 16.71
CA GLY A 47 0.68 -14.87 18.06
C GLY A 47 -0.02 -16.24 18.17
N LEU A 48 -1.26 -16.27 17.70
CA LEU A 48 -2.04 -17.49 17.73
C LEU A 48 -1.30 -18.58 16.95
N GLN A 49 -0.89 -18.22 15.75
CA GLN A 49 -0.18 -19.15 14.89
C GLN A 49 1.08 -19.67 15.59
N MET A 50 1.64 -18.82 16.45
CA MET A 50 2.83 -19.17 17.18
C MET A 50 2.52 -20.18 18.29
N PHE A 51 1.38 -19.96 18.95
CA PHE A 51 0.95 -20.84 20.02
C PHE A 51 0.57 -22.21 19.47
N ILE A 52 -0.11 -22.20 18.34
CA ILE A 52 -0.55 -23.44 17.71
C ILE A 52 0.67 -24.14 17.08
N GLN A 53 1.45 -23.36 16.35
CA GLN A 53 2.64 -23.90 15.70
C GLN A 53 3.71 -24.24 16.74
N ARG A 54 3.53 -23.67 17.93
CA ARG A 54 4.47 -23.90 19.01
C ARG A 54 4.50 -25.39 19.38
N LYS A 55 3.52 -26.12 18.87
CA LYS A 55 3.42 -27.54 19.14
C LYS A 55 4.26 -28.29 18.11
N PHE A 56 4.68 -27.58 17.07
CA PHE A 56 5.47 -28.17 16.02
C PHE A 56 6.96 -27.90 16.24
N PRO A 57 7.79 -28.91 15.88
CA PRO A 57 9.23 -28.79 16.03
C PRO A 57 9.83 -27.88 14.97
N TYR A 58 8.97 -27.42 14.08
CA TYR A 58 9.39 -26.53 13.00
C TYR A 58 9.22 -25.07 13.40
N PRO A 59 10.04 -24.20 12.76
CA PRO A 59 9.98 -22.77 13.03
C PRO A 59 8.76 -22.14 12.39
N LEU A 60 8.42 -22.64 11.21
CA LEU A 60 7.27 -22.13 10.48
C LEU A 60 6.16 -23.18 10.48
N GLN A 61 4.93 -22.71 10.58
CA GLN A 61 3.78 -23.60 10.60
C GLN A 61 3.30 -23.86 9.17
N TRP A 62 2.72 -25.03 8.98
CA TRP A 62 2.20 -25.41 7.68
C TRP A 62 1.23 -24.33 7.21
N SER A 63 0.43 -23.86 8.15
CA SER A 63 -0.55 -22.83 7.86
C SER A 63 0.16 -21.53 7.44
N LEU A 64 1.11 -21.13 8.27
CA LEU A 64 1.87 -19.92 8.01
C LEU A 64 2.65 -20.09 6.70
N LEU A 65 3.16 -21.29 6.51
CA LEU A 65 3.93 -21.59 5.31
C LEU A 65 3.02 -21.47 4.08
N VAL A 66 1.76 -21.87 4.27
CA VAL A 66 0.79 -21.82 3.20
C VAL A 66 0.40 -20.36 2.95
N ALA A 67 0.34 -19.60 4.02
CA ALA A 67 -0.02 -18.20 3.93
C ALA A 67 1.14 -17.42 3.30
N VAL A 68 2.34 -17.93 3.55
CA VAL A 68 3.54 -17.29 3.02
C VAL A 68 3.67 -17.62 1.53
N VAL A 69 3.60 -18.91 1.23
CA VAL A 69 3.72 -19.36 -0.14
C VAL A 69 2.57 -18.78 -0.96
N ALA A 70 1.37 -18.94 -0.43
CA ALA A 70 0.18 -18.44 -1.10
C ALA A 70 0.21 -16.91 -1.09
N GLY A 71 0.78 -16.36 -0.03
CA GLY A 71 0.88 -14.92 0.11
C GLY A 71 1.84 -14.33 -0.94
N SER A 72 2.88 -15.10 -1.23
CA SER A 72 3.88 -14.67 -2.19
C SER A 72 3.28 -14.73 -3.61
N VAL A 73 2.76 -15.90 -3.94
CA VAL A 73 2.17 -16.10 -5.26
C VAL A 73 1.02 -15.11 -5.45
N VAL A 74 0.11 -15.09 -4.48
CA VAL A 74 -1.03 -14.20 -4.53
C VAL A 74 -0.54 -12.76 -4.55
N SER A 75 0.56 -12.52 -3.86
CA SER A 75 1.15 -11.19 -3.79
C SER A 75 1.62 -10.75 -5.19
N TYR A 76 2.19 -11.71 -5.91
CA TYR A 76 2.69 -11.44 -7.24
C TYR A 76 1.54 -11.13 -8.20
N GLY A 77 0.53 -11.99 -8.16
CA GLY A 77 -0.63 -11.82 -9.02
C GLY A 77 -1.36 -10.52 -8.69
N VAL A 78 -1.59 -10.30 -7.41
CA VAL A 78 -2.27 -9.10 -6.96
C VAL A 78 -1.37 -7.88 -7.20
N THR A 79 -0.07 -8.14 -7.25
CA THR A 79 0.89 -7.09 -7.47
C THR A 79 0.86 -6.64 -8.93
N ARG A 80 0.65 -7.61 -9.81
CA ARG A 80 0.60 -7.32 -11.24
C ARG A 80 -0.71 -6.61 -11.59
N VAL A 81 -1.79 -7.12 -11.03
CA VAL A 81 -3.11 -6.55 -11.26
C VAL A 81 -3.21 -5.20 -10.56
N GLU A 82 -2.73 -5.17 -9.33
CA GLU A 82 -2.76 -3.95 -8.54
C GLU A 82 -1.83 -2.90 -9.15
N SER A 83 -0.75 -3.38 -9.74
CA SER A 83 0.21 -2.50 -10.37
C SER A 83 -0.39 -1.85 -11.61
N GLU A 84 -1.02 -2.70 -12.43
CA GLU A 84 -1.64 -2.22 -13.66
C GLU A 84 -2.70 -1.16 -13.33
N LYS A 85 -3.57 -1.51 -12.40
CA LYS A 85 -4.63 -0.60 -11.99
C LYS A 85 -4.02 0.62 -11.32
N CYS A 86 -2.97 0.38 -10.54
CA CYS A 86 -2.28 1.45 -9.83
C CYS A 86 -1.76 2.44 -10.86
N ASN A 87 -1.21 1.91 -11.94
CA ASN A 87 -0.66 2.73 -13.00
C ASN A 87 -1.80 3.54 -13.64
N ASN A 88 -2.87 2.84 -13.96
CA ASN A 88 -4.04 3.48 -14.57
C ASN A 88 -4.53 4.59 -13.65
N LEU A 89 -4.49 4.32 -12.36
CA LEU A 89 -4.94 5.29 -11.37
C LEU A 89 -4.03 6.51 -11.41
N TRP A 90 -2.74 6.24 -11.55
CA TRP A 90 -1.76 7.31 -11.60
C TRP A 90 -2.09 8.20 -12.80
N LEU A 91 -2.44 7.55 -13.90
CA LEU A 91 -2.78 8.26 -15.12
C LEU A 91 -4.05 9.09 -14.87
N PHE A 92 -4.99 8.48 -14.18
CA PHE A 92 -6.25 9.15 -13.88
C PHE A 92 -6.01 10.40 -13.04
N LEU A 93 -5.20 10.23 -12.00
CA LEU A 93 -4.89 11.34 -11.12
C LEU A 93 -4.00 12.35 -11.85
N GLU A 94 -3.27 11.83 -12.83
CA GLU A 94 -2.37 12.66 -13.62
C GLU A 94 -3.17 13.65 -14.47
N THR A 95 -4.37 13.22 -14.84
CA THR A 95 -5.25 14.05 -15.65
C THR A 95 -6.24 14.80 -14.76
N GLY A 96 -6.13 14.57 -13.46
CA GLY A 96 -7.00 15.22 -12.51
C GLY A 96 -8.29 14.42 -12.33
N GLN A 97 -8.27 13.20 -12.84
CA GLN A 97 -9.44 12.34 -12.74
C GLN A 97 -9.61 11.83 -11.32
N LEU A 98 -10.85 11.86 -10.85
CA LEU A 98 -11.15 11.41 -9.50
C LEU A 98 -10.76 9.93 -9.37
N PRO A 99 -10.38 9.55 -8.12
CA PRO A 99 -9.98 8.18 -7.84
C PRO A 99 -11.21 7.26 -7.78
N LYS A 100 -10.95 6.00 -7.47
CA LYS A 100 -12.01 5.01 -7.38
C LYS A 100 -11.50 3.79 -6.62
N ASP A 101 -12.10 3.57 -5.46
CA ASP A 101 -11.71 2.43 -4.62
C ASP A 101 -12.66 2.35 -3.43
N ARG A 102 -12.94 1.11 -3.04
CA ARG A 102 -13.83 0.87 -1.92
C ARG A 102 -13.81 -0.61 -1.52
N SER A 103 -13.74 -0.85 -0.21
CA SER A 103 -13.70 -2.20 0.29
C SER A 103 -13.76 -2.18 1.82
N THR A 104 -14.31 -3.25 2.38
CA THR A 104 -14.44 -3.37 3.83
C THR A 104 -14.38 -4.84 4.25
N ASP A 105 -13.89 -5.06 5.45
CA ASP A 105 -13.77 -6.41 5.99
C ASP A 105 -13.82 -6.35 7.51
N GLN A 106 -12.90 -5.57 8.06
CA GLN A 106 -12.81 -5.43 9.52
C GLN A 106 -14.19 -5.07 10.09
N ARG A 107 -14.30 -5.17 11.41
CA ARG A 107 -15.53 -4.87 12.09
C ARG A 107 -15.40 -3.57 12.88
N SER A 108 -14.45 -3.56 13.79
CA SER A 108 -14.20 -2.39 14.61
C SER A 108 -15.53 -1.88 15.20
N MET A 1 -15.67 25.77 -1.46
CA MET A 1 -17.00 26.28 -1.75
C MET A 1 -16.94 27.43 -2.75
N VAL A 2 -16.35 27.14 -3.90
CA VAL A 2 -16.22 28.14 -4.95
C VAL A 2 -17.09 27.73 -6.14
N ASN A 3 -17.65 28.74 -6.79
CA ASN A 3 -18.50 28.51 -7.95
C ASN A 3 -17.65 28.54 -9.21
N LEU A 4 -16.93 29.64 -9.37
CA LEU A 4 -16.07 29.81 -10.53
C LEU A 4 -14.99 30.83 -10.21
N GLY A 5 -13.94 30.35 -9.54
CA GLY A 5 -12.84 31.21 -9.16
C GLY A 5 -11.53 30.73 -9.80
N LEU A 6 -10.47 31.50 -9.57
CA LEU A 6 -9.17 31.16 -10.12
C LEU A 6 -8.70 29.84 -9.52
N SER A 7 -8.92 29.69 -8.22
CA SER A 7 -8.52 28.48 -7.52
C SER A 7 -9.36 27.30 -8.00
N ARG A 8 -10.64 27.58 -8.23
CA ARG A 8 -11.57 26.57 -8.69
C ARG A 8 -11.21 26.12 -10.11
N VAL A 9 -10.95 27.10 -10.95
CA VAL A 9 -10.60 26.83 -12.34
C VAL A 9 -9.26 26.11 -12.38
N ASP A 10 -8.36 26.54 -11.50
CA ASP A 10 -7.04 25.94 -11.43
C ASP A 10 -7.15 24.47 -11.01
N ASP A 11 -8.07 24.22 -10.08
CA ASP A 11 -8.30 22.88 -9.59
C ASP A 11 -8.96 22.05 -10.69
N ALA A 12 -9.88 22.69 -11.40
CA ALA A 12 -10.60 22.02 -12.47
C ALA A 12 -9.58 21.49 -13.49
N VAL A 13 -8.65 22.36 -13.86
CA VAL A 13 -7.63 22.00 -14.82
C VAL A 13 -6.66 20.99 -14.19
N ALA A 14 -6.48 21.14 -12.88
CA ALA A 14 -5.59 20.26 -12.15
C ALA A 14 -6.06 18.81 -12.33
N ALA A 15 -7.36 18.63 -12.22
CA ALA A 15 -7.95 17.30 -12.37
C ALA A 15 -7.84 16.87 -13.83
N LYS A 16 -7.68 17.85 -14.71
CA LYS A 16 -7.57 17.58 -16.12
C LYS A 16 -6.12 17.28 -16.47
N HIS A 17 -5.24 17.62 -15.54
CA HIS A 17 -3.81 17.40 -15.73
C HIS A 17 -3.30 16.44 -14.65
N PRO A 18 -3.21 15.14 -15.02
CA PRO A 18 -2.74 14.12 -14.10
C PRO A 18 -1.22 14.21 -13.93
N GLY A 19 -0.73 13.45 -12.96
CA GLY A 19 0.70 13.42 -12.67
C GLY A 19 1.15 12.03 -12.23
N LEU A 20 1.73 11.31 -13.19
CA LEU A 20 2.21 9.97 -12.92
C LEU A 20 3.17 10.00 -11.73
N GLY A 21 4.11 10.93 -11.80
CA GLY A 21 5.10 11.10 -10.75
C GLY A 21 4.43 11.45 -9.42
N GLU A 22 3.63 12.50 -9.46
CA GLU A 22 2.93 12.96 -8.26
C GLU A 22 2.03 11.85 -7.72
N TYR A 23 1.37 11.16 -8.66
CA TYR A 23 0.47 10.08 -8.29
C TYR A 23 1.23 8.95 -7.59
N ALA A 24 2.42 8.68 -8.11
CA ALA A 24 3.26 7.63 -7.56
C ALA A 24 3.60 7.98 -6.10
N ALA A 25 4.13 9.17 -5.92
CA ALA A 25 4.50 9.64 -4.60
C ALA A 25 3.29 9.54 -3.66
N CYS A 26 2.16 10.03 -4.16
CA CYS A 26 0.94 10.01 -3.38
C CYS A 26 0.58 8.55 -3.10
N GLN A 27 0.99 7.68 -4.02
CA GLN A 27 0.72 6.26 -3.88
C GLN A 27 1.55 5.67 -2.75
N SER A 28 2.82 6.03 -2.73
CA SER A 28 3.73 5.54 -1.71
C SER A 28 3.23 5.98 -0.32
N HIS A 29 2.84 7.24 -0.24
CA HIS A 29 2.35 7.77 1.02
C HIS A 29 1.10 7.02 1.45
N ALA A 30 0.17 6.87 0.50
CA ALA A 30 -1.07 6.17 0.78
C ALA A 30 -0.76 4.74 1.21
N PHE A 31 0.23 4.15 0.55
CA PHE A 31 0.64 2.79 0.85
C PHE A 31 1.21 2.70 2.27
N MET A 32 1.89 3.75 2.67
CA MET A 32 2.49 3.81 3.99
C MET A 32 1.42 3.89 5.08
N LYS A 33 0.43 4.74 4.83
CA LYS A 33 -0.65 4.92 5.77
C LYS A 33 -1.52 3.66 5.81
N GLY A 34 -1.74 3.10 4.63
CA GLY A 34 -2.53 1.88 4.51
C GLY A 34 -1.85 0.72 5.22
N VAL A 35 -0.59 0.49 4.87
CA VAL A 35 0.17 -0.59 5.46
C VAL A 35 0.25 -0.38 6.97
N PHE A 36 0.36 0.88 7.36
CA PHE A 36 0.44 1.23 8.77
C PHE A 36 -0.82 0.79 9.52
N THR A 37 -1.96 1.12 8.94
CA THR A 37 -3.24 0.77 9.55
C THR A 37 -3.39 -0.75 9.61
N PHE A 38 -2.89 -1.41 8.58
CA PHE A 38 -2.97 -2.86 8.51
C PHE A 38 -2.11 -3.50 9.59
N VAL A 39 -0.87 -3.04 9.68
CA VAL A 39 0.06 -3.56 10.66
C VAL A 39 -0.46 -3.25 12.06
N THR A 40 -1.18 -2.14 12.15
CA THR A 40 -1.74 -1.72 13.43
C THR A 40 -3.03 -2.49 13.73
N GLY A 41 -3.31 -3.46 12.87
CA GLY A 41 -4.51 -4.28 13.04
C GLY A 41 -4.29 -5.37 14.08
N THR A 42 -3.15 -5.29 14.76
CA THR A 42 -2.80 -6.27 15.78
C THR A 42 -2.64 -7.66 15.15
N GLY A 43 -1.63 -7.76 14.31
CA GLY A 43 -1.35 -9.03 13.64
C GLY A 43 -0.76 -10.04 14.62
N MET A 44 -0.23 -9.53 15.72
CA MET A 44 0.35 -10.37 16.74
C MET A 44 -0.43 -11.68 16.89
N ALA A 45 -1.74 -11.54 16.94
CA ALA A 45 -2.61 -12.70 17.08
C ALA A 45 -2.29 -13.71 15.98
N PHE A 46 -2.27 -13.22 14.75
CA PHE A 46 -1.97 -14.07 13.60
C PHE A 46 -0.58 -14.70 13.74
N GLY A 47 0.33 -13.93 14.31
CA GLY A 47 1.69 -14.39 14.50
C GLY A 47 1.75 -15.48 15.56
N LEU A 48 0.95 -15.30 16.60
CA LEU A 48 0.90 -16.26 17.69
C LEU A 48 0.42 -17.61 17.16
N GLN A 49 -0.69 -17.55 16.43
CA GLN A 49 -1.27 -18.76 15.85
C GLN A 49 -0.32 -19.36 14.81
N MET A 50 0.34 -18.48 14.08
CA MET A 50 1.27 -18.90 13.05
C MET A 50 2.46 -19.64 13.66
N PHE A 51 3.00 -19.07 14.73
CA PHE A 51 4.13 -19.67 15.41
C PHE A 51 3.76 -21.03 15.99
N ILE A 52 2.61 -21.08 16.62
CA ILE A 52 2.12 -22.31 17.22
C ILE A 52 1.82 -23.33 16.12
N GLN A 53 1.29 -22.82 15.01
CA GLN A 53 0.96 -23.67 13.89
C GLN A 53 2.22 -24.03 13.10
N ARG A 54 3.28 -23.27 13.36
CA ARG A 54 4.55 -23.50 12.68
C ARG A 54 5.22 -24.76 13.22
N LYS A 55 4.57 -25.37 14.20
CA LYS A 55 5.08 -26.58 14.81
C LYS A 55 4.70 -27.79 13.95
N PHE A 56 4.11 -27.49 12.81
CA PHE A 56 3.68 -28.53 11.88
C PHE A 56 4.86 -29.04 11.05
N PRO A 57 4.82 -30.36 10.74
CA PRO A 57 5.88 -30.97 9.95
C PRO A 57 5.76 -30.59 8.48
N TYR A 58 4.74 -29.79 8.19
CA TYR A 58 4.50 -29.34 6.83
C TYR A 58 5.26 -28.05 6.53
N PRO A 59 5.41 -27.75 5.21
CA PRO A 59 6.11 -26.55 4.79
C PRO A 59 5.24 -25.30 5.00
N LEU A 60 4.05 -25.36 4.42
CA LEU A 60 3.12 -24.25 4.53
C LEU A 60 2.00 -24.62 5.50
N GLN A 61 1.56 -23.63 6.25
CA GLN A 61 0.48 -23.85 7.23
C GLN A 61 -0.87 -23.65 6.56
N TRP A 62 -1.91 -24.16 7.23
CA TRP A 62 -3.26 -24.05 6.72
C TRP A 62 -3.69 -22.59 6.83
N SER A 63 -3.32 -21.98 7.95
CA SER A 63 -3.66 -20.59 8.20
C SER A 63 -2.82 -19.68 7.30
N LEU A 64 -1.56 -20.06 7.15
CA LEU A 64 -0.63 -19.29 6.32
C LEU A 64 -0.97 -19.53 4.85
N LEU A 65 -1.31 -20.76 4.54
CA LEU A 65 -1.64 -21.13 3.18
C LEU A 65 -2.94 -20.44 2.78
N VAL A 66 -3.90 -20.47 3.68
CA VAL A 66 -5.19 -19.85 3.43
C VAL A 66 -5.04 -18.34 3.49
N ALA A 67 -4.12 -17.89 4.33
CA ALA A 67 -3.86 -16.47 4.49
C ALA A 67 -3.15 -15.94 3.25
N VAL A 68 -2.35 -16.81 2.65
CA VAL A 68 -1.60 -16.45 1.45
C VAL A 68 -2.54 -16.49 0.24
N VAL A 69 -3.21 -17.63 0.09
CA VAL A 69 -4.13 -17.82 -1.02
C VAL A 69 -5.25 -16.79 -0.92
N ALA A 70 -5.84 -16.72 0.27
CA ALA A 70 -6.93 -15.77 0.50
C ALA A 70 -6.36 -14.35 0.52
N GLY A 71 -5.13 -14.24 0.96
CA GLY A 71 -4.47 -12.95 1.03
C GLY A 71 -4.26 -12.36 -0.36
N SER A 72 -3.86 -13.23 -1.28
CA SER A 72 -3.62 -12.81 -2.65
C SER A 72 -4.95 -12.49 -3.34
N VAL A 73 -5.86 -13.44 -3.27
CA VAL A 73 -7.17 -13.27 -3.87
C VAL A 73 -7.82 -11.98 -3.33
N VAL A 74 -7.79 -11.86 -2.01
CA VAL A 74 -8.37 -10.70 -1.36
C VAL A 74 -7.55 -9.45 -1.73
N SER A 75 -6.27 -9.68 -1.96
CA SER A 75 -5.38 -8.59 -2.33
C SER A 75 -5.75 -8.03 -3.69
N TYR A 76 -6.00 -8.96 -4.62
CA TYR A 76 -6.38 -8.57 -5.97
C TYR A 76 -7.75 -7.88 -5.98
N GLY A 77 -8.72 -8.54 -5.36
CA GLY A 77 -10.06 -8.01 -5.30
C GLY A 77 -10.08 -6.65 -4.58
N VAL A 78 -9.44 -6.62 -3.43
CA VAL A 78 -9.37 -5.40 -2.64
C VAL A 78 -8.56 -4.36 -3.40
N THR A 79 -7.63 -4.84 -4.21
CA THR A 79 -6.78 -3.97 -4.99
C THR A 79 -7.59 -3.29 -6.10
N ARG A 80 -8.53 -4.04 -6.64
CA ARG A 80 -9.37 -3.51 -7.71
C ARG A 80 -10.38 -2.51 -7.15
N VAL A 81 -10.97 -2.87 -6.02
CA VAL A 81 -11.95 -2.02 -5.37
C VAL A 81 -11.23 -0.80 -4.78
N GLU A 82 -10.03 -1.05 -4.27
CA GLU A 82 -9.24 0.01 -3.67
C GLU A 82 -8.69 0.95 -4.76
N SER A 83 -8.45 0.36 -5.92
CA SER A 83 -7.94 1.13 -7.04
C SER A 83 -9.01 2.05 -7.60
N GLU A 84 -10.21 1.49 -7.73
CA GLU A 84 -11.33 2.25 -8.24
C GLU A 84 -11.69 3.39 -7.29
N LYS A 85 -11.78 3.04 -6.02
CA LYS A 85 -12.11 4.02 -4.99
C LYS A 85 -10.95 4.98 -4.81
N CYS A 86 -9.75 4.45 -5.02
CA CYS A 86 -8.55 5.26 -4.90
C CYS A 86 -8.50 6.25 -6.06
N ASN A 87 -9.01 5.81 -7.20
CA ASN A 87 -9.04 6.65 -8.39
C ASN A 87 -10.03 7.78 -8.18
N ASN A 88 -11.20 7.41 -7.70
CA ASN A 88 -12.25 8.39 -7.44
C ASN A 88 -11.78 9.38 -6.38
N LEU A 89 -11.21 8.83 -5.32
CA LEU A 89 -10.72 9.66 -4.23
C LEU A 89 -9.64 10.61 -4.76
N TRP A 90 -8.80 10.08 -5.63
CA TRP A 90 -7.73 10.87 -6.23
C TRP A 90 -8.37 12.02 -7.00
N LEU A 91 -9.41 11.68 -7.76
CA LEU A 91 -10.11 12.66 -8.56
C LEU A 91 -10.62 13.78 -7.64
N PHE A 92 -11.24 13.36 -6.54
CA PHE A 92 -11.79 14.31 -5.58
C PHE A 92 -10.69 15.24 -5.06
N LEU A 93 -9.58 14.63 -4.69
CA LEU A 93 -8.45 15.38 -4.17
C LEU A 93 -7.97 16.37 -5.23
N GLU A 94 -7.88 15.88 -6.46
CA GLU A 94 -7.43 16.71 -7.56
C GLU A 94 -8.35 17.93 -7.71
N THR A 95 -9.57 17.78 -7.22
CA THR A 95 -10.54 18.85 -7.29
C THR A 95 -10.49 19.71 -6.02
N GLY A 96 -9.38 19.57 -5.30
CA GLY A 96 -9.20 20.31 -4.07
C GLY A 96 -10.21 19.88 -3.00
N GLN A 97 -10.77 18.70 -3.21
CA GLN A 97 -11.74 18.15 -2.28
C GLN A 97 -11.04 17.55 -1.06
N LEU A 98 -11.43 18.04 0.11
CA LEU A 98 -10.84 17.56 1.34
C LEU A 98 -11.16 16.07 1.51
N PRO A 99 -10.21 15.35 2.19
CA PRO A 99 -10.38 13.93 2.42
C PRO A 99 -11.42 13.67 3.51
N LYS A 100 -11.56 12.41 3.87
CA LYS A 100 -12.51 12.01 4.90
C LYS A 100 -12.12 12.67 6.22
N ASP A 101 -10.92 12.34 6.68
CA ASP A 101 -10.43 12.89 7.93
C ASP A 101 -9.05 13.52 7.69
N ARG A 102 -8.75 14.53 8.50
CA ARG A 102 -7.48 15.22 8.38
C ARG A 102 -6.65 15.02 9.66
N SER A 103 -5.35 14.84 9.46
CA SER A 103 -4.45 14.63 10.58
C SER A 103 -3.03 14.36 10.06
N THR A 104 -2.06 14.95 10.74
CA THR A 104 -0.68 14.77 10.36
C THR A 104 0.24 14.91 11.58
N ASP A 105 1.40 14.29 11.49
CA ASP A 105 2.36 14.33 12.58
C ASP A 105 3.76 14.58 12.00
N GLN A 106 4.69 14.89 12.90
CA GLN A 106 6.06 15.14 12.50
C GLN A 106 6.98 15.13 13.73
N ARG A 107 8.14 14.52 13.54
CA ARG A 107 9.12 14.43 14.62
C ARG A 107 10.54 14.41 14.05
N SER A 108 11.44 15.06 14.77
CA SER A 108 12.83 15.12 14.35
C SER A 108 13.43 13.71 14.30
N MET A 1 -6.57 -5.56 -39.22
CA MET A 1 -5.78 -5.89 -38.05
C MET A 1 -4.43 -5.15 -38.07
N VAL A 2 -4.43 -3.99 -37.45
CA VAL A 2 -3.23 -3.17 -37.39
C VAL A 2 -3.03 -2.67 -35.96
N ASN A 3 -1.76 -2.59 -35.56
CA ASN A 3 -1.43 -2.14 -34.23
C ASN A 3 0.04 -1.70 -34.20
N LEU A 4 0.24 -0.40 -34.11
CA LEU A 4 1.59 0.15 -34.07
C LEU A 4 1.52 1.66 -33.87
N GLY A 5 1.94 2.10 -32.69
CA GLY A 5 1.93 3.51 -32.37
C GLY A 5 3.07 3.87 -31.43
N LEU A 6 3.74 4.98 -31.74
CA LEU A 6 4.86 5.44 -30.95
C LEU A 6 4.33 6.22 -29.74
N SER A 7 3.21 6.91 -29.97
CA SER A 7 2.60 7.69 -28.92
C SER A 7 1.99 6.78 -27.85
N ARG A 8 1.44 5.67 -28.32
CA ARG A 8 0.82 4.70 -27.43
C ARG A 8 1.88 4.07 -26.52
N VAL A 9 3.00 3.70 -27.13
CA VAL A 9 4.08 3.10 -26.39
C VAL A 9 4.77 4.16 -25.52
N ASP A 10 4.77 5.38 -26.04
CA ASP A 10 5.38 6.49 -25.32
C ASP A 10 4.56 6.80 -24.08
N ASP A 11 3.24 6.73 -24.24
CA ASP A 11 2.34 7.00 -23.13
C ASP A 11 2.37 5.83 -22.15
N ALA A 12 2.57 4.64 -22.70
CA ALA A 12 2.62 3.44 -21.89
C ALA A 12 3.85 3.50 -20.97
N VAL A 13 4.99 3.79 -21.57
CA VAL A 13 6.23 3.89 -20.82
C VAL A 13 6.16 5.10 -19.89
N ALA A 14 5.51 6.14 -20.36
CA ALA A 14 5.36 7.36 -19.58
C ALA A 14 4.62 7.03 -18.28
N ALA A 15 3.60 6.21 -18.41
CA ALA A 15 2.80 5.82 -17.26
C ALA A 15 3.67 5.00 -16.31
N LYS A 16 4.74 4.46 -16.85
CA LYS A 16 5.66 3.65 -16.06
C LYS A 16 6.77 4.55 -15.51
N HIS A 17 7.16 5.51 -16.31
CA HIS A 17 8.21 6.44 -15.91
C HIS A 17 7.76 7.88 -16.20
N PRO A 18 6.74 8.34 -15.42
CA PRO A 18 6.22 9.68 -15.59
C PRO A 18 7.17 10.72 -15.02
N GLY A 19 7.54 10.52 -13.76
CA GLY A 19 8.44 11.42 -13.08
C GLY A 19 7.81 11.97 -11.79
N LEU A 20 6.96 12.96 -11.96
CA LEU A 20 6.29 13.57 -10.81
C LEU A 20 5.04 12.76 -10.47
N GLY A 21 4.34 12.33 -11.51
CA GLY A 21 3.14 11.54 -11.33
C GLY A 21 3.40 10.31 -10.45
N GLU A 22 4.55 9.70 -10.69
CA GLU A 22 4.94 8.53 -9.93
C GLU A 22 5.05 8.87 -8.44
N TYR A 23 5.68 9.99 -8.17
CA TYR A 23 5.86 10.44 -6.79
C TYR A 23 4.51 10.65 -6.11
N ALA A 24 3.63 11.36 -6.81
CA ALA A 24 2.30 11.64 -6.28
C ALA A 24 1.62 10.32 -5.91
N ALA A 25 1.59 9.40 -6.87
CA ALA A 25 0.98 8.11 -6.65
C ALA A 25 1.71 7.38 -5.53
N CYS A 26 3.01 7.64 -5.45
CA CYS A 26 3.84 7.02 -4.43
C CYS A 26 3.43 7.58 -3.07
N GLN A 27 2.95 8.81 -3.09
CA GLN A 27 2.52 9.48 -1.87
C GLN A 27 1.20 8.89 -1.38
N SER A 28 0.22 8.87 -2.28
CA SER A 28 -1.09 8.34 -1.96
C SER A 28 -0.97 6.88 -1.55
N HIS A 29 -0.02 6.19 -2.18
CA HIS A 29 0.21 4.79 -1.89
C HIS A 29 0.79 4.64 -0.48
N ALA A 30 1.80 5.44 -0.20
CA ALA A 30 2.44 5.41 1.10
C ALA A 30 1.38 5.58 2.20
N PHE A 31 0.53 6.56 1.99
CA PHE A 31 -0.53 6.84 2.96
C PHE A 31 -1.46 5.64 3.10
N MET A 32 -1.94 5.15 1.96
CA MET A 32 -2.84 4.01 1.94
C MET A 32 -2.19 2.80 2.62
N LYS A 33 -0.88 2.69 2.45
CA LYS A 33 -0.15 1.60 3.04
C LYS A 33 -0.11 1.76 4.56
N GLY A 34 0.17 2.98 4.98
CA GLY A 34 0.24 3.28 6.40
C GLY A 34 -1.09 2.95 7.09
N VAL A 35 -2.18 3.29 6.42
CA VAL A 35 -3.50 3.03 6.96
C VAL A 35 -3.73 1.52 7.03
N PHE A 36 -3.39 0.85 5.94
CA PHE A 36 -3.56 -0.59 5.86
C PHE A 36 -2.91 -1.28 7.06
N THR A 37 -1.68 -0.86 7.35
CA THR A 37 -0.95 -1.43 8.47
C THR A 37 -1.56 -0.98 9.80
N PHE A 38 -2.07 0.24 9.79
CA PHE A 38 -2.68 0.80 10.99
C PHE A 38 -3.96 0.04 11.36
N VAL A 39 -4.71 -0.33 10.33
CA VAL A 39 -5.95 -1.06 10.53
C VAL A 39 -5.63 -2.51 10.90
N THR A 40 -4.59 -3.03 10.26
CA THR A 40 -4.17 -4.40 10.51
C THR A 40 -4.03 -4.65 12.02
N GLY A 41 -2.80 -4.55 12.49
CA GLY A 41 -2.52 -4.76 13.90
C GLY A 41 -2.97 -6.15 14.35
N THR A 42 -3.24 -6.99 13.37
CA THR A 42 -3.69 -8.34 13.64
C THR A 42 -2.52 -9.33 13.54
N GLY A 43 -1.32 -8.78 13.71
CA GLY A 43 -0.11 -9.60 13.63
C GLY A 43 0.02 -10.50 14.86
N MET A 44 -0.56 -10.04 15.96
CA MET A 44 -0.51 -10.79 17.20
C MET A 44 -1.09 -12.20 17.00
N ALA A 45 -2.17 -12.26 16.24
CA ALA A 45 -2.83 -13.53 15.96
C ALA A 45 -1.87 -14.43 15.18
N PHE A 46 -1.33 -13.88 14.10
CA PHE A 46 -0.41 -14.62 13.26
C PHE A 46 0.83 -15.04 14.05
N GLY A 47 1.20 -14.20 15.01
CA GLY A 47 2.36 -14.47 15.83
C GLY A 47 2.12 -15.68 16.74
N LEU A 48 0.97 -15.68 17.40
CA LEU A 48 0.62 -16.76 18.29
C LEU A 48 0.58 -18.08 17.50
N GLN A 49 -0.11 -18.03 16.37
CA GLN A 49 -0.23 -19.20 15.52
C GLN A 49 1.16 -19.70 15.11
N MET A 50 2.01 -18.75 14.75
CA MET A 50 3.36 -19.07 14.33
C MET A 50 4.17 -19.64 15.49
N PHE A 51 3.94 -19.09 16.67
CA PHE A 51 4.64 -19.54 17.86
C PHE A 51 4.32 -21.01 18.16
N ILE A 52 3.04 -21.34 18.00
CA ILE A 52 2.60 -22.70 18.25
C ILE A 52 3.16 -23.64 17.18
N GLN A 53 3.14 -23.14 15.95
CA GLN A 53 3.64 -23.92 14.82
C GLN A 53 5.17 -23.97 14.87
N ARG A 54 5.75 -23.07 15.65
CA ARG A 54 7.20 -23.00 15.79
C ARG A 54 7.71 -24.22 16.54
N LYS A 55 6.77 -25.01 17.05
CA LYS A 55 7.12 -26.22 17.78
C LYS A 55 7.40 -27.35 16.80
N PHE A 56 7.15 -27.07 15.53
CA PHE A 56 7.37 -28.05 14.49
C PHE A 56 8.71 -27.81 13.78
N PRO A 57 9.44 -28.93 13.53
CA PRO A 57 10.73 -28.85 12.86
C PRO A 57 10.55 -28.61 11.37
N TYR A 58 10.42 -27.33 11.02
CA TYR A 58 10.25 -26.95 9.63
C TYR A 58 11.43 -26.11 9.14
N PRO A 59 11.68 -26.18 7.81
CA PRO A 59 12.77 -25.44 7.20
C PRO A 59 12.43 -23.95 7.10
N LEU A 60 11.13 -23.69 6.96
CA LEU A 60 10.66 -22.32 6.84
C LEU A 60 10.57 -21.69 8.23
N GLN A 61 10.89 -20.40 8.29
CA GLN A 61 10.85 -19.68 9.55
C GLN A 61 9.44 -19.12 9.79
N TRP A 62 9.12 -18.96 11.07
CA TRP A 62 7.81 -18.43 11.44
C TRP A 62 7.69 -17.01 10.87
N SER A 63 8.82 -16.33 10.81
CA SER A 63 8.85 -14.98 10.30
C SER A 63 8.68 -15.00 8.78
N LEU A 64 9.31 -15.97 8.15
CA LEU A 64 9.24 -16.12 6.70
C LEU A 64 7.87 -16.67 6.33
N LEU A 65 7.37 -17.56 7.17
CA LEU A 65 6.07 -18.17 6.93
C LEU A 65 4.98 -17.11 7.11
N VAL A 66 5.12 -16.34 8.17
CA VAL A 66 4.16 -15.28 8.46
C VAL A 66 4.33 -14.15 7.45
N ALA A 67 5.57 -13.95 7.02
CA ALA A 67 5.88 -12.91 6.06
C ALA A 67 5.36 -13.33 4.68
N VAL A 68 5.33 -14.63 4.46
CA VAL A 68 4.86 -15.17 3.19
C VAL A 68 3.33 -15.15 3.17
N VAL A 69 2.75 -15.72 4.20
CA VAL A 69 1.30 -15.78 4.31
C VAL A 69 0.75 -14.36 4.41
N ALA A 70 1.33 -13.59 5.31
CA ALA A 70 0.91 -12.21 5.52
C ALA A 70 1.31 -11.38 4.30
N GLY A 71 2.42 -11.77 3.69
CA GLY A 71 2.92 -11.07 2.52
C GLY A 71 1.97 -11.25 1.33
N SER A 72 1.47 -12.47 1.21
CA SER A 72 0.55 -12.79 0.12
C SER A 72 -0.80 -12.11 0.36
N VAL A 73 -1.34 -12.34 1.54
CA VAL A 73 -2.63 -11.77 1.90
C VAL A 73 -2.55 -10.24 1.78
N VAL A 74 -1.53 -9.69 2.43
CA VAL A 74 -1.33 -8.24 2.41
C VAL A 74 -1.03 -7.80 0.98
N SER A 75 -0.41 -8.70 0.23
CA SER A 75 -0.06 -8.42 -1.15
C SER A 75 -1.33 -8.28 -1.99
N TYR A 76 -2.25 -9.20 -1.77
CA TYR A 76 -3.50 -9.20 -2.49
C TYR A 76 -4.33 -7.95 -2.16
N GLY A 77 -4.50 -7.73 -0.86
CA GLY A 77 -5.26 -6.58 -0.41
C GLY A 77 -4.60 -5.28 -0.84
N VAL A 78 -3.31 -5.19 -0.61
CA VAL A 78 -2.55 -4.01 -0.98
C VAL A 78 -2.53 -3.87 -2.50
N THR A 79 -2.68 -5.00 -3.16
CA THR A 79 -2.68 -5.02 -4.62
C THR A 79 -4.01 -4.49 -5.16
N ARG A 80 -5.08 -4.79 -4.44
CA ARG A 80 -6.41 -4.35 -4.83
C ARG A 80 -6.55 -2.85 -4.61
N VAL A 81 -6.07 -2.41 -3.46
CA VAL A 81 -6.13 -0.99 -3.11
C VAL A 81 -5.17 -0.20 -4.00
N GLU A 82 -3.98 -0.74 -4.15
CA GLU A 82 -2.96 -0.11 -4.98
C GLU A 82 -3.39 -0.10 -6.44
N SER A 83 -4.15 -1.14 -6.81
CA SER A 83 -4.63 -1.25 -8.17
C SER A 83 -5.68 -0.18 -8.46
N GLU A 84 -6.63 -0.06 -7.54
CA GLU A 84 -7.68 0.93 -7.67
C GLU A 84 -7.11 2.34 -7.61
N LYS A 85 -6.29 2.57 -6.58
CA LYS A 85 -5.67 3.87 -6.39
C LYS A 85 -4.73 4.16 -7.57
N CYS A 86 -4.15 3.09 -8.10
CA CYS A 86 -3.24 3.21 -9.22
C CYS A 86 -4.03 3.68 -10.43
N ASN A 87 -5.20 3.06 -10.62
CA ASN A 87 -6.05 3.41 -11.74
C ASN A 87 -6.45 4.89 -11.64
N ASN A 88 -6.90 5.27 -10.46
CA ASN A 88 -7.30 6.65 -10.21
C ASN A 88 -6.10 7.58 -10.44
N LEU A 89 -4.96 7.14 -9.94
CA LEU A 89 -3.74 7.92 -10.08
C LEU A 89 -3.38 8.04 -11.56
N TRP A 90 -3.72 7.01 -12.31
CA TRP A 90 -3.44 6.99 -13.73
C TRP A 90 -4.30 8.08 -14.39
N LEU A 91 -5.56 8.09 -14.02
CA LEU A 91 -6.49 9.07 -14.57
C LEU A 91 -5.98 10.48 -14.27
N PHE A 92 -5.57 10.67 -13.03
CA PHE A 92 -5.05 11.96 -12.60
C PHE A 92 -3.78 12.32 -13.37
N LEU A 93 -2.90 11.35 -13.50
CA LEU A 93 -1.65 11.55 -14.21
C LEU A 93 -1.95 12.07 -15.62
N GLU A 94 -2.97 11.48 -16.23
CA GLU A 94 -3.37 11.87 -17.57
C GLU A 94 -3.70 13.36 -17.61
N THR A 95 -3.91 13.92 -16.43
CA THR A 95 -4.23 15.33 -16.32
C THR A 95 -3.02 16.12 -15.81
N GLY A 96 -2.10 15.40 -15.20
CA GLY A 96 -0.90 16.01 -14.66
C GLY A 96 -1.20 16.74 -13.35
N GLN A 97 -2.35 16.44 -12.78
CA GLN A 97 -2.77 17.06 -11.54
C GLN A 97 -2.36 16.19 -10.35
N LEU A 98 -1.53 16.76 -9.49
CA LEU A 98 -1.06 16.04 -8.32
C LEU A 98 -2.15 16.05 -7.25
N PRO A 99 -2.18 14.95 -6.45
CA PRO A 99 -3.17 14.83 -5.39
C PRO A 99 -2.82 15.72 -4.20
N LYS A 100 -1.73 15.37 -3.54
CA LYS A 100 -1.29 16.14 -2.39
C LYS A 100 0.17 15.80 -2.09
N ASP A 101 0.89 16.79 -1.56
CA ASP A 101 2.29 16.60 -1.23
C ASP A 101 2.44 16.47 0.29
N ARG A 102 3.26 15.53 0.69
CA ARG A 102 3.50 15.29 2.11
C ARG A 102 4.41 14.08 2.31
N SER A 103 5.61 14.36 2.80
CA SER A 103 6.58 13.30 3.05
C SER A 103 7.75 13.85 3.88
N THR A 104 8.50 12.93 4.45
CA THR A 104 9.64 13.30 5.27
C THR A 104 10.92 12.68 4.71
N ASP A 105 12.05 13.29 5.08
CA ASP A 105 13.34 12.82 4.63
C ASP A 105 14.11 12.23 5.81
N GLN A 106 14.26 13.05 6.84
CA GLN A 106 14.97 12.62 8.03
C GLN A 106 14.34 13.24 9.28
N ARG A 107 14.70 12.69 10.43
CA ARG A 107 14.18 13.17 11.69
C ARG A 107 15.11 14.23 12.28
N SER A 108 16.35 13.83 12.48
CA SER A 108 17.35 14.72 13.03
C SER A 108 17.34 16.05 12.28
N MET A 1 26.12 16.38 -3.68
CA MET A 1 25.22 16.54 -2.55
C MET A 1 24.79 15.18 -2.00
N VAL A 2 25.42 14.80 -0.90
CA VAL A 2 25.11 13.54 -0.27
C VAL A 2 24.32 13.79 1.02
N ASN A 3 23.29 12.97 1.22
CA ASN A 3 22.46 13.10 2.40
C ASN A 3 21.86 14.51 2.45
N LEU A 4 20.81 14.65 3.24
CA LEU A 4 20.14 15.93 3.38
C LEU A 4 19.87 16.52 2.00
N GLY A 5 19.25 15.72 1.16
CA GLY A 5 18.93 16.15 -0.19
C GLY A 5 17.52 15.72 -0.59
N LEU A 6 16.59 16.66 -0.49
CA LEU A 6 15.20 16.40 -0.84
C LEU A 6 15.00 16.64 -2.33
N SER A 7 15.66 17.68 -2.82
CA SER A 7 15.55 18.03 -4.23
C SER A 7 16.27 16.98 -5.08
N ARG A 8 17.41 16.54 -4.59
CA ARG A 8 18.20 15.55 -5.29
C ARG A 8 17.37 14.27 -5.52
N VAL A 9 16.75 13.83 -4.44
CA VAL A 9 15.92 12.63 -4.50
C VAL A 9 14.69 12.90 -5.37
N ASP A 10 14.19 14.12 -5.24
CA ASP A 10 13.01 14.52 -6.01
C ASP A 10 13.34 14.46 -7.50
N ASP A 11 14.60 14.75 -7.81
CA ASP A 11 15.05 14.72 -9.20
C ASP A 11 15.24 13.27 -9.65
N ALA A 12 15.93 12.51 -8.81
CA ALA A 12 16.19 11.11 -9.11
C ALA A 12 14.87 10.40 -9.41
N VAL A 13 13.92 10.58 -8.51
CA VAL A 13 12.61 9.97 -8.66
C VAL A 13 11.90 10.60 -9.86
N ALA A 14 12.04 11.91 -9.98
CA ALA A 14 11.42 12.64 -11.08
C ALA A 14 11.90 12.05 -12.41
N ALA A 15 13.13 11.53 -12.38
CA ALA A 15 13.71 10.94 -13.57
C ALA A 15 13.06 9.59 -13.84
N LYS A 16 12.40 9.07 -12.82
CA LYS A 16 11.72 7.79 -12.93
C LYS A 16 10.24 8.02 -13.20
N HIS A 17 9.70 9.06 -12.58
CA HIS A 17 8.30 9.41 -12.75
C HIS A 17 8.17 10.90 -13.00
N PRO A 18 8.65 11.33 -14.20
CA PRO A 18 8.59 12.73 -14.58
C PRO A 18 7.16 13.13 -14.97
N GLY A 19 6.23 12.89 -14.05
CA GLY A 19 4.84 13.22 -14.28
C GLY A 19 4.03 13.12 -12.99
N LEU A 20 2.88 12.50 -13.09
CA LEU A 20 2.00 12.33 -11.95
C LEU A 20 2.43 11.10 -11.15
N GLY A 21 3.23 10.27 -11.81
CA GLY A 21 3.71 9.04 -11.18
C GLY A 21 4.33 9.33 -9.81
N GLU A 22 5.07 10.43 -9.76
CA GLU A 22 5.72 10.83 -8.52
C GLU A 22 4.68 11.04 -7.42
N TYR A 23 3.64 11.80 -7.77
CA TYR A 23 2.58 12.09 -6.82
C TYR A 23 1.82 10.81 -6.45
N ALA A 24 1.61 9.97 -7.45
CA ALA A 24 0.90 8.72 -7.24
C ALA A 24 1.74 7.82 -6.34
N ALA A 25 3.05 7.94 -6.48
CA ALA A 25 3.97 7.14 -5.69
C ALA A 25 3.88 7.57 -4.22
N CYS A 26 3.95 8.87 -4.01
CA CYS A 26 3.88 9.42 -2.67
C CYS A 26 2.50 9.11 -2.09
N GLN A 27 1.53 9.01 -2.99
CA GLN A 27 0.17 8.72 -2.58
C GLN A 27 0.06 7.27 -2.09
N SER A 28 0.53 6.36 -2.92
CA SER A 28 0.50 4.95 -2.59
C SER A 28 1.36 4.68 -1.35
N HIS A 29 2.35 5.54 -1.17
CA HIS A 29 3.25 5.40 -0.04
C HIS A 29 2.52 5.78 1.25
N ALA A 30 1.85 6.92 1.20
CA ALA A 30 1.11 7.40 2.35
C ALA A 30 -0.03 6.42 2.66
N PHE A 31 -0.81 6.14 1.63
CA PHE A 31 -1.93 5.22 1.77
C PHE A 31 -1.46 3.85 2.26
N MET A 32 -0.44 3.33 1.59
CA MET A 32 0.11 2.03 1.95
C MET A 32 0.59 2.02 3.40
N LYS A 33 1.24 3.11 3.79
CA LYS A 33 1.75 3.22 5.15
C LYS A 33 0.58 3.09 6.14
N GLY A 34 -0.48 3.85 5.87
CA GLY A 34 -1.65 3.84 6.72
C GLY A 34 -2.27 2.44 6.76
N VAL A 35 -2.40 1.84 5.58
CA VAL A 35 -2.97 0.51 5.48
C VAL A 35 -2.10 -0.48 6.26
N PHE A 36 -0.80 -0.25 6.19
CA PHE A 36 0.15 -1.11 6.88
C PHE A 36 -0.06 -1.04 8.40
N THR A 37 -0.24 0.18 8.89
CA THR A 37 -0.44 0.40 10.31
C THR A 37 -1.76 -0.21 10.74
N PHE A 38 -2.74 -0.16 9.84
CA PHE A 38 -4.06 -0.69 10.13
C PHE A 38 -4.03 -2.22 10.19
N VAL A 39 -3.55 -2.82 9.11
CA VAL A 39 -3.47 -4.27 9.03
C VAL A 39 -2.62 -4.79 10.19
N THR A 40 -1.62 -4.00 10.55
CA THR A 40 -0.73 -4.36 11.64
C THR A 40 -1.35 -3.98 12.99
N GLY A 41 -2.60 -3.55 12.92
CA GLY A 41 -3.31 -3.14 14.12
C GLY A 41 -3.51 -4.33 15.07
N THR A 42 -3.37 -5.52 14.50
CA THR A 42 -3.53 -6.73 15.29
C THR A 42 -2.84 -7.92 14.59
N GLY A 43 -1.65 -7.65 14.08
CA GLY A 43 -0.88 -8.66 13.38
C GLY A 43 -0.33 -9.70 14.36
N MET A 44 -0.27 -9.30 15.62
CA MET A 44 0.23 -10.18 16.66
C MET A 44 -0.55 -11.49 16.70
N ALA A 45 -1.86 -11.36 16.60
CA ALA A 45 -2.74 -12.53 16.62
C ALA A 45 -2.24 -13.54 15.60
N PHE A 46 -2.02 -13.07 14.38
CA PHE A 46 -1.56 -13.93 13.31
C PHE A 46 -0.19 -14.51 13.65
N GLY A 47 0.66 -13.68 14.22
CA GLY A 47 2.00 -14.11 14.59
C GLY A 47 1.95 -15.19 15.67
N LEU A 48 0.95 -15.08 16.53
CA LEU A 48 0.77 -16.04 17.60
C LEU A 48 0.38 -17.40 17.01
N GLN A 49 -0.63 -17.35 16.14
CA GLN A 49 -1.11 -18.55 15.50
C GLN A 49 -0.03 -19.15 14.60
N MET A 50 0.79 -18.27 14.05
CA MET A 50 1.87 -18.69 13.17
C MET A 50 2.96 -19.43 13.96
N PHE A 51 3.35 -18.81 15.06
CA PHE A 51 4.39 -19.39 15.90
C PHE A 51 3.96 -20.77 16.43
N ILE A 52 2.72 -20.83 16.89
CA ILE A 52 2.17 -22.07 17.41
C ILE A 52 1.88 -23.02 16.25
N GLN A 53 1.64 -22.44 15.09
CA GLN A 53 1.35 -23.23 13.91
C GLN A 53 2.65 -23.77 13.29
N ARG A 54 3.75 -23.14 13.67
CA ARG A 54 5.05 -23.54 13.17
C ARG A 54 5.49 -24.85 13.82
N LYS A 55 4.65 -25.34 14.73
CA LYS A 55 4.94 -26.57 15.43
C LYS A 55 4.45 -27.76 14.59
N PHE A 56 4.07 -27.46 13.35
CA PHE A 56 3.58 -28.47 12.45
C PHE A 56 4.74 -29.23 11.81
N PRO A 57 4.50 -30.55 11.58
CA PRO A 57 5.51 -31.41 10.97
C PRO A 57 5.64 -31.13 9.48
N TYR A 58 4.74 -30.29 8.99
CA TYR A 58 4.75 -29.93 7.57
C TYR A 58 5.39 -28.56 7.36
N PRO A 59 5.78 -28.30 6.07
CA PRO A 59 6.41 -27.04 5.72
C PRO A 59 5.37 -25.91 5.68
N LEU A 60 4.32 -26.15 4.92
CA LEU A 60 3.26 -25.17 4.77
C LEU A 60 1.97 -25.72 5.40
N GLN A 61 1.34 -24.87 6.19
CA GLN A 61 0.10 -25.25 6.86
C GLN A 61 -1.10 -24.89 6.00
N TRP A 62 -2.22 -25.56 6.29
CA TRP A 62 -3.44 -25.32 5.55
C TRP A 62 -3.84 -23.85 5.75
N SER A 63 -3.60 -23.37 6.96
CA SER A 63 -3.93 -22.00 7.29
C SER A 63 -3.11 -21.04 6.43
N LEU A 64 -1.81 -21.26 6.44
CA LEU A 64 -0.90 -20.43 5.67
C LEU A 64 -1.10 -20.70 4.18
N LEU A 65 -1.49 -21.94 3.89
CA LEU A 65 -1.72 -22.35 2.51
C LEU A 65 -2.91 -21.57 1.95
N VAL A 66 -3.96 -21.49 2.76
CA VAL A 66 -5.16 -20.79 2.36
C VAL A 66 -4.90 -19.28 2.36
N ALA A 67 -4.02 -18.86 3.26
CA ALA A 67 -3.67 -17.46 3.38
C ALA A 67 -2.82 -17.05 2.16
N VAL A 68 -1.99 -17.98 1.72
CA VAL A 68 -1.12 -17.73 0.58
C VAL A 68 -1.96 -17.80 -0.70
N VAL A 69 -2.66 -18.92 -0.85
CA VAL A 69 -3.49 -19.12 -2.03
C VAL A 69 -4.52 -17.99 -2.11
N ALA A 70 -5.21 -17.77 -1.00
CA ALA A 70 -6.22 -16.72 -0.95
C ALA A 70 -5.54 -15.36 -1.06
N GLY A 71 -4.32 -15.30 -0.56
CA GLY A 71 -3.56 -14.05 -0.59
C GLY A 71 -3.18 -13.69 -2.02
N SER A 72 -2.87 -14.71 -2.81
CA SER A 72 -2.50 -14.51 -4.20
C SER A 72 -3.73 -14.11 -5.02
N VAL A 73 -4.76 -14.93 -4.91
CA VAL A 73 -5.99 -14.67 -5.64
C VAL A 73 -6.55 -13.31 -5.22
N VAL A 74 -6.68 -13.12 -3.92
CA VAL A 74 -7.19 -11.86 -3.39
C VAL A 74 -6.25 -10.73 -3.78
N SER A 75 -4.97 -11.06 -3.85
CA SER A 75 -3.96 -10.08 -4.22
C SER A 75 -4.23 -9.55 -5.63
N TYR A 76 -4.43 -10.49 -6.55
CA TYR A 76 -4.70 -10.13 -7.93
C TYR A 76 -5.97 -9.30 -8.05
N GLY A 77 -7.04 -9.81 -7.45
CA GLY A 77 -8.32 -9.12 -7.48
C GLY A 77 -8.22 -7.75 -6.82
N VAL A 78 -7.44 -7.70 -5.76
CA VAL A 78 -7.24 -6.45 -5.03
C VAL A 78 -6.36 -5.51 -5.86
N THR A 79 -5.52 -6.12 -6.69
CA THR A 79 -4.62 -5.35 -7.53
C THR A 79 -5.39 -4.69 -8.68
N ARG A 80 -6.39 -5.41 -9.17
CA ARG A 80 -7.21 -4.91 -10.26
C ARG A 80 -8.15 -3.82 -9.75
N VAL A 81 -8.76 -4.10 -8.61
CA VAL A 81 -9.70 -3.16 -8.00
C VAL A 81 -8.92 -1.95 -7.47
N GLU A 82 -7.77 -2.25 -6.87
CA GLU A 82 -6.93 -1.21 -6.31
C GLU A 82 -6.24 -0.42 -7.43
N SER A 83 -6.05 -1.11 -8.55
CA SER A 83 -5.40 -0.50 -9.70
C SER A 83 -6.33 0.53 -10.34
N GLU A 84 -7.57 0.11 -10.57
CA GLU A 84 -8.56 0.99 -11.17
C GLU A 84 -8.88 2.16 -10.23
N LYS A 85 -9.07 1.82 -8.96
CA LYS A 85 -9.38 2.82 -7.96
C LYS A 85 -8.17 3.73 -7.77
N CYS A 86 -6.99 3.13 -7.78
CA CYS A 86 -5.76 3.86 -7.61
C CYS A 86 -5.63 4.85 -8.77
N ASN A 87 -5.94 4.36 -9.96
CA ASN A 87 -5.86 5.19 -11.16
C ASN A 87 -6.81 6.38 -11.01
N ASN A 88 -8.04 6.07 -10.64
CA ASN A 88 -9.05 7.10 -10.45
C ASN A 88 -8.58 8.10 -9.40
N LEU A 89 -7.97 7.55 -8.35
CA LEU A 89 -7.47 8.38 -7.27
C LEU A 89 -6.43 9.36 -7.81
N TRP A 90 -5.58 8.84 -8.69
CA TRP A 90 -4.54 9.66 -9.29
C TRP A 90 -5.22 10.79 -10.06
N LEU A 91 -6.25 10.42 -10.80
CA LEU A 91 -6.99 11.39 -11.58
C LEU A 91 -7.65 12.41 -10.65
N PHE A 92 -7.99 11.93 -9.45
CA PHE A 92 -8.62 12.78 -8.47
C PHE A 92 -7.60 13.75 -7.84
N LEU A 93 -6.40 13.22 -7.61
CA LEU A 93 -5.34 14.00 -7.02
C LEU A 93 -4.93 15.12 -7.99
N GLU A 94 -4.76 14.73 -9.25
CA GLU A 94 -4.37 15.67 -10.28
C GLU A 94 -5.55 16.57 -10.66
N THR A 95 -6.73 16.14 -10.23
CA THR A 95 -7.94 16.89 -10.51
C THR A 95 -8.20 17.91 -9.41
N GLY A 96 -7.49 17.74 -8.31
CA GLY A 96 -7.63 18.65 -7.17
C GLY A 96 -8.68 18.12 -6.19
N GLN A 97 -8.91 16.82 -6.25
CA GLN A 97 -9.88 16.18 -5.37
C GLN A 97 -9.24 15.81 -4.04
N LEU A 98 -10.04 15.83 -2.99
CA LEU A 98 -9.55 15.50 -1.66
C LEU A 98 -9.36 13.98 -1.57
N PRO A 99 -8.36 13.60 -0.72
CA PRO A 99 -8.05 12.18 -0.54
C PRO A 99 -9.11 11.51 0.34
N LYS A 100 -8.77 10.33 0.83
CA LYS A 100 -9.68 9.57 1.68
C LYS A 100 -8.95 9.20 2.98
N ASP A 101 -9.11 10.07 3.96
CA ASP A 101 -8.49 9.85 5.26
C ASP A 101 -6.96 9.91 5.10
N ARG A 102 -6.31 10.44 6.13
CA ARG A 102 -4.87 10.56 6.12
C ARG A 102 -4.33 10.57 7.56
N SER A 103 -3.19 9.90 7.72
CA SER A 103 -2.57 9.82 9.03
C SER A 103 -1.24 10.58 9.02
N THR A 104 -0.91 11.14 10.19
CA THR A 104 0.32 11.90 10.32
C THR A 104 0.92 11.68 11.71
N ASP A 105 2.20 11.34 11.71
CA ASP A 105 2.91 11.10 12.97
C ASP A 105 4.32 11.70 12.87
N GLN A 106 4.74 12.30 13.97
CA GLN A 106 6.05 12.92 14.03
C GLN A 106 7.10 11.89 14.46
N ARG A 107 8.35 12.18 14.12
CA ARG A 107 9.45 11.29 14.47
C ARG A 107 9.78 11.42 15.97
N SER A 108 10.43 10.40 16.48
CA SER A 108 10.81 10.39 17.89
C SER A 108 12.21 9.79 18.04
N MET A 1 -7.46 33.80 17.83
CA MET A 1 -6.25 32.99 17.87
C MET A 1 -5.63 32.87 16.48
N VAL A 2 -4.44 33.43 16.34
CA VAL A 2 -3.73 33.39 15.08
C VAL A 2 -2.90 32.10 14.99
N ASN A 3 -2.98 31.45 13.84
CA ASN A 3 -2.25 30.22 13.63
C ASN A 3 -1.68 30.21 12.20
N LEU A 4 -0.81 29.26 11.96
CA LEU A 4 -0.18 29.12 10.65
C LEU A 4 0.04 27.64 10.34
N GLY A 5 -0.83 27.10 9.52
CA GLY A 5 -0.74 25.70 9.13
C GLY A 5 0.22 25.52 7.95
N LEU A 6 1.17 24.61 8.14
CA LEU A 6 2.16 24.33 7.11
C LEU A 6 1.58 23.31 6.12
N SER A 7 0.84 22.36 6.68
CA SER A 7 0.22 21.32 5.87
C SER A 7 -0.87 21.93 4.98
N ARG A 8 -1.72 22.72 5.62
CA ARG A 8 -2.82 23.36 4.90
C ARG A 8 -2.27 24.21 3.75
N VAL A 9 -1.15 24.86 4.01
CA VAL A 9 -0.51 25.71 3.02
C VAL A 9 0.06 24.83 1.90
N ASP A 10 0.67 23.72 2.32
CA ASP A 10 1.26 22.80 1.37
C ASP A 10 0.17 22.22 0.47
N ASP A 11 -1.01 22.07 1.04
CA ASP A 11 -2.14 21.54 0.31
C ASP A 11 -2.66 22.60 -0.67
N ALA A 12 -2.76 23.82 -0.16
CA ALA A 12 -3.24 24.92 -0.98
C ALA A 12 -2.32 25.09 -2.19
N VAL A 13 -1.03 25.19 -1.90
CA VAL A 13 -0.04 25.36 -2.96
C VAL A 13 -0.02 24.10 -3.83
N ALA A 14 -0.20 22.96 -3.17
CA ALA A 14 -0.20 21.69 -3.88
C ALA A 14 -1.29 21.71 -4.95
N ALA A 15 -2.40 22.34 -4.60
CA ALA A 15 -3.53 22.43 -5.53
C ALA A 15 -3.19 23.43 -6.63
N LYS A 16 -2.19 24.26 -6.36
CA LYS A 16 -1.75 25.26 -7.31
C LYS A 16 -0.60 24.70 -8.13
N HIS A 17 -0.03 23.61 -7.65
CA HIS A 17 1.09 22.97 -8.32
C HIS A 17 0.76 21.50 -8.58
N PRO A 18 0.19 21.24 -9.78
CA PRO A 18 -0.17 19.88 -10.16
C PRO A 18 1.08 19.06 -10.52
N GLY A 19 0.99 17.77 -10.25
CA GLY A 19 2.09 16.87 -10.53
C GLY A 19 1.64 15.41 -10.49
N LEU A 20 1.28 14.90 -11.66
CA LEU A 20 0.83 13.53 -11.76
C LEU A 20 1.85 12.60 -11.10
N GLY A 21 3.10 12.73 -11.54
CA GLY A 21 4.17 11.92 -11.01
C GLY A 21 4.30 12.10 -9.49
N GLU A 22 4.36 13.36 -9.08
CA GLU A 22 4.48 13.68 -7.67
C GLU A 22 3.29 13.11 -6.89
N TYR A 23 2.10 13.36 -7.44
CA TYR A 23 0.88 12.89 -6.81
C TYR A 23 0.87 11.36 -6.72
N ALA A 24 1.42 10.74 -7.76
CA ALA A 24 1.48 9.29 -7.80
C ALA A 24 2.41 8.77 -6.70
N ALA A 25 3.50 9.51 -6.50
CA ALA A 25 4.47 9.15 -5.49
C ALA A 25 3.84 9.30 -4.10
N CYS A 26 3.23 10.46 -3.90
CA CYS A 26 2.58 10.74 -2.63
C CYS A 26 1.43 9.76 -2.44
N GLN A 27 0.91 9.29 -3.57
CA GLN A 27 -0.20 8.34 -3.55
C GLN A 27 0.29 6.95 -3.12
N SER A 28 1.40 6.54 -3.73
CA SER A 28 1.97 5.25 -3.43
C SER A 28 2.40 5.19 -1.96
N HIS A 29 2.88 6.33 -1.48
CA HIS A 29 3.34 6.44 -0.11
C HIS A 29 2.13 6.37 0.84
N ALA A 30 1.11 7.14 0.49
CA ALA A 30 -0.11 7.17 1.30
C ALA A 30 -0.71 5.77 1.34
N PHE A 31 -0.72 5.12 0.19
CA PHE A 31 -1.28 3.78 0.08
C PHE A 31 -0.40 2.77 0.83
N MET A 32 0.91 2.99 0.74
CA MET A 32 1.85 2.11 1.40
C MET A 32 1.66 2.12 2.92
N LYS A 33 1.68 3.33 3.48
CA LYS A 33 1.50 3.49 4.90
C LYS A 33 0.12 2.97 5.31
N GLY A 34 -0.86 3.29 4.48
CA GLY A 34 -2.22 2.87 4.73
C GLY A 34 -2.32 1.36 4.83
N VAL A 35 -1.81 0.69 3.81
CA VAL A 35 -1.84 -0.76 3.77
C VAL A 35 -1.01 -1.31 4.94
N PHE A 36 -0.01 -0.53 5.33
CA PHE A 36 0.86 -0.94 6.42
C PHE A 36 0.12 -0.88 7.75
N THR A 37 -0.61 0.21 7.95
CA THR A 37 -1.37 0.39 9.17
C THR A 37 -2.49 -0.64 9.27
N PHE A 38 -3.04 -0.98 8.11
CA PHE A 38 -4.12 -1.95 8.05
C PHE A 38 -3.59 -3.37 8.27
N VAL A 39 -2.58 -3.72 7.48
CA VAL A 39 -1.97 -5.04 7.58
C VAL A 39 -1.45 -5.25 9.00
N THR A 40 -1.03 -4.16 9.61
CA THR A 40 -0.51 -4.21 10.97
C THR A 40 -1.48 -4.97 11.88
N GLY A 41 -2.29 -4.19 12.59
CA GLY A 41 -3.27 -4.77 13.50
C GLY A 41 -2.58 -5.64 14.56
N THR A 42 -1.26 -5.48 14.65
CA THR A 42 -0.49 -6.22 15.62
C THR A 42 -0.54 -7.72 15.29
N GLY A 43 0.41 -8.16 14.47
CA GLY A 43 0.49 -9.55 14.09
C GLY A 43 0.79 -10.44 15.28
N MET A 44 1.33 -9.82 16.32
CA MET A 44 1.67 -10.55 17.54
C MET A 44 0.65 -11.65 17.83
N ALA A 45 -0.62 -11.25 17.78
CA ALA A 45 -1.71 -12.18 18.04
C ALA A 45 -1.59 -13.37 17.09
N PHE A 46 -1.45 -13.05 15.81
CA PHE A 46 -1.32 -14.08 14.79
C PHE A 46 -0.09 -14.95 15.03
N GLY A 47 0.96 -14.30 15.51
CA GLY A 47 2.21 -15.00 15.79
C GLY A 47 1.99 -16.12 16.80
N LEU A 48 1.39 -15.74 17.92
CA LEU A 48 1.12 -16.71 18.98
C LEU A 48 0.23 -17.82 18.43
N GLN A 49 -0.85 -17.41 17.77
CA GLN A 49 -1.78 -18.36 17.20
C GLN A 49 -1.06 -19.32 16.24
N MET A 50 -0.12 -18.75 15.50
CA MET A 50 0.65 -19.55 14.55
C MET A 50 1.55 -20.54 15.28
N PHE A 51 2.18 -20.07 16.34
CA PHE A 51 3.07 -20.91 17.13
C PHE A 51 2.33 -22.13 17.67
N ILE A 52 1.13 -21.88 18.17
CA ILE A 52 0.32 -22.95 18.72
C ILE A 52 -0.25 -23.80 17.57
N GLN A 53 -0.64 -23.11 16.51
CA GLN A 53 -1.19 -23.78 15.34
C GLN A 53 -0.10 -24.58 14.62
N ARG A 54 1.14 -24.28 14.97
CA ARG A 54 2.27 -24.95 14.37
C ARG A 54 2.32 -26.41 14.82
N LYS A 55 1.44 -26.74 15.75
CA LYS A 55 1.37 -28.10 16.27
C LYS A 55 0.53 -28.95 15.32
N PHE A 56 0.15 -28.35 14.20
CA PHE A 56 -0.66 -29.05 13.22
C PHE A 56 0.21 -29.94 12.32
N PRO A 57 -0.37 -31.10 11.92
CA PRO A 57 0.34 -32.04 11.07
C PRO A 57 0.42 -31.53 9.63
N TYR A 58 -0.16 -30.35 9.43
CA TYR A 58 -0.17 -29.75 8.11
C TYR A 58 0.82 -28.58 8.03
N PRO A 59 1.21 -28.24 6.76
CA PRO A 59 2.15 -27.15 6.55
C PRO A 59 1.46 -25.80 6.75
N LEU A 60 0.42 -25.58 5.96
CA LEU A 60 -0.32 -24.33 6.04
C LEU A 60 -1.34 -24.41 7.16
N GLN A 61 -1.53 -23.30 7.84
CA GLN A 61 -2.48 -23.24 8.94
C GLN A 61 -3.87 -22.88 8.43
N TRP A 62 -4.87 -23.25 9.21
CA TRP A 62 -6.26 -22.98 8.84
C TRP A 62 -6.48 -21.47 8.96
N SER A 63 -5.89 -20.89 9.98
CA SER A 63 -6.02 -19.46 10.21
C SER A 63 -5.36 -18.68 9.08
N LEU A 64 -4.11 -19.04 8.82
CA LEU A 64 -3.35 -18.38 7.76
C LEU A 64 -3.98 -18.71 6.41
N LEU A 65 -4.51 -19.92 6.31
CA LEU A 65 -5.14 -20.37 5.09
C LEU A 65 -6.42 -19.57 4.85
N VAL A 66 -7.10 -19.29 5.95
CA VAL A 66 -8.35 -18.53 5.88
C VAL A 66 -8.02 -17.06 5.58
N ALA A 67 -6.89 -16.62 6.12
CA ALA A 67 -6.47 -15.24 5.92
C ALA A 67 -5.95 -15.09 4.48
N VAL A 68 -5.43 -16.18 3.96
CA VAL A 68 -4.89 -16.18 2.61
C VAL A 68 -6.05 -16.24 1.60
N VAL A 69 -6.90 -17.23 1.80
CA VAL A 69 -8.05 -17.41 0.92
C VAL A 69 -8.97 -16.19 1.05
N ALA A 70 -9.29 -15.86 2.29
CA ALA A 70 -10.16 -14.72 2.55
C ALA A 70 -9.43 -13.43 2.16
N GLY A 71 -8.13 -13.44 2.35
CA GLY A 71 -7.32 -12.28 2.02
C GLY A 71 -7.28 -12.04 0.51
N SER A 72 -7.27 -13.14 -0.23
CA SER A 72 -7.23 -13.06 -1.68
C SER A 72 -8.58 -12.56 -2.20
N VAL A 73 -9.64 -13.23 -1.76
CA VAL A 73 -10.98 -12.86 -2.18
C VAL A 73 -11.27 -11.42 -1.76
N VAL A 74 -11.02 -11.15 -0.48
CA VAL A 74 -11.25 -9.83 0.06
C VAL A 74 -10.32 -8.83 -0.63
N SER A 75 -9.17 -9.33 -1.04
CA SER A 75 -8.18 -8.51 -1.72
C SER A 75 -8.73 -8.04 -3.07
N TYR A 76 -9.34 -8.99 -3.78
CA TYR A 76 -9.91 -8.70 -5.08
C TYR A 76 -11.08 -7.73 -4.97
N GLY A 77 -12.01 -8.07 -4.09
CA GLY A 77 -13.18 -7.23 -3.87
C GLY A 77 -12.77 -5.84 -3.38
N VAL A 78 -11.92 -5.83 -2.37
CA VAL A 78 -11.45 -4.58 -1.80
C VAL A 78 -10.62 -3.83 -2.85
N THR A 79 -10.00 -4.60 -3.73
CA THR A 79 -9.17 -4.02 -4.77
C THR A 79 -10.05 -3.32 -5.81
N ARG A 80 -11.21 -3.90 -6.05
CA ARG A 80 -12.14 -3.33 -7.01
C ARG A 80 -12.78 -2.06 -6.46
N VAL A 81 -13.18 -2.14 -5.20
CA VAL A 81 -13.80 -1.01 -4.53
C VAL A 81 -12.77 0.10 -4.35
N GLU A 82 -11.61 -0.28 -3.82
CA GLU A 82 -10.54 0.67 -3.59
C GLU A 82 -10.02 1.21 -4.93
N SER A 83 -10.05 0.35 -5.93
CA SER A 83 -9.58 0.72 -7.25
C SER A 83 -10.46 1.85 -7.82
N GLU A 84 -11.77 1.64 -7.74
CA GLU A 84 -12.72 2.62 -8.23
C GLU A 84 -12.57 3.93 -7.45
N LYS A 85 -12.43 3.79 -6.15
CA LYS A 85 -12.28 4.95 -5.28
C LYS A 85 -10.96 5.65 -5.60
N CYS A 86 -9.96 4.85 -5.93
CA CYS A 86 -8.64 5.38 -6.25
C CYS A 86 -8.74 6.09 -7.60
N ASN A 87 -9.52 5.51 -8.49
CA ASN A 87 -9.70 6.08 -9.81
C ASN A 87 -10.35 7.46 -9.69
N ASN A 88 -11.37 7.52 -8.83
CA ASN A 88 -12.08 8.77 -8.60
C ASN A 88 -11.15 9.77 -7.94
N LEU A 89 -10.35 9.26 -7.00
CA LEU A 89 -9.42 10.10 -6.28
C LEU A 89 -8.38 10.66 -7.25
N TRP A 90 -7.96 9.81 -8.17
CA TRP A 90 -6.98 10.20 -9.16
C TRP A 90 -7.63 11.23 -10.10
N LEU A 91 -8.89 10.99 -10.40
CA LEU A 91 -9.64 11.88 -11.28
C LEU A 91 -9.66 13.29 -10.66
N PHE A 92 -9.87 13.32 -9.35
CA PHE A 92 -9.91 14.58 -8.65
C PHE A 92 -8.52 15.21 -8.55
N LEU A 93 -7.56 14.39 -8.15
CA LEU A 93 -6.19 14.85 -8.02
C LEU A 93 -5.72 15.42 -9.35
N GLU A 94 -6.27 14.88 -10.42
CA GLU A 94 -5.91 15.33 -11.76
C GLU A 94 -6.43 16.75 -11.99
N THR A 95 -7.43 17.12 -11.21
CA THR A 95 -8.03 18.44 -11.33
C THR A 95 -7.45 19.38 -10.26
N GLY A 96 -6.61 18.81 -9.42
CA GLY A 96 -5.98 19.57 -8.36
C GLY A 96 -6.92 19.73 -7.16
N GLN A 97 -7.87 18.82 -7.08
CA GLN A 97 -8.85 18.85 -5.99
C GLN A 97 -8.22 18.28 -4.71
N LEU A 98 -8.50 18.96 -3.61
CA LEU A 98 -7.98 18.54 -2.32
C LEU A 98 -8.68 17.24 -1.89
N PRO A 99 -7.92 16.41 -1.13
CA PRO A 99 -8.45 15.15 -0.65
C PRO A 99 -9.43 15.36 0.50
N LYS A 100 -10.32 14.40 0.66
CA LYS A 100 -11.31 14.47 1.72
C LYS A 100 -10.66 15.00 3.00
N ASP A 101 -9.69 14.24 3.48
CA ASP A 101 -8.97 14.61 4.69
C ASP A 101 -7.82 13.64 4.92
N ARG A 102 -6.86 14.09 5.71
CA ARG A 102 -5.69 13.27 6.01
C ARG A 102 -5.71 12.84 7.48
N SER A 103 -5.66 11.53 7.68
CA SER A 103 -5.67 10.98 9.03
C SER A 103 -4.25 10.80 9.52
N THR A 104 -4.03 11.24 10.76
CA THR A 104 -2.72 11.14 11.37
C THR A 104 -2.20 9.71 11.30
N ASP A 105 -0.90 9.59 11.08
CA ASP A 105 -0.28 8.27 10.98
C ASP A 105 1.02 8.27 11.79
N GLN A 106 1.47 7.08 12.14
CA GLN A 106 2.68 6.92 12.92
C GLN A 106 3.37 5.60 12.57
N ARG A 107 4.57 5.71 12.02
CA ARG A 107 5.33 4.53 11.65
C ARG A 107 6.54 4.37 12.57
N SER A 108 7.37 5.39 12.59
CA SER A 108 8.56 5.37 13.43
C SER A 108 8.45 6.43 14.54
N MET A 1 15.64 29.10 16.84
CA MET A 1 15.20 27.73 16.65
C MET A 1 13.92 27.68 15.81
N VAL A 2 13.97 26.88 14.75
CA VAL A 2 12.83 26.74 13.86
C VAL A 2 11.95 25.59 14.36
N ASN A 3 10.64 25.81 14.27
CA ASN A 3 9.68 24.81 14.70
C ASN A 3 9.07 24.13 13.48
N LEU A 4 8.56 24.96 12.58
CA LEU A 4 7.94 24.46 11.36
C LEU A 4 8.98 23.70 10.54
N GLY A 5 9.95 24.45 10.04
CA GLY A 5 11.02 23.87 9.24
C GLY A 5 10.86 24.25 7.76
N LEU A 6 11.63 23.55 6.92
CA LEU A 6 11.59 23.81 5.49
C LEU A 6 10.55 22.90 4.85
N SER A 7 9.84 22.16 5.70
CA SER A 7 8.82 21.25 5.22
C SER A 7 7.72 22.03 4.48
N ARG A 8 7.27 23.10 5.11
CA ARG A 8 6.23 23.94 4.53
C ARG A 8 6.68 24.44 3.16
N VAL A 9 7.91 24.90 3.11
CA VAL A 9 8.47 25.43 1.87
C VAL A 9 8.59 24.30 0.85
N ASP A 10 8.86 23.10 1.37
CA ASP A 10 8.99 21.93 0.51
C ASP A 10 7.64 21.61 -0.13
N ASP A 11 6.59 21.80 0.67
CA ASP A 11 5.25 21.54 0.19
C ASP A 11 4.83 22.64 -0.79
N ALA A 12 5.28 23.85 -0.49
CA ALA A 12 4.96 24.99 -1.33
C ALA A 12 5.50 24.75 -2.75
N VAL A 13 6.76 24.37 -2.80
CA VAL A 13 7.41 24.11 -4.07
C VAL A 13 6.83 22.83 -4.68
N ALA A 14 6.50 21.89 -3.80
CA ALA A 14 5.93 20.63 -4.24
C ALA A 14 4.63 20.90 -5.00
N ALA A 15 3.84 21.82 -4.46
CA ALA A 15 2.57 22.17 -5.08
C ALA A 15 2.83 22.98 -6.35
N LYS A 16 4.05 23.51 -6.42
CA LYS A 16 4.44 24.31 -7.58
C LYS A 16 5.05 23.39 -8.64
N HIS A 17 5.28 22.16 -8.25
CA HIS A 17 5.85 21.18 -9.15
C HIS A 17 4.97 19.93 -9.19
N PRO A 18 4.11 19.86 -10.25
CA PRO A 18 3.21 18.74 -10.41
C PRO A 18 3.97 17.51 -10.92
N GLY A 19 3.33 16.35 -10.74
CA GLY A 19 3.93 15.10 -11.17
C GLY A 19 2.99 13.92 -10.89
N LEU A 20 2.31 13.49 -11.94
CA LEU A 20 1.38 12.37 -11.82
C LEU A 20 2.12 11.17 -11.23
N GLY A 21 3.38 11.04 -11.59
CA GLY A 21 4.21 9.95 -11.11
C GLY A 21 4.51 10.12 -9.62
N GLU A 22 5.09 11.26 -9.29
CA GLU A 22 5.43 11.57 -7.92
C GLU A 22 4.18 11.66 -7.05
N TYR A 23 3.09 12.08 -7.68
CA TYR A 23 1.83 12.21 -6.98
C TYR A 23 1.26 10.84 -6.62
N ALA A 24 1.25 9.96 -7.62
CA ALA A 24 0.73 8.61 -7.42
C ALA A 24 1.69 7.83 -6.51
N ALA A 25 2.95 8.24 -6.55
CA ALA A 25 3.97 7.59 -5.74
C ALA A 25 3.79 8.00 -4.28
N CYS A 26 3.66 9.30 -4.08
CA CYS A 26 3.48 9.84 -2.73
C CYS A 26 2.10 9.42 -2.23
N GLN A 27 1.19 9.26 -3.17
CA GLN A 27 -0.18 8.87 -2.84
C GLN A 27 -0.21 7.41 -2.39
N SER A 28 0.34 6.55 -3.23
CA SER A 28 0.37 5.13 -2.93
C SER A 28 1.28 4.87 -1.72
N HIS A 29 2.24 5.75 -1.54
CA HIS A 29 3.17 5.64 -0.44
C HIS A 29 2.44 5.90 0.88
N ALA A 30 1.70 7.01 0.89
CA ALA A 30 0.95 7.40 2.07
C ALA A 30 -0.04 6.28 2.43
N PHE A 31 -0.80 5.88 1.42
CA PHE A 31 -1.79 4.83 1.61
C PHE A 31 -1.13 3.50 1.99
N MET A 32 0.05 3.29 1.41
CA MET A 32 0.80 2.07 1.69
C MET A 32 1.16 1.97 3.17
N LYS A 33 1.62 3.11 3.71
CA LYS A 33 2.00 3.16 5.11
C LYS A 33 0.75 2.98 5.99
N GLY A 34 -0.30 3.67 5.61
CA GLY A 34 -1.56 3.59 6.34
C GLY A 34 -2.05 2.15 6.44
N VAL A 35 -2.14 1.51 5.29
CA VAL A 35 -2.60 0.13 5.22
C VAL A 35 -1.65 -0.75 6.05
N PHE A 36 -0.37 -0.45 5.94
CA PHE A 36 0.65 -1.20 6.67
C PHE A 36 0.35 -1.19 8.17
N THR A 37 0.09 0.00 8.69
CA THR A 37 -0.20 0.16 10.10
C THR A 37 -1.52 -0.54 10.45
N PHE A 38 -2.45 -0.49 9.51
CA PHE A 38 -3.75 -1.11 9.71
C PHE A 38 -3.62 -2.63 9.85
N VAL A 39 -2.97 -3.24 8.87
CA VAL A 39 -2.76 -4.67 8.88
C VAL A 39 -1.95 -5.07 10.11
N THR A 40 -1.02 -4.19 10.46
CA THR A 40 -0.17 -4.44 11.62
C THR A 40 -0.89 -4.01 12.90
N GLY A 41 -2.15 -3.66 12.75
CA GLY A 41 -2.96 -3.24 13.88
C GLY A 41 -3.32 -4.42 14.77
N THR A 42 -3.16 -5.61 14.22
CA THR A 42 -3.47 -6.83 14.94
C THR A 42 -2.70 -8.01 14.36
N GLY A 43 -1.45 -7.75 13.99
CA GLY A 43 -0.61 -8.78 13.41
C GLY A 43 -0.18 -9.80 14.47
N MET A 44 -0.10 -9.32 15.70
CA MET A 44 0.29 -10.18 16.82
C MET A 44 -0.55 -11.46 16.84
N ALA A 45 -1.85 -11.29 16.67
CA ALA A 45 -2.76 -12.42 16.68
C ALA A 45 -2.25 -13.48 15.70
N PHE A 46 -1.96 -13.04 14.49
CA PHE A 46 -1.46 -13.94 13.46
C PHE A 46 -0.13 -14.56 13.87
N GLY A 47 0.67 -13.76 14.57
CA GLY A 47 1.98 -14.21 15.03
C GLY A 47 1.83 -15.29 16.10
N LEU A 48 0.79 -15.14 16.92
CA LEU A 48 0.53 -16.09 17.98
C LEU A 48 0.10 -17.43 17.37
N GLN A 49 -0.86 -17.34 16.47
CA GLN A 49 -1.37 -18.54 15.81
C GLN A 49 -0.27 -19.18 14.95
N MET A 50 0.60 -18.33 14.44
CA MET A 50 1.70 -18.79 13.60
C MET A 50 2.70 -19.61 14.41
N PHE A 51 3.08 -19.06 15.56
CA PHE A 51 4.03 -19.73 16.43
C PHE A 51 3.46 -21.05 16.96
N ILE A 52 2.17 -21.00 17.31
CA ILE A 52 1.49 -22.18 17.81
C ILE A 52 1.27 -23.17 16.68
N GLN A 53 1.07 -22.62 15.49
CA GLN A 53 0.84 -23.45 14.31
C GLN A 53 2.17 -23.97 13.77
N ARG A 54 3.24 -23.33 14.20
CA ARG A 54 4.58 -23.71 13.75
C ARG A 54 4.99 -25.03 14.42
N LYS A 55 4.11 -25.52 15.28
CA LYS A 55 4.37 -26.77 15.98
C LYS A 55 4.00 -27.95 15.07
N PHE A 56 3.36 -27.62 13.97
CA PHE A 56 2.94 -28.64 13.01
C PHE A 56 4.05 -28.93 12.00
N PRO A 57 4.21 -30.23 11.68
CA PRO A 57 5.22 -30.66 10.73
C PRO A 57 4.81 -30.33 9.30
N TYR A 58 4.48 -29.06 9.08
CA TYR A 58 4.06 -28.60 7.77
C TYR A 58 5.06 -27.57 7.22
N PRO A 59 5.03 -27.44 5.86
CA PRO A 59 5.92 -26.51 5.18
C PRO A 59 5.43 -25.06 5.37
N LEU A 60 4.12 -24.92 5.35
CA LEU A 60 3.52 -23.60 5.51
C LEU A 60 2.74 -23.56 6.83
N GLN A 61 2.77 -22.39 7.46
CA GLN A 61 2.07 -22.22 8.73
C GLN A 61 0.63 -21.79 8.48
N TRP A 62 -0.26 -22.29 9.34
CA TRP A 62 -1.67 -21.97 9.22
C TRP A 62 -1.80 -20.45 9.10
N SER A 63 -0.84 -19.75 9.69
CA SER A 63 -0.84 -18.30 9.66
C SER A 63 -0.50 -17.82 8.24
N LEU A 64 0.53 -18.43 7.68
CA LEU A 64 0.97 -18.06 6.33
C LEU A 64 -0.02 -18.61 5.31
N LEU A 65 -0.64 -19.74 5.67
CA LEU A 65 -1.61 -20.37 4.79
C LEU A 65 -2.88 -19.51 4.75
N VAL A 66 -3.32 -19.12 5.93
CA VAL A 66 -4.52 -18.31 6.05
C VAL A 66 -4.22 -16.89 5.57
N ALA A 67 -2.98 -16.48 5.79
CA ALA A 67 -2.56 -15.14 5.38
C ALA A 67 -2.40 -15.11 3.86
N VAL A 68 -2.05 -16.27 3.31
CA VAL A 68 -1.86 -16.38 1.87
C VAL A 68 -3.22 -16.47 1.19
N VAL A 69 -4.03 -17.42 1.66
CA VAL A 69 -5.35 -17.62 1.11
C VAL A 69 -6.19 -16.36 1.32
N ALA A 70 -6.19 -15.90 2.56
CA ALA A 70 -6.94 -14.70 2.92
C ALA A 70 -6.29 -13.48 2.26
N GLY A 71 -4.98 -13.54 2.15
CA GLY A 71 -4.22 -12.45 1.55
C GLY A 71 -4.55 -12.33 0.06
N SER A 72 -4.76 -13.47 -0.57
CA SER A 72 -5.07 -13.50 -1.99
C SER A 72 -6.50 -12.99 -2.22
N VAL A 73 -7.42 -13.58 -1.48
CA VAL A 73 -8.82 -13.20 -1.58
C VAL A 73 -8.96 -11.70 -1.28
N VAL A 74 -8.41 -11.32 -0.13
CA VAL A 74 -8.46 -9.94 0.29
C VAL A 74 -7.69 -9.06 -0.70
N SER A 75 -6.67 -9.66 -1.30
CA SER A 75 -5.85 -8.96 -2.26
C SER A 75 -6.67 -8.63 -3.51
N TYR A 76 -7.44 -9.63 -3.95
CA TYR A 76 -8.28 -9.46 -5.12
C TYR A 76 -9.37 -8.40 -4.88
N GLY A 77 -10.07 -8.59 -3.78
CA GLY A 77 -11.14 -7.68 -3.41
C GLY A 77 -10.60 -6.26 -3.20
N VAL A 78 -9.52 -6.19 -2.43
CA VAL A 78 -8.90 -4.91 -2.14
C VAL A 78 -8.28 -4.35 -3.42
N THR A 79 -7.96 -5.25 -4.33
CA THR A 79 -7.37 -4.85 -5.60
C THR A 79 -8.42 -4.22 -6.51
N ARG A 80 -9.63 -4.75 -6.43
CA ARG A 80 -10.73 -4.24 -7.24
C ARG A 80 -11.21 -2.89 -6.69
N VAL A 81 -11.34 -2.83 -5.38
CA VAL A 81 -11.78 -1.61 -4.73
C VAL A 81 -10.67 -0.55 -4.81
N GLU A 82 -9.47 -0.98 -4.44
CA GLU A 82 -8.33 -0.09 -4.47
C GLU A 82 -8.05 0.38 -5.90
N SER A 83 -8.25 -0.52 -6.83
CA SER A 83 -8.04 -0.22 -8.24
C SER A 83 -9.03 0.86 -8.70
N GLU A 84 -10.29 0.61 -8.39
CA GLU A 84 -11.34 1.55 -8.77
C GLU A 84 -11.07 2.94 -8.17
N LYS A 85 -10.58 2.92 -6.93
CA LYS A 85 -10.27 4.16 -6.25
C LYS A 85 -9.03 4.79 -6.88
N CYS A 86 -8.10 3.93 -7.27
CA CYS A 86 -6.87 4.38 -7.89
C CYS A 86 -7.22 5.05 -9.23
N ASN A 87 -8.19 4.44 -9.90
CA ASN A 87 -8.62 4.95 -11.20
C ASN A 87 -9.26 6.33 -11.01
N ASN A 88 -10.15 6.41 -10.02
CA ASN A 88 -10.83 7.66 -9.73
C ASN A 88 -9.81 8.71 -9.31
N LEU A 89 -8.81 8.25 -8.56
CA LEU A 89 -7.76 9.15 -8.08
C LEU A 89 -6.96 9.65 -9.28
N TRP A 90 -6.68 8.74 -10.19
CA TRP A 90 -5.92 9.08 -11.39
C TRP A 90 -6.74 10.07 -12.20
N LEU A 91 -8.02 9.80 -12.30
CA LEU A 91 -8.92 10.66 -13.05
C LEU A 91 -8.87 12.07 -12.47
N PHE A 92 -8.93 12.14 -11.14
CA PHE A 92 -8.88 13.42 -10.45
C PHE A 92 -7.54 14.11 -10.67
N LEU A 93 -6.48 13.34 -10.50
CA LEU A 93 -5.13 13.87 -10.68
C LEU A 93 -4.99 14.43 -12.09
N GLU A 94 -5.56 13.70 -13.05
CA GLU A 94 -5.50 14.12 -14.43
C GLU A 94 -6.19 15.47 -14.62
N THR A 95 -7.08 15.77 -13.68
CA THR A 95 -7.81 17.02 -13.73
C THR A 95 -7.09 18.09 -12.90
N GLY A 96 -6.23 17.62 -12.01
CA GLY A 96 -5.47 18.53 -11.16
C GLY A 96 -6.22 18.80 -9.85
N GLN A 97 -7.17 17.92 -9.55
CA GLN A 97 -7.95 18.05 -8.33
C GLN A 97 -7.03 18.28 -7.13
N LEU A 98 -7.61 18.83 -6.08
CA LEU A 98 -6.87 19.11 -4.87
C LEU A 98 -6.14 17.84 -4.41
N PRO A 99 -4.91 18.04 -3.88
CA PRO A 99 -4.12 16.91 -3.41
C PRO A 99 -4.65 16.39 -2.06
N LYS A 100 -4.12 15.25 -1.67
CA LYS A 100 -4.53 14.64 -0.41
C LYS A 100 -3.44 13.67 0.05
N ASP A 101 -2.28 14.22 0.35
CA ASP A 101 -1.15 13.42 0.80
C ASP A 101 -0.99 13.60 2.32
N ARG A 102 -0.19 12.71 2.90
CA ARG A 102 0.07 12.77 4.33
C ARG A 102 1.50 13.19 4.60
N SER A 103 1.66 14.04 5.61
CA SER A 103 2.98 14.53 5.98
C SER A 103 3.77 13.42 6.68
N THR A 104 5.05 13.69 6.87
CA THR A 104 5.92 12.72 7.53
C THR A 104 5.90 11.38 6.80
N ASP A 105 6.99 11.09 6.12
CA ASP A 105 7.10 9.84 5.38
C ASP A 105 8.16 8.95 6.04
N GLN A 106 7.86 7.67 6.09
CA GLN A 106 8.77 6.70 6.68
C GLN A 106 9.39 5.81 5.60
N ARG A 107 10.71 5.88 5.51
CA ARG A 107 11.43 5.09 4.52
C ARG A 107 12.28 4.02 5.22
N SER A 108 11.94 2.78 4.94
CA SER A 108 12.65 1.65 5.53
C SER A 108 14.07 1.58 4.97
N MET A 1 -19.02 23.41 4.73
CA MET A 1 -18.17 23.76 3.60
C MET A 1 -18.02 25.27 3.48
N VAL A 2 -16.79 25.73 3.69
CA VAL A 2 -16.49 27.15 3.61
C VAL A 2 -15.26 27.35 2.72
N ASN A 3 -15.28 28.44 1.96
CA ASN A 3 -14.19 28.77 1.08
C ASN A 3 -12.87 28.51 1.79
N LEU A 4 -11.89 28.03 1.03
CA LEU A 4 -10.58 27.74 1.59
C LEU A 4 -9.58 28.79 1.10
N GLY A 5 -9.30 28.74 -0.18
CA GLY A 5 -8.36 29.67 -0.79
C GLY A 5 -7.03 29.00 -1.09
N LEU A 6 -6.39 28.51 -0.04
CA LEU A 6 -5.11 27.85 -0.18
C LEU A 6 -5.28 26.59 -1.03
N SER A 7 -6.54 26.18 -1.18
CA SER A 7 -6.85 24.99 -1.95
C SER A 7 -6.56 25.24 -3.43
N ARG A 8 -7.07 26.35 -3.93
CA ARG A 8 -6.87 26.73 -5.32
C ARG A 8 -5.40 27.07 -5.56
N VAL A 9 -4.77 27.58 -4.52
CA VAL A 9 -3.36 27.96 -4.61
C VAL A 9 -2.51 26.70 -4.73
N ASP A 10 -2.83 25.73 -3.88
CA ASP A 10 -2.09 24.48 -3.87
C ASP A 10 -2.34 23.74 -5.19
N ASP A 11 -3.56 23.86 -5.68
CA ASP A 11 -3.93 23.21 -6.93
C ASP A 11 -3.14 23.84 -8.07
N ALA A 12 -3.13 25.17 -8.09
CA ALA A 12 -2.42 25.89 -9.13
C ALA A 12 -0.94 25.49 -9.10
N VAL A 13 -0.36 25.51 -7.90
CA VAL A 13 1.03 25.15 -7.73
C VAL A 13 1.25 23.73 -8.25
N ALA A 14 0.27 22.87 -7.98
CA ALA A 14 0.34 21.49 -8.41
C ALA A 14 0.34 21.43 -9.93
N ALA A 15 -0.51 22.26 -10.53
CA ALA A 15 -0.61 22.31 -11.98
C ALA A 15 0.68 22.88 -12.56
N LYS A 16 1.45 23.53 -11.69
CA LYS A 16 2.70 24.12 -12.11
C LYS A 16 3.83 23.09 -11.91
N HIS A 17 3.54 22.08 -11.11
CA HIS A 17 4.51 21.04 -10.83
C HIS A 17 3.94 19.68 -11.25
N PRO A 18 4.31 19.26 -12.50
CA PRO A 18 3.85 17.99 -13.02
C PRO A 18 4.59 16.83 -12.37
N GLY A 19 3.82 15.81 -11.99
CA GLY A 19 4.38 14.64 -11.35
C GLY A 19 3.30 13.59 -11.09
N LEU A 20 2.65 13.18 -12.16
CA LEU A 20 1.59 12.18 -12.06
C LEU A 20 2.12 10.97 -11.28
N GLY A 21 3.27 10.48 -11.72
CA GLY A 21 3.88 9.32 -11.10
C GLY A 21 4.44 9.70 -9.72
N GLU A 22 4.96 10.91 -9.63
CA GLU A 22 5.54 11.39 -8.39
C GLU A 22 4.46 11.50 -7.31
N TYR A 23 3.35 12.14 -7.69
CA TYR A 23 2.24 12.31 -6.77
C TYR A 23 1.55 10.98 -6.49
N ALA A 24 1.42 10.18 -7.54
CA ALA A 24 0.77 8.88 -7.41
C ALA A 24 1.63 7.97 -6.53
N ALA A 25 2.94 8.22 -6.58
CA ALA A 25 3.88 7.45 -5.80
C ALA A 25 3.75 7.82 -4.32
N CYS A 26 3.77 9.13 -4.08
CA CYS A 26 3.66 9.64 -2.72
C CYS A 26 2.27 9.26 -2.18
N GLN A 27 1.32 9.15 -3.10
CA GLN A 27 -0.03 8.80 -2.73
C GLN A 27 -0.10 7.33 -2.31
N SER A 28 0.39 6.47 -3.19
CA SER A 28 0.40 5.05 -2.91
C SER A 28 1.23 4.75 -1.66
N HIS A 29 2.32 5.48 -1.53
CA HIS A 29 3.21 5.31 -0.39
C HIS A 29 2.45 5.65 0.90
N ALA A 30 1.80 6.80 0.89
CA ALA A 30 1.04 7.24 2.04
C ALA A 30 0.03 6.15 2.43
N PHE A 31 -0.73 5.69 1.46
CA PHE A 31 -1.72 4.66 1.70
C PHE A 31 -1.05 3.36 2.16
N MET A 32 0.13 3.12 1.63
CA MET A 32 0.88 1.92 1.98
C MET A 32 1.19 1.90 3.48
N LYS A 33 1.64 3.03 3.98
CA LYS A 33 1.98 3.15 5.38
C LYS A 33 0.70 3.00 6.22
N GLY A 34 -0.33 3.73 5.81
CA GLY A 34 -1.60 3.70 6.51
C GLY A 34 -2.12 2.27 6.63
N VAL A 35 -2.18 1.59 5.50
CA VAL A 35 -2.66 0.22 5.47
C VAL A 35 -1.71 -0.66 6.30
N PHE A 36 -0.44 -0.29 6.27
CA PHE A 36 0.57 -1.02 7.02
C PHE A 36 0.23 -1.07 8.51
N THR A 37 -0.09 0.10 9.05
CA THR A 37 -0.43 0.22 10.45
C THR A 37 -1.78 -0.46 10.73
N PHE A 38 -2.68 -0.33 9.77
CA PHE A 38 -4.00 -0.91 9.89
C PHE A 38 -3.91 -2.43 10.02
N VAL A 39 -3.27 -3.04 9.03
CA VAL A 39 -3.11 -4.49 9.02
C VAL A 39 -2.27 -4.91 10.22
N THR A 40 -1.31 -4.07 10.57
CA THR A 40 -0.43 -4.34 11.69
C THR A 40 -1.10 -3.93 13.00
N GLY A 41 -2.36 -3.55 12.89
CA GLY A 41 -3.12 -3.13 14.06
C GLY A 41 -3.42 -4.31 14.98
N THR A 42 -3.31 -5.51 14.41
CA THR A 42 -3.56 -6.72 15.17
C THR A 42 -2.85 -7.92 14.51
N GLY A 43 -1.65 -7.65 14.02
CA GLY A 43 -0.87 -8.69 13.37
C GLY A 43 -0.35 -9.71 14.39
N MET A 44 -0.30 -9.27 15.63
CA MET A 44 0.18 -10.13 16.71
C MET A 44 -0.61 -11.44 16.76
N ALA A 45 -1.93 -11.30 16.68
CA ALA A 45 -2.80 -12.47 16.71
C ALA A 45 -2.31 -13.49 15.68
N PHE A 46 -2.12 -13.01 14.46
CA PHE A 46 -1.66 -13.87 13.38
C PHE A 46 -0.29 -14.48 13.71
N GLY A 47 0.53 -13.67 14.36
CA GLY A 47 1.86 -14.12 14.73
C GLY A 47 1.80 -15.20 15.81
N LEU A 48 0.80 -15.07 16.68
CA LEU A 48 0.62 -16.02 17.76
C LEU A 48 0.22 -17.37 17.17
N GLN A 49 -0.79 -17.33 16.31
CA GLN A 49 -1.29 -18.54 15.67
C GLN A 49 -0.22 -19.13 14.76
N MET A 50 0.56 -18.24 14.15
CA MET A 50 1.63 -18.66 13.25
C MET A 50 2.72 -19.42 14.02
N PHE A 51 3.15 -18.81 15.12
CA PHE A 51 4.19 -19.41 15.93
C PHE A 51 3.72 -20.73 16.55
N ILE A 52 2.44 -20.77 16.89
CA ILE A 52 1.86 -21.96 17.48
C ILE A 52 1.87 -23.09 16.45
N GLN A 53 1.46 -22.76 15.24
CA GLN A 53 1.41 -23.72 14.17
C GLN A 53 2.82 -23.95 13.60
N ARG A 54 3.71 -23.05 13.97
CA ARG A 54 5.10 -23.14 13.51
C ARG A 54 5.76 -24.40 14.07
N LYS A 55 5.06 -25.03 15.00
CA LYS A 55 5.57 -26.24 15.63
C LYS A 55 5.28 -27.44 14.73
N PHE A 56 4.73 -27.14 13.56
CA PHE A 56 4.39 -28.18 12.61
C PHE A 56 5.65 -28.78 11.98
N PRO A 57 5.58 -30.11 11.70
CA PRO A 57 6.70 -30.81 11.10
C PRO A 57 6.84 -30.47 9.61
N TYR A 58 5.91 -29.65 9.14
CA TYR A 58 5.91 -29.23 7.75
C TYR A 58 6.51 -27.82 7.59
N PRO A 59 6.94 -27.52 6.33
CA PRO A 59 7.53 -26.22 6.05
C PRO A 59 6.46 -25.13 5.98
N LEU A 60 5.38 -25.45 5.27
CA LEU A 60 4.29 -24.51 5.12
C LEU A 60 3.04 -25.08 5.81
N GLN A 61 2.34 -24.20 6.51
CA GLN A 61 1.13 -24.59 7.22
C GLN A 61 -0.09 -24.45 6.31
N TRP A 62 -1.14 -25.19 6.66
CA TRP A 62 -2.37 -25.15 5.89
C TRP A 62 -2.93 -23.73 5.98
N SER A 63 -2.85 -23.17 7.17
CA SER A 63 -3.35 -21.82 7.40
C SER A 63 -2.50 -20.81 6.63
N LEU A 64 -1.20 -20.92 6.82
CA LEU A 64 -0.27 -20.02 6.14
C LEU A 64 -0.38 -20.22 4.63
N LEU A 65 -0.43 -21.48 4.23
CA LEU A 65 -0.54 -21.81 2.82
C LEU A 65 -1.83 -21.21 2.26
N VAL A 66 -2.85 -21.19 3.10
CA VAL A 66 -4.14 -20.64 2.69
C VAL A 66 -4.03 -19.12 2.59
N ALA A 67 -3.22 -18.56 3.48
CA ALA A 67 -3.03 -17.11 3.52
C ALA A 67 -2.17 -16.70 2.32
N VAL A 68 -1.30 -17.62 1.91
CA VAL A 68 -0.41 -17.36 0.79
C VAL A 68 -1.19 -17.49 -0.52
N VAL A 69 -1.87 -18.63 -0.66
CA VAL A 69 -2.65 -18.88 -1.85
C VAL A 69 -3.79 -17.85 -1.94
N ALA A 70 -4.51 -17.72 -0.83
CA ALA A 70 -5.62 -16.79 -0.77
C ALA A 70 -5.08 -15.36 -0.86
N GLY A 71 -3.88 -15.16 -0.31
CA GLY A 71 -3.25 -13.86 -0.32
C GLY A 71 -2.82 -13.47 -1.75
N SER A 72 -2.42 -14.48 -2.51
CA SER A 72 -2.00 -14.26 -3.88
C SER A 72 -3.20 -13.91 -4.75
N VAL A 73 -4.21 -14.77 -4.69
CA VAL A 73 -5.41 -14.57 -5.46
C VAL A 73 -6.07 -13.25 -5.04
N VAL A 74 -6.25 -13.11 -3.73
CA VAL A 74 -6.86 -11.92 -3.19
C VAL A 74 -5.99 -10.70 -3.52
N SER A 75 -4.70 -10.96 -3.61
CA SER A 75 -3.75 -9.90 -3.92
C SER A 75 -4.00 -9.37 -5.34
N TYR A 76 -4.20 -10.30 -6.26
CA TYR A 76 -4.45 -9.95 -7.64
C TYR A 76 -5.79 -9.20 -7.78
N GLY A 77 -6.82 -9.80 -7.23
CA GLY A 77 -8.15 -9.21 -7.29
C GLY A 77 -8.17 -7.84 -6.61
N VAL A 78 -7.62 -7.80 -5.40
CA VAL A 78 -7.57 -6.56 -4.64
C VAL A 78 -6.66 -5.57 -5.37
N THR A 79 -5.67 -6.12 -6.06
CA THR A 79 -4.72 -5.29 -6.79
C THR A 79 -5.42 -4.61 -7.98
N ARG A 80 -6.34 -5.34 -8.58
CA ARG A 80 -7.07 -4.82 -9.72
C ARG A 80 -8.08 -3.75 -9.26
N VAL A 81 -8.77 -4.06 -8.18
CA VAL A 81 -9.75 -3.14 -7.62
C VAL A 81 -9.03 -1.91 -7.08
N GLU A 82 -7.90 -2.15 -6.45
CA GLU A 82 -7.11 -1.06 -5.88
C GLU A 82 -6.43 -0.27 -6.99
N SER A 83 -6.16 -0.95 -8.09
CA SER A 83 -5.51 -0.32 -9.22
C SER A 83 -6.45 0.69 -9.88
N GLU A 84 -7.67 0.23 -10.16
CA GLU A 84 -8.67 1.08 -10.78
C GLU A 84 -9.06 2.21 -9.83
N LYS A 85 -9.36 1.83 -8.59
CA LYS A 85 -9.75 2.79 -7.59
C LYS A 85 -8.60 3.77 -7.34
N CYS A 86 -7.39 3.24 -7.42
CA CYS A 86 -6.20 4.06 -7.21
C CYS A 86 -6.12 5.09 -8.34
N ASN A 87 -6.45 4.63 -9.54
CA ASN A 87 -6.41 5.50 -10.71
C ASN A 87 -7.40 6.66 -10.49
N ASN A 88 -8.61 6.30 -10.11
CA ASN A 88 -9.64 7.30 -9.87
C ASN A 88 -9.19 8.24 -8.75
N LEU A 89 -8.65 7.63 -7.70
CA LEU A 89 -8.18 8.40 -6.56
C LEU A 89 -7.13 9.41 -7.03
N TRP A 90 -6.28 8.95 -7.95
CA TRP A 90 -5.24 9.81 -8.49
C TRP A 90 -5.90 11.00 -9.17
N LEU A 91 -6.89 10.69 -10.00
CA LEU A 91 -7.62 11.72 -10.72
C LEU A 91 -8.13 12.77 -9.73
N PHE A 92 -8.65 12.27 -8.62
CA PHE A 92 -9.18 13.15 -7.59
C PHE A 92 -8.07 14.00 -6.97
N LEU A 93 -6.99 13.32 -6.59
CA LEU A 93 -5.86 14.00 -5.98
C LEU A 93 -5.39 15.12 -6.90
N GLU A 94 -5.41 14.82 -8.20
CA GLU A 94 -4.98 15.80 -9.19
C GLU A 94 -5.88 17.03 -9.15
N THR A 95 -7.02 16.87 -8.49
CA THR A 95 -7.98 17.95 -8.36
C THR A 95 -7.78 18.69 -7.04
N GLY A 96 -6.66 18.40 -6.40
CA GLY A 96 -6.34 19.03 -5.13
C GLY A 96 -7.20 18.45 -4.00
N GLN A 97 -7.68 17.24 -4.23
CA GLN A 97 -8.51 16.57 -3.25
C GLN A 97 -7.88 16.66 -1.86
N LEU A 98 -8.63 16.22 -0.86
CA LEU A 98 -8.15 16.24 0.52
C LEU A 98 -6.82 15.51 0.61
N PRO A 99 -5.96 15.98 1.54
CA PRO A 99 -4.66 15.37 1.74
C PRO A 99 -4.78 14.04 2.49
N LYS A 100 -3.67 13.60 3.03
CA LYS A 100 -3.64 12.34 3.76
C LYS A 100 -2.61 12.45 4.90
N ASP A 101 -2.97 11.88 6.04
CA ASP A 101 -2.09 11.90 7.19
C ASP A 101 -0.68 11.47 6.78
N ARG A 102 0.29 11.84 7.60
CA ARG A 102 1.68 11.50 7.32
C ARG A 102 2.55 11.82 8.53
N SER A 103 3.22 10.78 9.03
CA SER A 103 4.08 10.93 10.18
C SER A 103 5.53 10.62 9.79
N THR A 104 6.45 11.35 10.41
CA THR A 104 7.87 11.17 10.14
C THR A 104 8.70 11.61 11.35
N ASP A 105 9.89 11.04 11.44
CA ASP A 105 10.79 11.36 12.54
C ASP A 105 12.06 10.52 12.41
N GLN A 106 13.16 11.09 12.88
CA GLN A 106 14.44 10.40 12.82
C GLN A 106 14.83 10.12 11.37
N ARG A 107 16.08 9.72 11.18
CA ARG A 107 16.59 9.42 9.86
C ARG A 107 17.33 8.07 9.87
N SER A 108 16.82 7.14 9.07
CA SER A 108 17.43 5.82 8.99
C SER A 108 17.64 5.25 10.39
N MET A 1 -7.81 24.08 -26.68
CA MET A 1 -7.70 23.15 -25.58
C MET A 1 -7.32 21.74 -26.09
N VAL A 2 -6.45 21.10 -25.33
CA VAL A 2 -6.00 19.76 -25.69
C VAL A 2 -6.75 18.73 -24.84
N ASN A 3 -7.03 17.59 -25.45
CA ASN A 3 -7.74 16.52 -24.77
C ASN A 3 -6.90 15.24 -24.84
N LEU A 4 -6.59 14.85 -26.07
CA LEU A 4 -5.80 13.65 -26.28
C LEU A 4 -4.66 13.95 -27.26
N GLY A 5 -3.68 14.71 -26.76
CA GLY A 5 -2.54 15.07 -27.57
C GLY A 5 -1.36 15.50 -26.70
N LEU A 6 -1.36 16.77 -26.32
CA LEU A 6 -0.30 17.31 -25.49
C LEU A 6 -0.33 16.61 -24.13
N SER A 7 -1.53 16.33 -23.66
CA SER A 7 -1.70 15.67 -22.37
C SER A 7 -1.20 14.22 -22.46
N ARG A 8 -1.54 13.59 -23.58
CA ARG A 8 -1.13 12.21 -23.80
C ARG A 8 0.40 12.11 -23.87
N VAL A 9 1.00 13.14 -24.46
CA VAL A 9 2.44 13.18 -24.61
C VAL A 9 3.08 13.41 -23.24
N ASP A 10 2.43 14.27 -22.46
CA ASP A 10 2.93 14.58 -21.13
C ASP A 10 2.78 13.35 -20.23
N ASP A 11 1.75 12.57 -20.51
CA ASP A 11 1.50 11.36 -19.73
C ASP A 11 2.60 10.34 -20.02
N ALA A 12 2.77 10.04 -21.29
CA ALA A 12 3.78 9.07 -21.71
C ALA A 12 5.15 9.54 -21.21
N VAL A 13 5.43 10.81 -21.44
CA VAL A 13 6.70 11.38 -21.02
C VAL A 13 6.85 11.20 -19.50
N ALA A 14 5.74 11.38 -18.81
CA ALA A 14 5.74 11.25 -17.36
C ALA A 14 6.09 9.81 -16.98
N ALA A 15 5.55 8.88 -17.77
CA ALA A 15 5.79 7.47 -17.53
C ALA A 15 7.27 7.15 -17.81
N LYS A 16 7.84 7.94 -18.72
CA LYS A 16 9.23 7.75 -19.09
C LYS A 16 10.12 8.53 -18.12
N HIS A 17 9.59 9.64 -17.65
CA HIS A 17 10.32 10.48 -16.70
C HIS A 17 9.42 10.81 -15.52
N PRO A 18 9.54 9.97 -14.45
CA PRO A 18 8.75 10.17 -13.25
C PRO A 18 9.29 11.35 -12.42
N GLY A 19 8.36 12.10 -11.84
CA GLY A 19 8.73 13.24 -11.03
C GLY A 19 7.55 13.71 -10.17
N LEU A 20 6.55 14.25 -10.85
CA LEU A 20 5.37 14.74 -10.17
C LEU A 20 4.39 13.58 -9.96
N GLY A 21 3.99 12.98 -11.06
CA GLY A 21 3.06 11.86 -11.02
C GLY A 21 3.58 10.76 -10.10
N GLU A 22 4.90 10.60 -10.09
CA GLU A 22 5.53 9.59 -9.26
C GLU A 22 5.36 9.93 -7.77
N TYR A 23 5.49 11.22 -7.48
CA TYR A 23 5.35 11.70 -6.12
C TYR A 23 3.89 11.62 -5.65
N ALA A 24 2.99 12.01 -6.56
CA ALA A 24 1.58 11.99 -6.25
C ALA A 24 1.12 10.55 -6.04
N ALA A 25 1.46 9.71 -7.01
CA ALA A 25 1.09 8.30 -6.94
C ALA A 25 1.79 7.66 -5.74
N CYS A 26 3.03 8.06 -5.52
CA CYS A 26 3.81 7.54 -4.42
C CYS A 26 3.15 7.99 -3.11
N GLN A 27 2.49 9.14 -3.18
CA GLN A 27 1.82 9.70 -2.02
C GLN A 27 0.59 8.85 -1.67
N SER A 28 -0.28 8.68 -2.64
CA SER A 28 -1.49 7.89 -2.44
C SER A 28 -1.11 6.47 -2.01
N HIS A 29 -0.02 5.98 -2.58
CA HIS A 29 0.44 4.64 -2.26
C HIS A 29 0.90 4.59 -0.81
N ALA A 30 1.64 5.62 -0.42
CA ALA A 30 2.16 5.70 0.93
C ALA A 30 1.00 5.62 1.92
N PHE A 31 -0.02 6.42 1.65
CA PHE A 31 -1.20 6.45 2.51
C PHE A 31 -1.85 5.08 2.59
N MET A 32 -2.07 4.49 1.42
CA MET A 32 -2.68 3.18 1.34
C MET A 32 -1.87 2.14 2.12
N LYS A 33 -0.55 2.25 1.98
CA LYS A 33 0.35 1.33 2.66
C LYS A 33 0.24 1.54 4.17
N GLY A 34 0.16 2.80 4.56
CA GLY A 34 0.05 3.15 5.97
C GLY A 34 -1.16 2.47 6.60
N VAL A 35 -2.30 2.68 5.97
CA VAL A 35 -3.54 2.10 6.47
C VAL A 35 -3.42 0.57 6.46
N PHE A 36 -2.76 0.06 5.43
CA PHE A 36 -2.57 -1.37 5.29
C PHE A 36 -1.81 -1.94 6.50
N THR A 37 -0.72 -1.27 6.84
CA THR A 37 0.10 -1.70 7.96
C THR A 37 -0.68 -1.58 9.27
N PHE A 38 -1.49 -0.53 9.33
CA PHE A 38 -2.30 -0.30 10.52
C PHE A 38 -3.32 -1.42 10.72
N VAL A 39 -3.85 -1.89 9.61
CA VAL A 39 -4.84 -2.96 9.65
C VAL A 39 -4.15 -4.29 9.98
N THR A 40 -2.93 -4.42 9.46
CA THR A 40 -2.16 -5.62 9.70
C THR A 40 -1.45 -5.55 11.05
N GLY A 41 -1.79 -4.52 11.80
CA GLY A 41 -1.20 -4.32 13.11
C GLY A 41 -1.70 -5.37 14.10
N THR A 42 -2.74 -6.08 13.68
CA THR A 42 -3.32 -7.11 14.52
C THR A 42 -2.62 -8.46 14.27
N GLY A 43 -1.31 -8.39 14.12
CA GLY A 43 -0.52 -9.59 13.87
C GLY A 43 -0.45 -10.46 15.12
N MET A 44 -0.66 -9.82 16.27
CA MET A 44 -0.62 -10.53 17.54
C MET A 44 -1.23 -11.93 17.40
N ALA A 45 -2.41 -11.96 16.81
CA ALA A 45 -3.12 -13.22 16.61
C ALA A 45 -2.22 -14.19 15.84
N PHE A 46 -1.68 -13.69 14.74
CA PHE A 46 -0.80 -14.50 13.91
C PHE A 46 0.46 -14.91 14.67
N GLY A 47 0.85 -14.05 15.60
CA GLY A 47 2.04 -14.31 16.41
C GLY A 47 1.84 -15.55 17.28
N LEU A 48 0.75 -15.53 18.05
CA LEU A 48 0.44 -16.64 18.93
C LEU A 48 0.27 -17.92 18.10
N GLN A 49 -0.51 -17.79 17.04
CA GLN A 49 -0.77 -18.93 16.16
C GLN A 49 0.55 -19.49 15.64
N MET A 50 1.40 -18.59 15.16
CA MET A 50 2.70 -18.99 14.63
C MET A 50 3.54 -19.67 15.72
N PHE A 51 3.53 -19.07 16.90
CA PHE A 51 4.29 -19.60 18.01
C PHE A 51 3.90 -21.05 18.30
N ILE A 52 2.60 -21.30 18.25
CA ILE A 52 2.09 -22.64 18.50
C ILE A 52 2.50 -23.56 17.35
N GLN A 53 2.48 -22.99 16.15
CA GLN A 53 2.84 -23.75 14.96
C GLN A 53 4.35 -24.00 14.93
N ARG A 54 5.07 -23.20 15.70
CA ARG A 54 6.52 -23.32 15.77
C ARG A 54 6.91 -24.58 16.53
N LYS A 55 5.90 -25.26 17.05
CA LYS A 55 6.12 -26.48 17.79
C LYS A 55 6.26 -27.65 16.82
N PHE A 56 5.93 -27.38 15.57
CA PHE A 56 6.02 -28.40 14.53
C PHE A 56 7.36 -28.32 13.80
N PRO A 57 7.96 -29.52 13.58
CA PRO A 57 9.25 -29.59 12.89
C PRO A 57 9.08 -29.36 11.39
N TYR A 58 9.00 -28.10 11.02
CA TYR A 58 8.84 -27.73 9.62
C TYR A 58 10.07 -26.99 9.10
N PRO A 59 10.29 -27.11 7.77
CA PRO A 59 11.42 -26.46 7.14
C PRO A 59 11.18 -24.95 6.99
N LEU A 60 9.91 -24.60 6.89
CA LEU A 60 9.53 -23.20 6.75
C LEU A 60 9.42 -22.56 8.14
N GLN A 61 9.82 -21.30 8.21
CA GLN A 61 9.78 -20.58 9.46
C GLN A 61 8.39 -19.93 9.64
N TRP A 62 8.10 -19.59 10.89
CA TRP A 62 6.83 -18.98 11.22
C TRP A 62 6.84 -17.55 10.65
N SER A 63 8.02 -16.96 10.68
CA SER A 63 8.18 -15.60 10.17
C SER A 63 8.08 -15.60 8.65
N LEU A 64 8.77 -16.55 8.04
CA LEU A 64 8.76 -16.67 6.59
C LEU A 64 7.42 -17.23 6.13
N LEU A 65 6.85 -18.08 6.97
CA LEU A 65 5.57 -18.69 6.66
C LEU A 65 4.47 -17.63 6.74
N VAL A 66 4.52 -16.86 7.82
CA VAL A 66 3.54 -15.80 8.02
C VAL A 66 3.81 -14.66 7.05
N ALA A 67 5.08 -14.47 6.75
CA ALA A 67 5.48 -13.42 5.82
C ALA A 67 5.09 -13.83 4.39
N VAL A 68 5.10 -15.13 4.17
CA VAL A 68 4.76 -15.66 2.85
C VAL A 68 3.24 -15.64 2.68
N VAL A 69 2.56 -16.22 3.65
CA VAL A 69 1.11 -16.27 3.61
C VAL A 69 0.55 -14.85 3.67
N ALA A 70 1.03 -14.09 4.63
CA ALA A 70 0.59 -12.72 4.79
C ALA A 70 1.11 -11.88 3.63
N GLY A 71 2.27 -12.26 3.13
CA GLY A 71 2.89 -11.56 2.02
C GLY A 71 2.05 -11.69 0.75
N SER A 72 1.61 -12.92 0.50
CA SER A 72 0.80 -13.20 -0.67
C SER A 72 -0.59 -12.56 -0.52
N VAL A 73 -1.17 -12.78 0.65
CA VAL A 73 -2.49 -12.24 0.93
C VAL A 73 -2.44 -10.72 0.79
N VAL A 74 -1.44 -10.12 1.42
CA VAL A 74 -1.28 -8.68 1.36
C VAL A 74 -0.92 -8.26 -0.06
N SER A 75 -0.23 -9.15 -0.75
CA SER A 75 0.18 -8.90 -2.13
C SER A 75 -1.05 -8.78 -3.02
N TYR A 76 -1.93 -9.75 -2.89
CA TYR A 76 -3.16 -9.77 -3.68
C TYR A 76 -4.08 -8.62 -3.30
N GLY A 77 -4.32 -8.51 -2.00
CA GLY A 77 -5.19 -7.46 -1.49
C GLY A 77 -4.66 -6.08 -1.88
N VAL A 78 -3.37 -5.88 -1.64
CA VAL A 78 -2.74 -4.61 -1.97
C VAL A 78 -2.64 -4.46 -3.48
N THR A 79 -2.65 -5.61 -4.15
CA THR A 79 -2.57 -5.63 -5.61
C THR A 79 -3.86 -5.10 -6.22
N ARG A 80 -4.97 -5.45 -5.57
CA ARG A 80 -6.27 -5.03 -6.04
C ARG A 80 -6.52 -3.56 -5.68
N VAL A 81 -6.17 -3.21 -4.46
CA VAL A 81 -6.34 -1.85 -3.99
C VAL A 81 -5.40 -0.93 -4.76
N GLU A 82 -4.17 -1.39 -4.93
CA GLU A 82 -3.17 -0.62 -5.65
C GLU A 82 -3.46 -0.63 -7.15
N SER A 83 -4.10 -1.72 -7.58
CA SER A 83 -4.44 -1.87 -8.99
C SER A 83 -5.47 -0.82 -9.40
N GLU A 84 -6.50 -0.71 -8.59
CA GLU A 84 -7.56 0.25 -8.84
C GLU A 84 -7.05 1.68 -8.63
N LYS A 85 -6.43 1.88 -7.48
CA LYS A 85 -5.89 3.18 -7.12
C LYS A 85 -4.86 3.60 -8.16
N CYS A 86 -4.17 2.60 -8.70
CA CYS A 86 -3.16 2.85 -9.71
C CYS A 86 -3.85 3.26 -11.01
N ASN A 87 -4.94 2.59 -11.30
CA ASN A 87 -5.71 2.88 -12.50
C ASN A 87 -6.14 4.35 -12.48
N ASN A 88 -6.70 4.75 -11.36
CA ASN A 88 -7.15 6.12 -11.20
C ASN A 88 -5.93 7.06 -11.16
N LEU A 89 -4.91 6.60 -10.46
CA LEU A 89 -3.69 7.38 -10.34
C LEU A 89 -3.15 7.71 -11.74
N TRP A 90 -3.24 6.72 -12.62
CA TRP A 90 -2.77 6.88 -13.98
C TRP A 90 -3.72 7.86 -14.69
N LEU A 91 -5.01 7.65 -14.45
CA LEU A 91 -6.03 8.49 -15.06
C LEU A 91 -5.73 9.96 -14.74
N PHE A 92 -5.35 10.19 -13.48
CA PHE A 92 -5.04 11.53 -13.04
C PHE A 92 -3.69 11.99 -13.58
N LEU A 93 -2.72 11.07 -13.53
CA LEU A 93 -1.38 11.37 -14.01
C LEU A 93 -1.46 11.80 -15.48
N GLU A 94 -2.39 11.18 -16.20
CA GLU A 94 -2.56 11.49 -17.61
C GLU A 94 -2.73 13.00 -17.80
N THR A 95 -3.36 13.63 -16.82
CA THR A 95 -3.60 15.05 -16.87
C THR A 95 -2.69 15.77 -15.87
N GLY A 96 -2.14 15.00 -14.95
CA GLY A 96 -1.25 15.55 -13.94
C GLY A 96 -2.05 16.12 -12.77
N GLN A 97 -3.27 15.63 -12.62
CA GLN A 97 -4.15 16.07 -11.55
C GLN A 97 -3.68 15.51 -10.21
N LEU A 98 -3.88 16.30 -9.17
CA LEU A 98 -3.48 15.89 -7.83
C LEU A 98 -4.36 14.70 -7.39
N PRO A 99 -3.74 13.83 -6.54
CA PRO A 99 -4.45 12.66 -6.04
C PRO A 99 -5.46 13.06 -4.96
N LYS A 100 -6.25 12.08 -4.54
CA LYS A 100 -7.26 12.31 -3.52
C LYS A 100 -6.57 12.60 -2.18
N ASP A 101 -7.01 13.68 -1.54
CA ASP A 101 -6.45 14.06 -0.26
C ASP A 101 -5.02 14.57 -0.47
N ARG A 102 -4.47 15.15 0.59
CA ARG A 102 -3.12 15.68 0.53
C ARG A 102 -2.71 16.25 1.89
N SER A 103 -1.42 16.52 2.03
CA SER A 103 -0.89 17.06 3.27
C SER A 103 -1.10 16.05 4.41
N THR A 104 -0.31 16.22 5.46
CA THR A 104 -0.39 15.33 6.61
C THR A 104 -0.06 13.90 6.19
N ASP A 105 1.13 13.47 6.59
CA ASP A 105 1.57 12.12 6.27
C ASP A 105 2.81 11.78 7.10
N GLN A 106 2.59 10.99 8.15
CA GLN A 106 3.67 10.60 9.03
C GLN A 106 4.52 9.52 8.36
N ARG A 107 5.77 9.42 8.81
CA ARG A 107 6.70 8.44 8.28
C ARG A 107 7.90 8.29 9.20
N SER A 108 8.30 7.03 9.40
CA SER A 108 9.43 6.74 10.26
C SER A 108 10.55 6.10 9.44
#